data_5TQH
#
_entry.id   5TQH
#
_cell.length_a   81.731
_cell.length_b   155.745
_cell.length_c   163.048
_cell.angle_alpha   90.000
_cell.angle_beta   90.000
_cell.angle_gamma   90.000
#
_symmetry.space_group_name_H-M   'P 21 21 21'
#
loop_
_entity.id
_entity.type
_entity.pdbx_description
1 polymer 'Isocitrate dehydrogenase [NADP] cytoplasmic'
2 non-polymer 'CITRATE ANION'
3 non-polymer (4S)-3-[2-({(1S)-1-[5-(4-fluoro-3-methylphenyl)pyrimidin-2-yl]ethyl}amino)pyrimidin-4-yl]-4-(propan-2-yl)-1,3-oxazolidin-2-one
4 non-polymer 'NADPH DIHYDRO-NICOTINAMIDE-ADENINE-DINUCLEOTIDE PHOSPHATE'
5 water water
#
_entity_poly.entity_id   1
_entity_poly.type   'polypeptide(L)'
_entity_poly.pdbx_seq_one_letter_code
;GPGMSKKISGGSVVEMQGDEMTRIIWELIKEKLIFPYVELDLHSYDLGIENRDATNDQVTKDAAEAIKKHNVGVKCATIT
PDEKRVEEFKLKQMWKSPNGTIRNILGGTVFREAIICKNIPRLVSGWVKPIIIGHHAYGDQYRATDFVVPGPGKVEITYT
PSDGTQKVTYLVHNFEEGGGVAMGMYNQDKSIEDFAHSSFQMALSKGWPLYLSTKNTILKKYDGRFKDIFQEIYDKQYKS
QFEAQKIWYEHRLIDDMVAQAMKSEGGFIWACKNYDGDVQSDSVAQGYGSLGMMTSVLVCPDGKTVEAEAAHGTVTRHYR
MYQKGQETSTNPIASIFAWTRGLAHRAKLDNNKELAFFANALEEVSIETIEAGFMTKDLAACIKGLPNVQRSDYLNTFEF
MDKLGENLKIKLAQAKL
;
_entity_poly.pdbx_strand_id   A,B,C,D
#
# COMPACT_ATOMS: atom_id res chain seq x y z
N LYS A 6 -24.72 7.23 -14.04
CA LYS A 6 -23.79 6.33 -13.35
C LYS A 6 -22.36 6.49 -13.89
N LYS A 7 -21.35 6.41 -12.97
CA LYS A 7 -19.92 6.52 -13.24
C LYS A 7 -19.40 5.34 -14.06
N ILE A 8 -18.28 5.53 -14.78
CA ILE A 8 -17.63 4.49 -15.58
C ILE A 8 -16.86 3.54 -14.65
N SER A 9 -16.89 2.22 -14.91
CA SER A 9 -16.14 1.24 -14.15
C SER A 9 -14.77 1.14 -14.83
N GLY A 10 -13.80 1.85 -14.27
CA GLY A 10 -12.43 1.94 -14.78
C GLY A 10 -11.50 0.76 -14.55
N GLY A 11 -11.80 -0.10 -13.59
CA GLY A 11 -10.95 -1.25 -13.33
C GLY A 11 -9.71 -0.98 -12.49
N SER A 12 -8.69 -1.85 -12.65
CA SER A 12 -7.45 -1.87 -11.86
C SER A 12 -6.37 -0.82 -12.27
N VAL A 13 -6.14 0.16 -11.39
CA VAL A 13 -5.16 1.22 -11.64
C VAL A 13 -4.26 1.38 -10.41
N VAL A 14 -2.92 1.38 -10.63
CA VAL A 14 -1.93 1.64 -9.60
C VAL A 14 -1.65 3.12 -9.62
N GLU A 15 -1.83 3.76 -8.47
CA GLU A 15 -1.61 5.18 -8.33
C GLU A 15 -0.51 5.43 -7.28
N MET A 16 0.40 6.39 -7.55
CA MET A 16 1.43 6.78 -6.59
C MET A 16 1.32 8.25 -6.27
N GLN A 17 1.02 8.57 -5.01
CA GLN A 17 0.90 9.95 -4.49
C GLN A 17 2.30 10.48 -4.27
N GLY A 18 2.49 11.77 -4.46
CA GLY A 18 3.78 12.39 -4.38
C GLY A 18 3.94 13.56 -3.43
N ASP A 19 4.77 14.51 -3.85
CA ASP A 19 5.19 15.65 -3.06
C ASP A 19 4.92 17.05 -3.61
N GLU A 20 4.96 17.99 -2.68
CA GLU A 20 4.93 19.43 -2.81
C GLU A 20 3.86 19.94 -3.79
N MET A 21 4.19 20.79 -4.78
CA MET A 21 3.15 21.36 -5.65
C MET A 21 2.33 20.32 -6.44
N THR A 22 3.00 19.26 -6.94
CA THR A 22 2.31 18.24 -7.73
C THR A 22 1.34 17.45 -6.88
N ARG A 23 1.62 17.26 -5.56
CA ARG A 23 0.71 16.54 -4.68
CA ARG A 23 0.73 16.54 -4.65
C ARG A 23 -0.61 17.28 -4.62
N ILE A 24 -0.56 18.62 -4.46
CA ILE A 24 -1.71 19.53 -4.43
C ILE A 24 -2.49 19.40 -5.75
N ILE A 25 -1.78 19.41 -6.90
CA ILE A 25 -2.39 19.29 -8.23
C ILE A 25 -3.02 17.90 -8.41
N TRP A 26 -2.29 16.85 -8.04
CA TRP A 26 -2.70 15.45 -8.18
C TRP A 26 -4.03 15.18 -7.50
N GLU A 27 -4.21 15.72 -6.27
CA GLU A 27 -5.44 15.58 -5.50
C GLU A 27 -6.57 16.35 -6.16
N LEU A 28 -6.29 17.55 -6.70
CA LEU A 28 -7.28 18.36 -7.43
C LEU A 28 -7.77 17.58 -8.67
N ILE A 29 -6.85 16.94 -9.44
CA ILE A 29 -7.19 16.14 -10.62
C ILE A 29 -8.17 15.02 -10.25
N LYS A 30 -7.85 14.22 -9.23
CA LYS A 30 -8.71 13.10 -8.83
C LYS A 30 -10.11 13.58 -8.40
N GLU A 31 -10.18 14.60 -7.51
CA GLU A 31 -11.43 15.16 -6.98
CA GLU A 31 -11.45 15.13 -7.00
C GLU A 31 -12.27 15.84 -8.06
N LYS A 32 -11.64 16.69 -8.90
CA LYS A 32 -12.35 17.47 -9.92
C LYS A 32 -12.55 16.80 -11.29
N LEU A 33 -11.58 15.99 -11.78
CA LEU A 33 -11.65 15.42 -13.12
C LEU A 33 -11.80 13.90 -13.21
N ILE A 34 -11.29 13.13 -12.23
CA ILE A 34 -11.38 11.66 -12.33
C ILE A 34 -12.59 11.07 -11.57
N PHE A 35 -12.60 11.20 -10.21
CA PHE A 35 -13.62 10.63 -9.32
C PHE A 35 -15.08 11.01 -9.68
N PRO A 36 -15.45 12.21 -10.17
CA PRO A 36 -16.85 12.45 -10.58
C PRO A 36 -17.34 11.62 -11.79
N TYR A 37 -16.44 11.01 -12.60
CA TYR A 37 -16.85 10.25 -13.79
C TYR A 37 -16.43 8.78 -13.80
N VAL A 38 -15.33 8.44 -13.09
CA VAL A 38 -14.77 7.08 -13.12
C VAL A 38 -14.61 6.47 -11.71
N GLU A 39 -15.03 5.20 -11.57
CA GLU A 39 -14.86 4.39 -10.38
C GLU A 39 -13.68 3.46 -10.65
N LEU A 40 -12.69 3.45 -9.75
CA LEU A 40 -11.52 2.59 -9.95
C LEU A 40 -11.29 1.62 -8.82
N ASP A 41 -10.74 0.44 -9.17
CA ASP A 41 -10.23 -0.54 -8.19
C ASP A 41 -8.78 -0.02 -7.99
N LEU A 42 -8.69 1.02 -7.14
CA LEU A 42 -7.52 1.83 -6.93
C LEU A 42 -6.52 1.24 -5.92
N HIS A 43 -5.36 0.83 -6.47
CA HIS A 43 -4.21 0.31 -5.73
C HIS A 43 -3.37 1.55 -5.54
N SER A 44 -3.55 2.21 -4.38
CA SER A 44 -2.97 3.50 -4.05
C SER A 44 -1.77 3.45 -3.09
N TYR A 45 -0.62 4.00 -3.51
CA TYR A 45 0.62 3.99 -2.74
C TYR A 45 1.08 5.38 -2.48
N ASP A 46 1.44 5.63 -1.24
CA ASP A 46 1.87 6.97 -0.87
C ASP A 46 3.37 7.08 -0.91
N LEU A 47 3.87 7.74 -1.95
CA LEU A 47 5.31 7.98 -2.14
C LEU A 47 5.71 9.38 -1.70
N GLY A 48 4.93 9.96 -0.78
CA GLY A 48 5.28 11.22 -0.13
C GLY A 48 6.56 10.93 0.63
N ILE A 49 7.50 11.88 0.64
CA ILE A 49 8.82 11.74 1.23
C ILE A 49 8.81 11.21 2.69
N GLU A 50 7.93 11.76 3.55
CA GLU A 50 7.78 11.36 4.96
C GLU A 50 7.27 9.92 5.07
N ASN A 51 6.41 9.47 4.14
CA ASN A 51 5.95 8.07 4.17
C ASN A 51 7.04 7.11 3.68
N ARG A 52 7.84 7.55 2.68
CA ARG A 52 8.97 6.75 2.20
C ARG A 52 9.97 6.60 3.37
N ASP A 53 10.18 7.67 4.13
CA ASP A 53 11.07 7.65 5.28
C ASP A 53 10.54 6.71 6.38
N ALA A 54 9.25 6.84 6.72
CA ALA A 54 8.57 6.03 7.76
C ALA A 54 8.60 4.53 7.45
N THR A 55 8.49 4.15 6.16
CA THR A 55 8.45 2.74 5.72
C THR A 55 9.80 2.23 5.22
N ASN A 56 10.85 3.04 5.37
CA ASN A 56 12.20 2.70 4.90
C ASN A 56 12.19 2.40 3.41
N ASP A 57 11.37 3.14 2.66
CA ASP A 57 11.20 3.06 1.20
C ASP A 57 10.53 1.76 0.71
N GLN A 58 9.91 1.00 1.63
CA GLN A 58 9.21 -0.22 1.28
C GLN A 58 8.00 0.08 0.38
N VAL A 59 7.32 1.22 0.65
CA VAL A 59 6.18 1.70 -0.13
C VAL A 59 6.56 1.84 -1.63
N THR A 60 7.76 2.34 -1.93
CA THR A 60 8.25 2.48 -3.29
C THR A 60 8.37 1.12 -3.99
N LYS A 61 8.99 0.12 -3.31
CA LYS A 61 9.16 -1.22 -3.86
C LYS A 61 7.81 -1.90 -4.09
N ASP A 62 6.88 -1.77 -3.12
CA ASP A 62 5.52 -2.34 -3.22
C ASP A 62 4.71 -1.72 -4.39
N ALA A 63 4.83 -0.41 -4.58
CA ALA A 63 4.17 0.30 -5.70
C ALA A 63 4.63 -0.28 -7.07
N ALA A 64 5.94 -0.55 -7.21
CA ALA A 64 6.56 -1.10 -8.42
C ALA A 64 6.09 -2.51 -8.64
N GLU A 65 5.99 -3.29 -7.53
CA GLU A 65 5.49 -4.68 -7.52
CA GLU A 65 5.49 -4.66 -7.64
C GLU A 65 4.01 -4.66 -8.00
N ALA A 66 3.23 -3.65 -7.52
CA ALA A 66 1.81 -3.47 -7.87
C ALA A 66 1.68 -3.11 -9.37
N ILE A 67 2.57 -2.24 -9.92
CA ILE A 67 2.52 -1.93 -11.36
C ILE A 67 2.75 -3.23 -12.17
N LYS A 68 3.73 -4.07 -11.80
CA LYS A 68 4.02 -5.31 -12.51
C LYS A 68 2.81 -6.25 -12.50
N LYS A 69 2.12 -6.36 -11.35
CA LYS A 69 0.94 -7.20 -11.21
C LYS A 69 -0.27 -6.68 -12.04
N HIS A 70 -0.57 -5.36 -11.96
CA HIS A 70 -1.79 -4.77 -12.55
C HIS A 70 -1.59 -4.03 -13.89
N ASN A 71 -0.34 -3.90 -14.36
CA ASN A 71 0.06 -3.37 -15.67
C ASN A 71 -0.13 -1.86 -15.89
N VAL A 72 -0.87 -1.14 -15.02
CA VAL A 72 -1.12 0.28 -15.23
C VAL A 72 -0.71 1.06 -14.00
N GLY A 73 0.27 1.94 -14.17
CA GLY A 73 0.75 2.83 -13.12
C GLY A 73 0.62 4.27 -13.54
N VAL A 74 0.12 5.11 -12.62
CA VAL A 74 0.01 6.56 -12.78
C VAL A 74 0.76 7.19 -11.58
N LYS A 75 1.84 7.93 -11.83
CA LYS A 75 2.70 8.45 -10.76
C LYS A 75 2.77 9.96 -10.65
N CYS A 76 2.67 10.46 -9.41
CA CYS A 76 2.83 11.86 -9.10
C CYS A 76 4.34 12.15 -8.88
N ALA A 77 4.81 13.35 -9.23
CA ALA A 77 6.20 13.72 -8.98
C ALA A 77 6.56 13.64 -7.47
N THR A 78 7.78 13.18 -7.20
CA THR A 78 8.30 12.91 -5.86
C THR A 78 9.65 13.59 -5.65
N ILE A 79 9.97 13.92 -4.40
CA ILE A 79 11.25 14.51 -4.03
C ILE A 79 12.31 13.42 -4.07
N THR A 80 13.44 13.67 -4.76
CA THR A 80 14.56 12.75 -4.73
C THR A 80 15.50 13.35 -3.68
N PRO A 81 15.71 12.68 -2.52
CA PRO A 81 16.57 13.25 -1.47
C PRO A 81 18.01 13.57 -1.88
N ASP A 82 18.48 14.71 -1.38
CA ASP A 82 19.85 15.21 -1.47
C ASP A 82 20.17 15.66 -0.03
N GLU A 83 21.39 16.18 0.22
CA GLU A 83 21.87 16.65 1.51
C GLU A 83 20.89 17.63 2.18
N LYS A 84 20.40 18.64 1.40
CA LYS A 84 19.48 19.66 1.89
C LYS A 84 18.11 19.10 2.26
N ARG A 85 17.66 18.07 1.53
CA ARG A 85 16.37 17.41 1.86
C ARG A 85 16.49 16.54 3.09
N VAL A 86 17.64 15.85 3.28
CA VAL A 86 17.90 15.02 4.47
C VAL A 86 17.69 15.91 5.71
N GLU A 87 18.25 17.14 5.70
CA GLU A 87 18.14 18.12 6.78
C GLU A 87 16.72 18.68 6.92
N GLU A 88 16.08 19.03 5.78
CA GLU A 88 14.72 19.58 5.78
C GLU A 88 13.68 18.67 6.42
N PHE A 89 13.74 17.35 6.14
CA PHE A 89 12.76 16.40 6.65
C PHE A 89 13.31 15.50 7.76
N LYS A 90 14.59 15.71 8.17
CA LYS A 90 15.28 14.89 9.19
C LYS A 90 15.21 13.40 8.79
N LEU A 91 15.57 13.11 7.52
CA LEU A 91 15.53 11.78 6.95
C LEU A 91 16.53 10.83 7.58
N LYS A 92 16.16 9.53 7.65
CA LYS A 92 17.05 8.48 8.19
C LYS A 92 18.28 8.30 7.29
N GLN A 93 18.10 8.57 6.00
CA GLN A 93 19.15 8.49 4.97
C GLN A 93 18.68 9.16 3.70
N MET A 94 19.61 9.39 2.77
CA MET A 94 19.35 9.97 1.47
C MET A 94 18.77 8.87 0.59
N TRP A 95 17.44 8.70 0.66
CA TRP A 95 16.72 7.65 -0.09
C TRP A 95 16.93 7.82 -1.56
N LYS A 96 17.12 6.71 -2.26
CA LYS A 96 17.34 6.66 -3.70
C LYS A 96 16.06 7.16 -4.40
N SER A 97 16.24 7.76 -5.59
CA SER A 97 15.15 8.19 -6.44
C SER A 97 14.09 7.09 -6.57
N PRO A 98 12.79 7.41 -6.30
CA PRO A 98 11.73 6.39 -6.48
C PRO A 98 11.58 5.95 -7.94
N ASN A 99 11.87 6.85 -8.89
CA ASN A 99 11.80 6.56 -10.32
C ASN A 99 12.82 5.51 -10.74
N GLY A 100 14.04 5.62 -10.18
CA GLY A 100 15.13 4.67 -10.38
C GLY A 100 14.74 3.30 -9.88
N THR A 101 14.20 3.23 -8.66
CA THR A 101 13.71 2.00 -8.04
C THR A 101 12.62 1.36 -8.89
N ILE A 102 11.63 2.14 -9.33
CA ILE A 102 10.53 1.62 -10.17
C ILE A 102 11.05 1.11 -11.51
N ARG A 103 11.85 1.95 -12.20
CA ARG A 103 12.43 1.56 -13.49
C ARG A 103 13.27 0.30 -13.36
N ASN A 104 14.10 0.17 -12.29
CA ASN A 104 14.91 -1.02 -12.06
C ASN A 104 14.05 -2.28 -11.94
N ILE A 105 12.96 -2.21 -11.15
CA ILE A 105 12.04 -3.35 -10.97
C ILE A 105 11.24 -3.69 -12.26
N LEU A 106 10.72 -2.68 -12.97
CA LEU A 106 9.90 -2.92 -14.16
C LEU A 106 10.66 -3.16 -15.47
N GLY A 107 11.80 -2.51 -15.63
CA GLY A 107 12.53 -2.52 -16.90
C GLY A 107 11.75 -1.64 -17.88
N GLY A 108 12.22 -1.54 -19.11
CA GLY A 108 11.54 -0.74 -20.13
C GLY A 108 12.21 0.56 -20.53
N THR A 109 11.53 1.27 -21.45
CA THR A 109 12.01 2.52 -22.01
C THR A 109 11.07 3.66 -21.73
N VAL A 110 11.62 4.81 -21.40
CA VAL A 110 10.89 6.06 -21.17
C VAL A 110 10.79 6.80 -22.49
N PHE A 111 9.55 7.18 -22.84
CA PHE A 111 9.21 7.97 -24.01
C PHE A 111 8.61 9.29 -23.54
N ARG A 112 9.19 10.37 -23.98
CA ARG A 112 8.73 11.70 -23.68
C ARG A 112 7.98 12.24 -24.89
N GLU A 113 6.91 12.98 -24.61
CA GLU A 113 6.06 13.54 -25.65
C GLU A 113 5.48 14.87 -25.17
N ALA A 114 5.67 15.91 -25.98
CA ALA A 114 5.12 17.24 -25.72
C ALA A 114 3.68 17.36 -26.24
N ILE A 115 2.83 18.12 -25.52
CA ILE A 115 1.44 18.36 -25.90
C ILE A 115 1.39 19.63 -26.76
N ILE A 116 0.84 19.53 -27.98
CA ILE A 116 0.75 20.65 -28.93
C ILE A 116 -0.62 21.31 -28.96
N CYS A 117 -0.63 22.65 -28.89
CA CYS A 117 -1.80 23.51 -29.01
C CYS A 117 -1.53 24.47 -30.15
N LYS A 118 -2.47 24.61 -31.10
CA LYS A 118 -2.32 25.50 -32.29
C LYS A 118 -1.99 26.97 -31.95
N ASN A 119 -2.44 27.48 -30.79
CA ASN A 119 -2.13 28.85 -30.38
C ASN A 119 -0.81 29.01 -29.60
N ILE A 120 -0.10 27.88 -29.32
CA ILE A 120 1.13 27.93 -28.54
C ILE A 120 2.33 27.72 -29.44
N PRO A 121 3.24 28.71 -29.52
CA PRO A 121 4.43 28.54 -30.35
C PRO A 121 5.28 27.31 -30.00
N ARG A 122 5.91 26.69 -31.02
CA ARG A 122 6.79 25.54 -30.86
C ARG A 122 8.20 26.03 -31.06
N LEU A 123 9.22 25.32 -30.52
CA LEU A 123 10.61 25.69 -30.69
C LEU A 123 10.96 25.74 -32.20
N VAL A 124 10.46 24.76 -32.97
CA VAL A 124 10.56 24.69 -34.43
C VAL A 124 9.11 24.73 -34.87
N SER A 125 8.69 25.81 -35.59
CA SER A 125 7.29 26.05 -35.98
C SER A 125 6.69 24.99 -36.90
N GLY A 126 7.54 24.34 -37.68
CA GLY A 126 7.14 23.25 -38.56
C GLY A 126 6.57 22.05 -37.81
N TRP A 127 6.94 21.87 -36.53
CA TRP A 127 6.43 20.76 -35.74
C TRP A 127 4.99 21.01 -35.34
N VAL A 128 4.05 20.44 -36.11
CA VAL A 128 2.61 20.62 -35.87
C VAL A 128 2.02 19.39 -35.20
N LYS A 129 2.80 18.31 -35.20
CA LYS A 129 2.46 17.05 -34.57
C LYS A 129 3.54 16.77 -33.55
N PRO A 130 3.23 16.13 -32.39
CA PRO A 130 4.29 15.87 -31.39
C PRO A 130 5.33 14.86 -31.90
N ILE A 131 6.53 14.95 -31.35
CA ILE A 131 7.63 14.02 -31.60
C ILE A 131 7.77 13.21 -30.30
N ILE A 132 7.82 11.88 -30.42
CA ILE A 132 7.95 11.00 -29.26
C ILE A 132 9.40 10.52 -29.20
N ILE A 133 10.09 10.83 -28.10
CA ILE A 133 11.48 10.46 -27.96
C ILE A 133 11.71 9.50 -26.80
N GLY A 134 12.38 8.42 -27.11
CA GLY A 134 12.77 7.42 -26.13
C GLY A 134 14.27 7.23 -26.14
N HIS A 135 14.89 7.30 -24.98
CA HIS A 135 16.33 7.10 -24.85
C HIS A 135 16.61 5.73 -24.29
N HIS A 136 17.80 5.20 -24.65
CA HIS A 136 18.26 3.96 -24.07
C HIS A 136 18.93 4.34 -22.72
N ALA A 137 18.39 3.83 -21.57
CA ALA A 137 18.96 4.12 -20.24
C ALA A 137 19.15 2.85 -19.42
N GLN A 141 26.43 4.25 -19.38
CA GLN A 141 26.81 5.46 -18.64
C GLN A 141 26.58 5.29 -17.13
N TYR A 142 25.36 4.84 -16.75
CA TYR A 142 24.97 4.58 -15.37
C TYR A 142 25.54 3.24 -14.83
N ARG A 143 25.99 2.34 -15.74
CA ARG A 143 26.61 1.05 -15.43
C ARG A 143 28.09 0.98 -15.92
N ALA A 144 28.75 2.16 -16.00
CA ALA A 144 30.13 2.30 -16.45
C ALA A 144 31.14 2.23 -15.28
N THR A 145 32.40 1.87 -15.61
CA THR A 145 33.51 1.75 -14.65
C THR A 145 34.58 2.74 -15.11
N ASP A 146 34.70 3.88 -14.41
CA ASP A 146 35.67 4.93 -14.76
C ASP A 146 36.72 5.09 -13.69
N PHE A 147 37.93 5.48 -14.08
CA PHE A 147 38.98 5.65 -13.08
C PHE A 147 40.00 6.68 -13.52
N VAL A 148 40.90 7.02 -12.60
CA VAL A 148 41.98 7.97 -12.79
C VAL A 148 43.24 7.18 -13.12
N VAL A 149 43.90 7.58 -14.20
CA VAL A 149 45.17 7.04 -14.69
C VAL A 149 46.25 7.97 -14.10
N PRO A 150 47.06 7.46 -13.12
CA PRO A 150 47.99 8.36 -12.39
C PRO A 150 49.18 8.86 -13.16
N GLY A 151 49.61 8.12 -14.17
CA GLY A 151 50.74 8.53 -14.97
C GLY A 151 50.89 7.65 -16.19
N PRO A 152 52.01 7.81 -16.93
CA PRO A 152 52.21 6.99 -18.14
C PRO A 152 52.04 5.47 -17.97
N GLY A 153 51.62 4.84 -19.06
CA GLY A 153 51.36 3.41 -19.12
C GLY A 153 50.15 3.11 -20.00
N LYS A 154 49.93 1.82 -20.27
CA LYS A 154 48.86 1.34 -21.14
C LYS A 154 47.55 1.04 -20.42
N VAL A 155 46.44 1.46 -21.03
CA VAL A 155 45.08 1.16 -20.60
C VAL A 155 44.57 0.27 -21.72
N GLU A 156 44.20 -0.95 -21.34
CA GLU A 156 43.70 -1.96 -22.27
C GLU A 156 42.37 -2.50 -21.76
N ILE A 157 41.54 -2.95 -22.68
CA ILE A 157 40.25 -3.56 -22.38
C ILE A 157 40.31 -4.99 -22.97
N THR A 158 40.00 -5.99 -22.14
CA THR A 158 40.12 -7.39 -22.53
C THR A 158 38.81 -8.15 -22.45
N TYR A 159 38.61 -9.09 -23.37
CA TYR A 159 37.47 -9.99 -23.32
C TYR A 159 37.98 -11.41 -23.19
N THR A 160 37.49 -12.14 -22.16
CA THR A 160 37.87 -13.55 -21.99
C THR A 160 36.60 -14.42 -22.06
N PRO A 161 36.40 -15.19 -23.16
CA PRO A 161 35.18 -16.04 -23.25
C PRO A 161 35.14 -17.10 -22.15
N SER A 162 33.92 -17.47 -21.70
CA SER A 162 33.69 -18.44 -20.63
C SER A 162 34.42 -19.79 -20.79
N ASP A 163 34.48 -20.35 -22.02
CA ASP A 163 35.23 -21.59 -22.30
C ASP A 163 36.74 -21.46 -22.00
N GLY A 164 37.31 -20.28 -22.29
CA GLY A 164 38.71 -19.96 -22.08
C GLY A 164 39.60 -20.27 -23.28
N THR A 165 38.98 -20.56 -24.44
CA THR A 165 39.64 -20.89 -25.71
C THR A 165 40.35 -19.68 -26.34
N GLN A 166 39.91 -18.47 -25.97
CA GLN A 166 40.44 -17.21 -26.48
C GLN A 166 40.65 -16.15 -25.40
N LYS A 167 41.22 -15.02 -25.82
CA LYS A 167 41.43 -13.80 -25.06
C LYS A 167 41.78 -12.72 -26.07
N VAL A 168 40.97 -11.67 -26.12
CA VAL A 168 41.22 -10.54 -27.01
C VAL A 168 41.56 -9.37 -26.13
N THR A 169 42.66 -8.67 -26.45
CA THR A 169 43.11 -7.50 -25.69
C THR A 169 43.14 -6.34 -26.65
N TYR A 170 42.36 -5.31 -26.35
CA TYR A 170 42.28 -4.09 -27.14
C TYR A 170 43.00 -2.96 -26.39
N LEU A 171 43.78 -2.17 -27.14
CA LEU A 171 44.44 -1.00 -26.57
C LEU A 171 43.44 0.14 -26.51
N VAL A 172 43.19 0.68 -25.31
CA VAL A 172 42.33 1.86 -25.20
C VAL A 172 43.27 3.08 -25.50
N HIS A 173 44.43 3.14 -24.82
CA HIS A 173 45.43 4.19 -25.03
C HIS A 173 46.70 3.90 -24.28
N ASN A 174 47.84 4.22 -24.92
CA ASN A 174 49.14 4.14 -24.27
C ASN A 174 49.44 5.57 -23.81
N PHE A 175 49.25 5.86 -22.52
CA PHE A 175 49.52 7.20 -21.97
C PHE A 175 51.03 7.40 -21.93
N GLU A 176 51.54 8.30 -22.74
CA GLU A 176 52.99 8.51 -22.79
C GLU A 176 53.51 9.76 -22.11
N GLU A 177 52.66 10.76 -21.84
CA GLU A 177 53.18 12.03 -21.35
C GLU A 177 52.85 12.33 -19.91
N GLY A 178 51.68 11.93 -19.45
CA GLY A 178 51.24 12.12 -18.08
C GLY A 178 50.09 11.17 -17.81
N GLY A 179 49.26 11.54 -16.85
CA GLY A 179 48.08 10.77 -16.50
C GLY A 179 46.82 11.24 -17.19
N GLY A 180 45.68 10.92 -16.60
CA GLY A 180 44.38 11.23 -17.14
C GLY A 180 43.31 10.37 -16.55
N VAL A 181 42.32 10.02 -17.37
CA VAL A 181 41.17 9.20 -16.98
C VAL A 181 40.86 8.20 -18.08
N ALA A 182 40.18 7.10 -17.69
CA ALA A 182 39.74 6.05 -18.59
C ALA A 182 38.47 5.45 -18.09
N MET A 183 37.71 4.84 -18.98
CA MET A 183 36.47 4.20 -18.61
C MET A 183 36.11 3.07 -19.49
N GLY A 184 35.34 2.17 -18.94
CA GLY A 184 34.81 1.02 -19.64
C GLY A 184 33.30 0.99 -19.49
N MET A 185 32.61 0.72 -20.59
CA MET A 185 31.15 0.57 -20.53
C MET A 185 30.69 -0.59 -21.40
N TYR A 186 29.50 -1.11 -21.11
CA TYR A 186 28.98 -2.27 -21.81
C TYR A 186 27.45 -2.21 -21.97
N ASN A 187 26.92 -3.12 -22.77
CA ASN A 187 25.48 -3.34 -22.93
C ASN A 187 25.29 -4.83 -23.22
N GLN A 188 24.34 -5.46 -22.52
CA GLN A 188 23.98 -6.86 -22.78
C GLN A 188 22.97 -6.83 -23.92
N ASP A 189 22.97 -7.86 -24.76
CA ASP A 189 22.04 -8.01 -25.87
C ASP A 189 20.59 -7.85 -25.42
N LYS A 190 20.23 -8.50 -24.30
CA LYS A 190 18.86 -8.46 -23.74
C LYS A 190 18.35 -7.04 -23.56
N SER A 191 19.20 -6.18 -23.04
CA SER A 191 18.89 -4.76 -22.82
C SER A 191 18.58 -4.06 -24.16
N ILE A 192 19.40 -4.36 -25.21
CA ILE A 192 19.20 -3.79 -26.56
C ILE A 192 17.89 -4.34 -27.15
N GLU A 193 17.64 -5.67 -27.02
CA GLU A 193 16.41 -6.31 -27.48
C GLU A 193 15.16 -5.69 -26.82
N ASP A 194 15.21 -5.47 -25.50
CA ASP A 194 14.11 -4.88 -24.70
C ASP A 194 13.81 -3.47 -25.22
N PHE A 195 14.86 -2.70 -25.55
CA PHE A 195 14.77 -1.34 -26.09
C PHE A 195 14.04 -1.37 -27.48
N ALA A 196 14.40 -2.34 -28.33
CA ALA A 196 13.75 -2.55 -29.64
C ALA A 196 12.25 -2.86 -29.43
N HIS A 197 11.92 -3.88 -28.59
CA HIS A 197 10.54 -4.27 -28.29
C HIS A 197 9.69 -3.10 -27.79
N SER A 198 10.17 -2.32 -26.80
CA SER A 198 9.44 -1.15 -26.32
C SER A 198 9.21 -0.13 -27.44
N SER A 199 10.22 0.10 -28.28
CA SER A 199 10.16 1.04 -29.40
C SER A 199 9.15 0.63 -30.47
N PHE A 200 9.19 -0.64 -30.90
CA PHE A 200 8.22 -1.21 -31.86
C PHE A 200 6.82 -1.20 -31.26
N GLN A 201 6.68 -1.54 -29.95
CA GLN A 201 5.39 -1.54 -29.23
C GLN A 201 4.81 -0.09 -29.16
N MET A 202 5.67 0.93 -28.87
CA MET A 202 5.26 2.32 -28.84
C MET A 202 4.75 2.77 -30.22
N ALA A 203 5.48 2.42 -31.30
CA ALA A 203 5.11 2.83 -32.65
C ALA A 203 3.78 2.21 -33.08
N LEU A 204 3.57 0.93 -32.72
CA LEU A 204 2.34 0.22 -33.01
C LEU A 204 1.14 0.76 -32.26
N SER A 205 1.35 1.13 -31.00
CA SER A 205 0.33 1.73 -30.14
C SER A 205 -0.13 3.09 -30.68
N LYS A 206 0.79 3.96 -31.16
CA LYS A 206 0.46 5.30 -31.67
C LYS A 206 0.05 5.34 -33.13
N GLY A 207 0.47 4.32 -33.90
CA GLY A 207 0.21 4.26 -35.32
C GLY A 207 1.10 5.24 -36.06
N TRP A 208 2.37 5.39 -35.59
CA TRP A 208 3.36 6.33 -36.13
C TRP A 208 4.63 5.60 -36.55
N PRO A 209 5.38 6.07 -37.58
CA PRO A 209 6.65 5.40 -37.92
C PRO A 209 7.72 5.60 -36.83
N LEU A 210 8.72 4.73 -36.85
CA LEU A 210 9.81 4.69 -35.88
C LEU A 210 11.12 4.84 -36.56
N TYR A 211 12.02 5.63 -35.93
CA TYR A 211 13.41 5.78 -36.38
C TYR A 211 14.32 5.50 -35.21
N LEU A 212 15.35 4.71 -35.46
CA LEU A 212 16.43 4.49 -34.50
C LEU A 212 17.60 5.35 -34.96
N SER A 213 18.17 6.17 -34.05
CA SER A 213 19.36 6.91 -34.41
C SER A 213 20.54 6.40 -33.62
N THR A 214 21.70 6.27 -34.27
CA THR A 214 22.95 5.84 -33.65
C THR A 214 24.12 6.62 -34.30
N LYS A 215 25.34 6.45 -33.74
CA LYS A 215 26.59 6.95 -34.33
C LYS A 215 27.42 5.72 -34.78
N ASN A 216 26.79 4.87 -35.60
CA ASN A 216 27.38 3.63 -36.12
C ASN A 216 28.52 3.86 -37.12
N THR A 217 28.75 5.11 -37.56
CA THR A 217 29.89 5.42 -38.46
C THR A 217 31.19 5.50 -37.62
N ILE A 218 31.06 5.77 -36.31
CA ILE A 218 32.19 5.92 -35.40
C ILE A 218 32.24 4.74 -34.43
N LEU A 219 31.12 4.41 -33.76
CA LEU A 219 31.05 3.24 -32.89
C LEU A 219 30.46 2.11 -33.73
N LYS A 220 31.23 1.68 -34.74
CA LYS A 220 30.82 0.66 -35.72
C LYS A 220 30.35 -0.64 -35.10
N LYS A 221 30.99 -1.05 -34.01
CA LYS A 221 30.66 -2.31 -33.36
C LYS A 221 29.58 -2.15 -32.32
N TYR A 222 29.78 -1.19 -31.39
CA TYR A 222 28.88 -0.89 -30.29
C TYR A 222 27.50 -0.46 -30.82
N ASP A 223 27.46 0.53 -31.74
CA ASP A 223 26.19 1.04 -32.26
C ASP A 223 25.63 0.21 -33.38
N GLY A 224 26.50 -0.49 -34.11
CA GLY A 224 26.11 -1.41 -35.17
C GLY A 224 25.28 -2.54 -34.60
N ARG A 225 25.59 -2.96 -33.35
CA ARG A 225 24.82 -3.97 -32.63
C ARG A 225 23.38 -3.49 -32.38
N PHE A 226 23.17 -2.18 -32.03
CA PHE A 226 21.82 -1.63 -31.86
C PHE A 226 21.08 -1.68 -33.20
N LYS A 227 21.75 -1.23 -34.26
CA LYS A 227 21.22 -1.27 -35.62
C LYS A 227 20.80 -2.70 -36.04
N ASP A 228 21.69 -3.69 -35.85
CA ASP A 228 21.43 -5.10 -36.19
C ASP A 228 20.27 -5.75 -35.40
N ILE A 229 20.24 -5.59 -34.07
CA ILE A 229 19.18 -6.17 -33.22
C ILE A 229 17.80 -5.54 -33.52
N PHE A 230 17.73 -4.21 -33.71
CA PHE A 230 16.44 -3.57 -34.05
C PHE A 230 15.92 -4.14 -35.37
N GLN A 231 16.78 -4.22 -36.40
CA GLN A 231 16.41 -4.74 -37.72
C GLN A 231 15.94 -6.20 -37.71
N GLU A 232 16.64 -7.02 -36.93
CA GLU A 232 16.38 -8.45 -36.78
C GLU A 232 15.07 -8.68 -36.07
N ILE A 233 14.81 -7.95 -34.97
CA ILE A 233 13.55 -8.04 -34.23
C ILE A 233 12.40 -7.53 -35.11
N TYR A 234 12.62 -6.43 -35.84
CA TYR A 234 11.61 -5.89 -36.74
C TYR A 234 11.19 -6.93 -37.81
N ASP A 235 12.17 -7.46 -38.55
CA ASP A 235 11.97 -8.45 -39.62
C ASP A 235 11.21 -9.71 -39.16
N LYS A 236 11.54 -10.22 -37.97
CA LYS A 236 10.91 -11.45 -37.48
C LYS A 236 9.62 -11.26 -36.72
N GLN A 237 9.46 -10.14 -36.00
CA GLN A 237 8.32 -9.98 -35.13
C GLN A 237 7.39 -8.80 -35.40
N TYR A 238 7.81 -7.80 -36.19
CA TYR A 238 6.94 -6.62 -36.27
C TYR A 238 6.59 -6.12 -37.66
N LYS A 239 7.36 -6.49 -38.69
CA LYS A 239 7.24 -6.06 -40.08
C LYS A 239 5.80 -6.09 -40.63
N SER A 240 5.07 -7.21 -40.44
CA SER A 240 3.68 -7.37 -40.91
C SER A 240 2.74 -6.48 -40.12
N GLN A 241 2.95 -6.34 -38.77
CA GLN A 241 2.12 -5.49 -37.94
C GLN A 241 2.27 -4.02 -38.34
N PHE A 242 3.49 -3.61 -38.74
CA PHE A 242 3.78 -2.27 -39.21
C PHE A 242 3.12 -2.02 -40.58
N GLU A 243 3.24 -2.99 -41.50
CA GLU A 243 2.64 -2.86 -42.83
C GLU A 243 1.12 -2.78 -42.79
N ALA A 244 0.47 -3.47 -41.83
CA ALA A 244 -0.98 -3.43 -41.62
C ALA A 244 -1.48 -2.03 -41.21
N GLN A 245 -0.65 -1.30 -40.48
CA GLN A 245 -0.99 0.06 -40.06
C GLN A 245 -0.35 1.12 -40.99
N LYS A 246 0.31 0.69 -42.06
CA LYS A 246 1.01 1.57 -43.03
C LYS A 246 2.07 2.45 -42.36
N ILE A 247 2.82 1.83 -41.43
CA ILE A 247 3.92 2.49 -40.75
C ILE A 247 5.22 1.79 -41.15
N TRP A 248 6.36 2.36 -40.77
CA TRP A 248 7.63 1.83 -41.17
C TRP A 248 8.68 2.03 -40.10
N TYR A 249 9.77 1.26 -40.18
CA TYR A 249 10.88 1.39 -39.26
C TYR A 249 12.13 1.66 -40.08
N GLU A 250 12.94 2.68 -39.67
CA GLU A 250 14.22 2.95 -40.32
C GLU A 250 15.33 3.36 -39.37
N HIS A 251 16.56 2.96 -39.68
CA HIS A 251 17.75 3.40 -38.96
C HIS A 251 18.24 4.73 -39.57
N ARG A 252 18.79 5.60 -38.72
CA ARG A 252 19.39 6.86 -39.15
C ARG A 252 20.66 7.09 -38.38
N LEU A 253 21.67 7.64 -39.07
CA LEU A 253 22.86 8.16 -38.43
C LEU A 253 22.32 9.40 -37.65
N ILE A 254 22.75 9.63 -36.39
CA ILE A 254 22.27 10.74 -35.55
C ILE A 254 22.37 12.12 -36.28
N ASP A 255 23.49 12.39 -36.98
CA ASP A 255 23.71 13.65 -37.72
C ASP A 255 22.55 13.94 -38.68
N ASP A 256 22.16 12.95 -39.48
CA ASP A 256 21.07 13.04 -40.46
C ASP A 256 19.71 13.09 -39.77
N MET A 257 19.53 12.34 -38.68
CA MET A 257 18.26 12.31 -37.94
C MET A 257 17.92 13.70 -37.40
N VAL A 258 18.89 14.37 -36.78
CA VAL A 258 18.72 15.71 -36.22
C VAL A 258 18.29 16.72 -37.31
N ALA A 259 18.99 16.69 -38.46
CA ALA A 259 18.69 17.60 -39.57
C ALA A 259 17.28 17.30 -40.13
N GLN A 260 16.98 16.01 -40.33
CA GLN A 260 15.68 15.50 -40.80
C GLN A 260 14.55 15.91 -39.82
N ALA A 261 14.75 15.73 -38.51
CA ALA A 261 13.75 16.08 -37.48
C ALA A 261 13.45 17.59 -37.51
N MET A 262 14.50 18.44 -37.64
CA MET A 262 14.37 19.91 -37.73
C MET A 262 13.48 20.31 -38.91
N LYS A 263 13.55 19.55 -40.03
CA LYS A 263 12.78 19.83 -41.27
C LYS A 263 11.44 19.09 -41.36
N SER A 264 11.12 18.29 -40.34
CA SER A 264 9.94 17.46 -40.26
C SER A 264 8.76 18.23 -39.69
N GLU A 265 7.56 17.67 -39.80
CA GLU A 265 6.35 18.25 -39.24
C GLU A 265 5.93 17.53 -37.94
N GLY A 266 6.74 16.58 -37.50
CA GLY A 266 6.49 15.78 -36.31
C GLY A 266 5.73 14.51 -36.65
N GLY A 267 5.15 13.88 -35.63
CA GLY A 267 4.35 12.67 -35.81
C GLY A 267 5.18 11.43 -36.08
N PHE A 268 6.25 11.23 -35.31
CA PHE A 268 7.07 10.02 -35.45
C PHE A 268 7.64 9.64 -34.10
N ILE A 269 8.09 8.38 -33.97
CA ILE A 269 8.75 7.89 -32.77
C ILE A 269 10.24 7.93 -33.07
N TRP A 270 11.00 8.41 -32.12
CA TRP A 270 12.44 8.50 -32.23
C TRP A 270 13.11 7.78 -31.03
N ALA A 271 13.68 6.59 -31.31
CA ALA A 271 14.45 5.75 -30.37
C ALA A 271 15.87 6.27 -30.54
N CYS A 272 16.40 6.78 -29.49
CA CYS A 272 17.65 7.48 -29.48
C CYS A 272 18.75 6.72 -28.75
N LYS A 273 19.82 6.41 -29.46
CA LYS A 273 20.96 5.79 -28.81
C LYS A 273 22.13 6.76 -28.86
N ASN A 274 22.46 7.37 -27.71
CA ASN A 274 23.56 8.32 -27.61
C ASN A 274 24.48 7.97 -26.43
N SER A 281 15.49 16.03 -23.29
CA SER A 281 14.21 16.63 -23.69
C SER A 281 13.60 17.48 -22.59
N ASP A 282 13.54 16.94 -21.37
CA ASP A 282 12.95 17.62 -20.21
C ASP A 282 13.75 18.85 -19.81
N SER A 283 15.11 18.83 -19.96
CA SER A 283 15.96 20.01 -19.72
C SER A 283 15.71 21.07 -20.84
N VAL A 284 15.40 20.60 -22.07
CA VAL A 284 15.10 21.48 -23.21
C VAL A 284 13.71 22.11 -22.94
N ALA A 285 12.74 21.31 -22.45
CA ALA A 285 11.39 21.78 -22.08
C ALA A 285 11.45 22.81 -20.96
N GLN A 286 12.36 22.61 -19.99
CA GLN A 286 12.57 23.54 -18.88
C GLN A 286 13.11 24.90 -19.37
N GLY A 287 14.10 24.87 -20.25
CA GLY A 287 14.69 26.07 -20.84
C GLY A 287 13.69 26.81 -21.69
N TYR A 288 12.80 26.04 -22.36
CA TYR A 288 11.75 26.57 -23.22
C TYR A 288 10.55 27.14 -22.45
N GLY A 289 10.34 26.65 -21.23
CA GLY A 289 9.22 27.02 -20.38
C GLY A 289 7.99 26.20 -20.73
N SER A 290 8.18 24.93 -21.17
CA SER A 290 7.08 24.05 -21.56
C SER A 290 7.05 22.71 -20.78
N LEU A 291 7.81 22.62 -19.64
CA LEU A 291 7.87 21.41 -18.82
C LEU A 291 6.50 20.92 -18.41
N GLY A 292 5.55 21.84 -18.17
CA GLY A 292 4.19 21.50 -17.77
C GLY A 292 3.33 20.93 -18.90
N MET A 293 3.89 20.90 -20.12
CA MET A 293 3.21 20.36 -21.32
C MET A 293 3.90 19.07 -21.82
N MET A 294 4.82 18.48 -21.02
CA MET A 294 5.52 17.27 -21.41
C MET A 294 5.18 16.06 -20.58
N THR A 295 4.76 15.02 -21.26
CA THR A 295 4.40 13.72 -20.66
C THR A 295 5.63 12.81 -20.67
N SER A 296 5.60 11.78 -19.84
CA SER A 296 6.64 10.77 -19.74
C SER A 296 5.93 9.42 -19.53
N VAL A 297 6.32 8.39 -20.32
CA VAL A 297 5.70 7.09 -20.19
C VAL A 297 6.78 6.01 -20.29
N LEU A 298 6.86 5.16 -19.23
CA LEU A 298 7.76 4.01 -19.19
C LEU A 298 7.03 2.85 -19.86
N VAL A 299 7.59 2.37 -20.99
CA VAL A 299 7.03 1.28 -21.80
C VAL A 299 7.84 0.01 -21.62
N CYS A 300 7.25 -0.99 -20.99
CA CYS A 300 7.88 -2.28 -20.77
C CYS A 300 7.89 -3.09 -22.08
N PRO A 301 8.95 -3.90 -22.32
CA PRO A 301 9.05 -4.62 -23.61
C PRO A 301 7.96 -5.65 -23.86
N ASP A 302 7.21 -6.07 -22.80
CA ASP A 302 6.09 -7.01 -22.91
C ASP A 302 4.90 -6.44 -23.70
N GLY A 303 4.80 -5.12 -23.76
CA GLY A 303 3.69 -4.46 -24.44
C GLY A 303 2.43 -4.42 -23.59
N LYS A 304 2.52 -4.88 -22.31
CA LYS A 304 1.37 -4.90 -21.38
C LYS A 304 1.48 -3.88 -20.23
N THR A 305 2.70 -3.60 -19.75
CA THR A 305 2.95 -2.76 -18.60
C THR A 305 3.43 -1.36 -18.98
N VAL A 306 2.82 -0.37 -18.36
CA VAL A 306 3.01 1.05 -18.60
C VAL A 306 2.96 1.81 -17.28
N GLU A 307 3.86 2.80 -17.13
CA GLU A 307 3.90 3.72 -16.00
C GLU A 307 3.90 5.12 -16.57
N ALA A 308 2.82 5.88 -16.33
CA ALA A 308 2.66 7.22 -16.87
C ALA A 308 2.85 8.28 -15.83
N GLU A 309 3.59 9.34 -16.18
CA GLU A 309 3.83 10.48 -15.30
C GLU A 309 4.11 11.74 -16.13
N ALA A 310 4.17 12.91 -15.46
CA ALA A 310 4.54 14.21 -16.05
C ALA A 310 6.05 14.15 -16.16
N ALA A 311 6.63 14.86 -17.14
CA ALA A 311 8.08 14.84 -17.27
C ALA A 311 8.76 15.68 -16.19
N HIS A 312 8.01 16.62 -15.57
CA HIS A 312 8.55 17.53 -14.56
C HIS A 312 8.56 16.98 -13.15
N GLY A 313 9.21 17.75 -12.28
CA GLY A 313 9.32 17.50 -10.85
C GLY A 313 8.16 18.04 -10.04
N THR A 314 8.36 18.14 -8.72
CA THR A 314 7.36 18.59 -7.73
C THR A 314 7.07 20.09 -7.77
N VAL A 315 7.83 20.85 -8.59
CA VAL A 315 7.67 22.31 -8.75
C VAL A 315 7.84 23.02 -7.36
N THR A 316 8.95 22.74 -6.65
CA THR A 316 9.28 23.28 -5.32
C THR A 316 9.14 24.79 -5.24
N ARG A 317 9.72 25.52 -6.26
CA ARG A 317 9.70 26.99 -6.32
C ARG A 317 8.27 27.52 -6.20
N HIS A 318 7.31 26.87 -6.88
CA HIS A 318 5.90 27.26 -6.84
C HIS A 318 5.26 26.86 -5.53
N TYR A 319 5.67 25.71 -4.96
CA TYR A 319 5.12 25.22 -3.69
C TYR A 319 5.43 26.19 -2.52
N ARG A 320 6.65 26.80 -2.52
CA ARG A 320 7.10 27.77 -1.51
C ARG A 320 6.23 29.03 -1.60
N MET A 321 5.87 29.44 -2.83
CA MET A 321 4.97 30.56 -3.08
C MET A 321 3.58 30.26 -2.50
N TYR A 322 3.04 29.05 -2.79
CA TYR A 322 1.75 28.57 -2.28
C TYR A 322 1.73 28.53 -0.76
N GLN A 323 2.85 28.08 -0.14
CA GLN A 323 3.00 27.97 1.31
C GLN A 323 2.93 29.37 1.96
N LYS A 324 3.54 30.37 1.30
CA LYS A 324 3.58 31.79 1.70
C LYS A 324 2.33 32.57 1.25
N GLY A 325 1.20 31.88 1.07
CA GLY A 325 -0.08 32.47 0.66
C GLY A 325 -0.16 32.95 -0.79
N GLN A 326 0.98 33.44 -1.33
CA GLN A 326 1.19 33.98 -2.70
C GLN A 326 0.52 33.16 -3.80
N GLU A 327 0.02 33.84 -4.85
CA GLU A 327 -0.71 33.21 -5.95
C GLU A 327 0.19 32.38 -6.87
N THR A 328 -0.25 31.13 -7.14
CA THR A 328 0.48 30.18 -7.98
C THR A 328 -0.19 29.88 -9.30
N SER A 329 0.61 29.76 -10.37
CA SER A 329 0.10 29.42 -11.70
C SER A 329 0.93 28.27 -12.27
N THR A 330 0.74 27.08 -11.68
CA THR A 330 1.42 25.84 -12.03
C THR A 330 0.57 25.11 -13.05
N ASN A 331 1.20 24.74 -14.18
CA ASN A 331 0.55 24.01 -15.28
C ASN A 331 0.21 22.56 -14.86
N PRO A 332 -1.09 22.18 -14.91
CA PRO A 332 -1.47 20.81 -14.51
C PRO A 332 -1.68 19.80 -15.65
N ILE A 333 -1.46 20.21 -16.91
CA ILE A 333 -1.72 19.39 -18.10
C ILE A 333 -0.89 18.08 -18.14
N ALA A 334 0.43 18.15 -17.93
CA ALA A 334 1.30 16.95 -17.94
C ALA A 334 0.83 15.93 -16.87
N SER A 335 0.37 16.42 -15.69
CA SER A 335 -0.17 15.56 -14.63
C SER A 335 -1.49 14.96 -15.06
N ILE A 336 -2.35 15.75 -15.76
CA ILE A 336 -3.62 15.24 -16.29
C ILE A 336 -3.34 14.16 -17.34
N PHE A 337 -2.35 14.41 -18.22
CA PHE A 337 -2.02 13.47 -19.28
C PHE A 337 -1.39 12.19 -18.75
N ALA A 338 -0.82 12.21 -17.52
CA ALA A 338 -0.35 10.98 -16.86
C ALA A 338 -1.57 10.09 -16.62
N TRP A 339 -2.68 10.70 -16.15
CA TRP A 339 -3.95 9.99 -15.90
C TRP A 339 -4.61 9.51 -17.20
N THR A 340 -4.77 10.39 -18.20
CA THR A 340 -5.38 10.03 -19.49
C THR A 340 -4.60 8.91 -20.19
N ARG A 341 -3.25 8.98 -20.17
CA ARG A 341 -2.42 7.93 -20.79
C ARG A 341 -2.55 6.58 -20.08
N GLY A 342 -2.54 6.61 -18.75
CA GLY A 342 -2.72 5.37 -18.00
C GLY A 342 -4.11 4.82 -18.17
N LEU A 343 -5.13 5.70 -18.09
CA LEU A 343 -6.51 5.25 -18.28
C LEU A 343 -6.77 4.73 -19.69
N ALA A 344 -6.13 5.34 -20.73
CA ALA A 344 -6.27 4.88 -22.12
C ALA A 344 -5.64 3.50 -22.28
N HIS A 345 -4.48 3.23 -21.62
CA HIS A 345 -3.83 1.91 -21.70
C HIS A 345 -4.70 0.87 -20.95
N ARG A 346 -5.25 1.23 -19.77
CA ARG A 346 -6.16 0.37 -19.02
C ARG A 346 -7.36 -0.02 -19.92
N ALA A 347 -7.94 1.00 -20.60
CA ALA A 347 -9.06 0.83 -21.53
C ALA A 347 -8.70 -0.11 -22.68
N LYS A 348 -7.49 0.02 -23.24
CA LYS A 348 -7.03 -0.87 -24.32
C LYS A 348 -6.86 -2.32 -23.86
N LEU A 349 -6.22 -2.56 -22.70
CA LEU A 349 -6.03 -3.93 -22.17
C LEU A 349 -7.36 -4.63 -21.86
N ASP A 350 -8.35 -3.84 -21.42
CA ASP A 350 -9.66 -4.33 -20.99
C ASP A 350 -10.77 -4.22 -22.04
N ASN A 351 -10.50 -3.58 -23.20
CA ASN A 351 -11.48 -3.30 -24.28
C ASN A 351 -12.68 -2.52 -23.70
N ASN A 352 -12.37 -1.44 -22.97
CA ASN A 352 -13.35 -0.59 -22.28
C ASN A 352 -13.54 0.68 -23.09
N LYS A 353 -14.57 0.67 -23.96
CA LYS A 353 -14.92 1.79 -24.85
C LYS A 353 -15.23 3.06 -24.08
N GLU A 354 -15.92 2.91 -22.95
CA GLU A 354 -16.32 4.05 -22.13
C GLU A 354 -15.11 4.73 -21.53
N LEU A 355 -14.16 3.93 -21.00
CA LEU A 355 -12.95 4.50 -20.42
C LEU A 355 -12.08 5.13 -21.52
N ALA A 356 -11.94 4.45 -22.67
CA ALA A 356 -11.21 4.93 -23.85
C ALA A 356 -11.73 6.27 -24.28
N PHE A 357 -13.08 6.41 -24.33
CA PHE A 357 -13.78 7.64 -24.67
C PHE A 357 -13.46 8.72 -23.64
N PHE A 358 -13.57 8.38 -22.35
CA PHE A 358 -13.32 9.34 -21.28
C PHE A 358 -11.90 9.90 -21.33
N ALA A 359 -10.87 9.02 -21.39
CA ALA A 359 -9.46 9.43 -21.43
C ALA A 359 -9.15 10.34 -22.62
N ASN A 360 -9.71 10.03 -23.82
CA ASN A 360 -9.53 10.87 -25.00
C ASN A 360 -10.18 12.26 -24.85
N ALA A 361 -11.45 12.29 -24.38
CA ALA A 361 -12.19 13.54 -24.18
C ALA A 361 -11.49 14.49 -23.17
N LEU A 362 -10.83 13.92 -22.14
CA LEU A 362 -10.11 14.75 -21.18
C LEU A 362 -8.89 15.42 -21.82
N GLU A 363 -8.23 14.73 -22.76
CA GLU A 363 -7.10 15.30 -23.54
C GLU A 363 -7.59 16.46 -24.43
N GLU A 364 -8.68 16.21 -25.20
CA GLU A 364 -9.35 17.22 -26.07
C GLU A 364 -9.74 18.47 -25.31
N VAL A 365 -10.47 18.32 -24.16
CA VAL A 365 -10.91 19.42 -23.29
C VAL A 365 -9.71 20.27 -22.91
N SER A 366 -8.60 19.60 -22.48
CA SER A 366 -7.36 20.27 -22.06
C SER A 366 -6.78 21.17 -23.15
N ILE A 367 -6.70 20.64 -24.39
CA ILE A 367 -6.15 21.32 -25.58
C ILE A 367 -7.11 22.44 -26.02
N GLU A 368 -8.42 22.17 -26.04
CA GLU A 368 -9.46 23.14 -26.42
C GLU A 368 -9.49 24.35 -25.49
N THR A 369 -9.31 24.15 -24.18
CA THR A 369 -9.30 25.19 -23.15
C THR A 369 -8.16 26.17 -23.39
N ILE A 370 -6.95 25.63 -23.66
CA ILE A 370 -5.75 26.41 -23.94
C ILE A 370 -5.94 27.16 -25.27
N GLU A 371 -6.52 26.45 -26.26
CA GLU A 371 -6.76 26.97 -27.60
C GLU A 371 -7.83 28.07 -27.61
N ALA A 372 -8.71 28.14 -26.56
CA ALA A 372 -9.74 29.17 -26.37
C ALA A 372 -9.19 30.38 -25.60
N GLY A 373 -7.91 30.33 -25.24
CA GLY A 373 -7.21 31.40 -24.56
C GLY A 373 -7.17 31.34 -23.05
N PHE A 374 -7.65 30.24 -22.45
CA PHE A 374 -7.65 30.01 -21.00
C PHE A 374 -6.44 29.13 -20.66
N MET A 375 -5.41 29.73 -20.03
CA MET A 375 -4.14 29.06 -19.74
C MET A 375 -3.40 29.58 -18.50
N THR A 376 -2.31 28.90 -18.12
CA THR A 376 -1.43 29.25 -17.01
C THR A 376 -0.31 30.20 -17.48
N LYS A 377 0.38 30.87 -16.54
CA LYS A 377 1.44 31.84 -16.80
C LYS A 377 2.48 31.36 -17.81
N ASP A 378 3.01 30.12 -17.63
CA ASP A 378 3.99 29.50 -18.53
C ASP A 378 3.48 29.49 -19.99
N LEU A 379 2.23 29.13 -20.21
CA LEU A 379 1.69 29.13 -21.57
C LEU A 379 1.57 30.55 -22.15
N ALA A 380 1.09 31.52 -21.33
CA ALA A 380 0.98 32.95 -21.70
C ALA A 380 2.35 33.52 -22.07
N ALA A 381 3.40 33.18 -21.26
CA ALA A 381 4.79 33.57 -21.49
C ALA A 381 5.33 32.95 -22.78
N CYS A 382 4.82 31.80 -23.19
CA CYS A 382 5.26 31.15 -24.42
C CYS A 382 4.77 31.95 -25.67
N ILE A 383 3.51 32.44 -25.64
CA ILE A 383 2.95 33.28 -26.70
C ILE A 383 3.58 34.69 -26.74
N LYS A 384 3.50 35.43 -25.60
CA LYS A 384 3.88 36.84 -25.40
C LYS A 384 5.33 37.12 -24.98
N GLY A 385 5.92 36.21 -24.19
CA GLY A 385 7.23 36.39 -23.59
C GLY A 385 6.98 36.85 -22.17
N LEU A 386 7.64 36.23 -21.16
CA LEU A 386 7.45 36.54 -19.73
C LEU A 386 7.42 38.08 -19.39
N PRO A 387 8.35 38.97 -19.87
CA PRO A 387 8.24 40.41 -19.51
C PRO A 387 6.89 41.06 -19.85
N ASN A 388 6.33 40.78 -21.05
CA ASN A 388 5.06 41.32 -21.55
C ASN A 388 3.82 40.65 -20.99
N VAL A 389 3.99 39.66 -20.11
CA VAL A 389 2.85 38.95 -19.55
C VAL A 389 2.19 39.79 -18.45
N GLN A 390 0.90 40.09 -18.65
CA GLN A 390 0.11 40.84 -17.68
C GLN A 390 -0.74 39.85 -16.90
N ARG A 391 -1.08 40.20 -15.64
CA ARG A 391 -1.88 39.39 -14.68
C ARG A 391 -3.13 38.78 -15.32
N SER A 392 -3.79 39.53 -16.21
CA SER A 392 -5.02 39.16 -16.92
C SER A 392 -4.79 38.20 -18.10
N ASP A 393 -3.54 38.07 -18.57
CA ASP A 393 -3.21 37.17 -19.69
C ASP A 393 -3.29 35.68 -19.28
N TYR A 394 -3.23 35.38 -17.96
CA TYR A 394 -3.25 34.01 -17.46
C TYR A 394 -4.18 33.75 -16.29
N LEU A 395 -4.42 32.47 -15.99
CA LEU A 395 -5.21 31.99 -14.85
C LEU A 395 -4.29 31.34 -13.81
N ASN A 396 -4.66 31.42 -12.54
CA ASN A 396 -3.90 30.74 -11.50
C ASN A 396 -4.31 29.25 -11.51
N THR A 397 -3.48 28.38 -10.89
CA THR A 397 -3.68 26.93 -10.81
C THR A 397 -5.13 26.51 -10.60
N PHE A 398 -5.78 27.11 -9.60
CA PHE A 398 -7.12 26.80 -9.16
C PHE A 398 -8.20 27.27 -10.14
N GLU A 399 -8.06 28.48 -10.72
CA GLU A 399 -8.99 29.01 -11.74
C GLU A 399 -8.91 28.12 -12.97
N PHE A 400 -7.68 27.75 -13.39
CA PHE A 400 -7.46 26.91 -14.56
C PHE A 400 -8.08 25.52 -14.37
N MET A 401 -7.92 24.93 -13.16
CA MET A 401 -8.50 23.64 -12.82
C MET A 401 -10.03 23.68 -12.84
N ASP A 402 -10.63 24.77 -12.30
CA ASP A 402 -12.10 24.98 -12.30
C ASP A 402 -12.60 25.09 -13.74
N LYS A 403 -11.89 25.88 -14.59
CA LYS A 403 -12.19 26.07 -16.00
C LYS A 403 -12.20 24.74 -16.77
N LEU A 404 -11.14 23.90 -16.57
CA LEU A 404 -11.06 22.57 -17.19
C LEU A 404 -12.21 21.70 -16.74
N GLY A 405 -12.56 21.80 -15.44
CA GLY A 405 -13.67 21.08 -14.84
C GLY A 405 -14.99 21.44 -15.51
N GLU A 406 -15.28 22.76 -15.64
CA GLU A 406 -16.51 23.25 -16.31
C GLU A 406 -16.59 22.65 -17.71
N ASN A 407 -15.48 22.78 -18.50
CA ASN A 407 -15.38 22.34 -19.88
C ASN A 407 -15.49 20.82 -20.04
N LEU A 408 -14.98 20.06 -19.07
CA LEU A 408 -15.08 18.60 -19.08
C LEU A 408 -16.53 18.14 -18.92
N LYS A 409 -17.26 18.75 -17.96
CA LYS A 409 -18.68 18.46 -17.69
C LYS A 409 -19.50 18.64 -18.98
N ILE A 410 -19.30 19.78 -19.70
CA ILE A 410 -19.97 20.11 -20.96
C ILE A 410 -19.68 19.05 -22.04
N LYS A 411 -18.37 18.80 -22.32
CA LYS A 411 -17.92 17.79 -23.30
C LYS A 411 -18.56 16.41 -23.05
N LEU A 412 -18.57 15.97 -21.79
CA LEU A 412 -19.15 14.67 -21.42
C LEU A 412 -20.69 14.70 -21.44
N ALA A 413 -21.30 15.88 -21.15
CA ALA A 413 -22.76 16.03 -21.18
C ALA A 413 -23.29 15.96 -22.63
N GLN A 414 -22.51 16.48 -23.60
CA GLN A 414 -22.85 16.46 -25.02
C GLN A 414 -22.57 15.07 -25.62
N ALA A 415 -23.43 14.07 -25.26
CA ALA A 415 -23.40 12.66 -25.67
C ALA A 415 -24.63 11.92 -25.15
N LYS B 6 22.50 2.52 15.78
CA LYS B 6 21.64 1.68 14.94
C LYS B 6 20.55 1.00 15.78
N LYS B 7 19.38 0.76 15.16
CA LYS B 7 18.21 0.16 15.79
C LYS B 7 18.10 -1.32 15.41
N ILE B 8 17.11 -2.01 15.98
CA ILE B 8 16.82 -3.40 15.66
C ILE B 8 16.28 -3.47 14.21
N SER B 9 16.80 -4.42 13.43
CA SER B 9 16.37 -4.64 12.06
C SER B 9 15.19 -5.63 12.18
N GLY B 10 13.97 -5.09 12.04
CA GLY B 10 12.73 -5.82 12.22
C GLY B 10 12.25 -6.68 11.07
N GLY B 11 12.61 -6.31 9.85
CA GLY B 11 12.15 -7.06 8.69
C GLY B 11 10.76 -6.62 8.22
N SER B 12 10.12 -7.52 7.49
CA SER B 12 8.86 -7.31 6.78
C SER B 12 7.58 -7.47 7.64
N VAL B 13 6.86 -6.35 7.83
CA VAL B 13 5.63 -6.29 8.61
C VAL B 13 4.52 -5.59 7.82
N VAL B 14 3.34 -6.21 7.79
CA VAL B 14 2.15 -5.63 7.15
C VAL B 14 1.36 -4.94 8.27
N GLU B 15 1.13 -3.65 8.10
CA GLU B 15 0.44 -2.79 9.06
C GLU B 15 -0.86 -2.26 8.46
N MET B 16 -1.99 -2.38 9.18
CA MET B 16 -3.24 -1.79 8.67
C MET B 16 -3.71 -0.65 9.59
N GLN B 17 -3.72 0.58 9.06
CA GLN B 17 -4.19 1.76 9.81
C GLN B 17 -5.71 1.73 9.88
N GLY B 18 -6.26 2.23 10.98
CA GLY B 18 -7.69 2.16 11.25
C GLY B 18 -8.36 3.50 11.46
N ASP B 19 -9.38 3.49 12.32
CA ASP B 19 -10.25 4.64 12.54
C ASP B 19 -10.41 5.08 14.00
N GLU B 20 -10.90 6.33 14.14
CA GLU B 20 -11.33 6.98 15.37
C GLU B 20 -10.32 6.90 16.51
N MET B 21 -10.74 6.55 17.74
CA MET B 21 -9.81 6.58 18.90
C MET B 21 -8.59 5.65 18.75
N THR B 22 -8.79 4.43 18.20
CA THR B 22 -7.70 3.46 17.99
C THR B 22 -6.66 3.97 16.99
N ARG B 23 -7.08 4.71 15.97
CA ARG B 23 -6.15 5.31 15.00
C ARG B 23 -5.19 6.31 15.71
N ILE B 24 -5.71 7.14 16.62
CA ILE B 24 -4.91 8.10 17.42
C ILE B 24 -3.82 7.34 18.21
N ILE B 25 -4.23 6.27 18.92
CA ILE B 25 -3.40 5.40 19.75
C ILE B 25 -2.35 4.62 18.92
N TRP B 26 -2.77 4.09 17.76
CA TRP B 26 -1.91 3.35 16.83
C TRP B 26 -0.71 4.21 16.44
N GLU B 27 -0.95 5.49 16.11
CA GLU B 27 0.11 6.42 15.77
C GLU B 27 1.04 6.72 16.95
N LEU B 28 0.48 6.81 18.19
CA LEU B 28 1.30 7.04 19.39
C LEU B 28 2.18 5.80 19.67
N ILE B 29 1.63 4.60 19.50
CA ILE B 29 2.39 3.34 19.66
C ILE B 29 3.59 3.35 18.71
N LYS B 30 3.36 3.67 17.42
CA LYS B 30 4.40 3.72 16.41
C LYS B 30 5.49 4.75 16.72
N GLU B 31 5.11 6.01 16.94
CA GLU B 31 6.04 7.11 17.25
C GLU B 31 6.79 6.92 18.56
N LYS B 32 6.13 6.42 19.63
CA LYS B 32 6.80 6.35 20.94
C LYS B 32 7.35 4.99 21.35
N LEU B 33 6.78 3.86 20.84
CA LEU B 33 7.20 2.54 21.30
C LEU B 33 7.87 1.65 20.26
N ILE B 34 7.55 1.82 18.98
CA ILE B 34 8.10 0.96 17.93
C ILE B 34 9.27 1.62 17.19
N PHE B 35 8.99 2.71 16.45
CA PHE B 35 9.95 3.43 15.60
C PHE B 35 11.24 3.86 16.33
N PRO B 36 11.24 4.29 17.61
CA PRO B 36 12.52 4.66 18.24
C PRO B 36 13.49 3.52 18.41
N TYR B 37 13.02 2.25 18.34
CA TYR B 37 13.86 1.08 18.57
C TYR B 37 13.96 0.09 17.43
N VAL B 38 12.97 0.07 16.55
CA VAL B 38 12.93 -0.95 15.49
C VAL B 38 12.78 -0.29 14.14
N GLU B 39 13.54 -0.77 13.13
CA GLU B 39 13.44 -0.35 11.73
C GLU B 39 12.70 -1.47 11.00
N LEU B 40 11.63 -1.12 10.30
CA LEU B 40 10.85 -2.13 9.59
C LEU B 40 10.74 -1.89 8.11
N ASP B 41 10.67 -2.99 7.33
CA ASP B 41 10.33 -2.94 5.91
C ASP B 41 8.79 -2.97 5.97
N LEU B 42 8.22 -1.80 6.22
CA LEU B 42 6.82 -1.61 6.50
C LEU B 42 5.90 -1.55 5.28
N HIS B 43 5.00 -2.54 5.17
CA HIS B 43 3.98 -2.63 4.12
C HIS B 43 2.71 -2.08 4.76
N SER B 44 2.57 -0.77 4.72
CA SER B 44 1.52 -0.02 5.39
C SER B 44 0.26 0.23 4.49
N TYR B 45 -0.93 -0.27 4.95
CA TYR B 45 -2.23 -0.11 4.27
C TYR B 45 -3.21 0.74 5.10
N ASP B 46 -3.76 1.80 4.49
CA ASP B 46 -4.68 2.69 5.18
C ASP B 46 -6.11 2.20 5.05
N LEU B 47 -6.63 1.57 6.11
CA LEU B 47 -8.00 1.08 6.13
C LEU B 47 -8.93 2.08 6.86
N GLY B 48 -8.54 3.34 6.84
CA GLY B 48 -9.36 4.42 7.32
C GLY B 48 -10.57 4.45 6.40
N ILE B 49 -11.77 4.68 6.96
CA ILE B 49 -13.06 4.60 6.25
C ILE B 49 -13.06 5.42 4.97
N GLU B 50 -12.57 6.66 5.03
CA GLU B 50 -12.50 7.54 3.85
C GLU B 50 -11.64 6.96 2.75
N ASN B 51 -10.51 6.29 3.10
CA ASN B 51 -9.63 5.66 2.12
C ASN B 51 -10.24 4.40 1.52
N ARG B 52 -11.02 3.65 2.31
CA ARG B 52 -11.70 2.46 1.80
C ARG B 52 -12.80 2.92 0.79
N ASP B 53 -13.49 4.02 1.08
CA ASP B 53 -14.50 4.57 0.17
C ASP B 53 -13.84 5.12 -1.10
N ALA B 54 -12.73 5.88 -0.96
CA ALA B 54 -11.99 6.45 -2.09
C ALA B 54 -11.44 5.37 -3.06
N THR B 55 -11.01 4.21 -2.52
CA THR B 55 -10.41 3.11 -3.30
C THR B 55 -11.40 2.02 -3.65
N ASN B 56 -12.69 2.18 -3.29
CA ASN B 56 -13.75 1.17 -3.52
C ASN B 56 -13.42 -0.12 -2.83
N ASP B 57 -12.83 0.01 -1.61
CA ASP B 57 -12.42 -1.09 -0.74
C ASP B 57 -11.27 -1.93 -1.28
N GLN B 58 -10.57 -1.47 -2.32
CA GLN B 58 -9.44 -2.18 -2.91
C GLN B 58 -8.27 -2.37 -1.92
N VAL B 59 -8.01 -1.36 -1.12
CA VAL B 59 -7.00 -1.32 -0.07
C VAL B 59 -7.16 -2.49 0.91
N THR B 60 -8.42 -2.86 1.25
CA THR B 60 -8.71 -3.97 2.16
C THR B 60 -8.23 -5.27 1.55
N LYS B 61 -8.59 -5.51 0.29
CA LYS B 61 -8.20 -6.71 -0.43
C LYS B 61 -6.67 -6.76 -0.63
N ASP B 62 -6.06 -5.62 -0.92
CA ASP B 62 -4.59 -5.53 -1.08
C ASP B 62 -3.89 -5.83 0.24
N ALA B 63 -4.44 -5.31 1.37
CA ALA B 63 -3.90 -5.57 2.71
C ALA B 63 -3.91 -7.06 2.99
N ALA B 64 -5.04 -7.77 2.72
CA ALA B 64 -5.16 -9.22 2.91
C ALA B 64 -4.15 -9.98 2.04
N GLU B 65 -4.00 -9.57 0.77
CA GLU B 65 -3.00 -10.14 -0.15
C GLU B 65 -1.58 -9.94 0.45
N ALA B 66 -1.26 -8.76 0.99
CA ALA B 66 0.06 -8.49 1.61
C ALA B 66 0.33 -9.37 2.84
N ILE B 67 -0.72 -9.64 3.65
CA ILE B 67 -0.55 -10.50 4.83
C ILE B 67 -0.18 -11.90 4.38
N LYS B 68 -0.85 -12.41 3.35
CA LYS B 68 -0.58 -13.72 2.78
C LYS B 68 0.86 -13.82 2.22
N LYS B 69 1.38 -12.72 1.66
CA LYS B 69 2.73 -12.73 1.10
C LYS B 69 3.84 -12.63 2.16
N HIS B 70 3.64 -11.73 3.14
CA HIS B 70 4.68 -11.44 4.11
C HIS B 70 4.54 -12.15 5.45
N ASN B 71 3.42 -12.87 5.66
CA ASN B 71 3.10 -13.75 6.80
C ASN B 71 2.82 -13.02 8.13
N VAL B 72 3.04 -11.72 8.21
CA VAL B 72 2.85 -10.98 9.46
C VAL B 72 2.01 -9.74 9.21
N GLY B 73 0.83 -9.72 9.83
CA GLY B 73 -0.07 -8.57 9.79
C GLY B 73 -0.44 -8.07 11.16
N VAL B 74 -0.44 -6.74 11.36
CA VAL B 74 -0.86 -6.06 12.61
C VAL B 74 -1.96 -5.06 12.21
N LYS B 75 -3.17 -5.24 12.75
CA LYS B 75 -4.32 -4.44 12.34
C LYS B 75 -4.91 -3.52 13.42
N CYS B 76 -5.15 -2.26 13.05
CA CYS B 76 -5.83 -1.27 13.88
C CYS B 76 -7.32 -1.49 13.70
N ALA B 77 -8.12 -1.20 14.74
CA ALA B 77 -9.57 -1.37 14.65
C ALA B 77 -10.16 -0.45 13.60
N THR B 78 -11.17 -0.93 12.90
CA THR B 78 -11.81 -0.18 11.81
C THR B 78 -13.33 -0.07 11.99
N ILE B 79 -13.92 0.96 11.42
CA ILE B 79 -15.36 1.13 11.39
C ILE B 79 -15.95 0.14 10.36
N THR B 80 -16.90 -0.70 10.82
CA THR B 80 -17.67 -1.54 9.92
C THR B 80 -18.93 -0.68 9.57
N PRO B 81 -19.12 -0.27 8.29
CA PRO B 81 -20.30 0.54 7.93
C PRO B 81 -21.66 -0.14 8.18
N ASP B 82 -22.61 0.69 8.57
CA ASP B 82 -24.03 0.41 8.75
C ASP B 82 -24.70 1.65 8.15
N GLU B 83 -26.03 1.77 8.27
CA GLU B 83 -26.81 2.89 7.74
C GLU B 83 -26.32 4.27 8.24
N LYS B 84 -26.11 4.39 9.56
CA LYS B 84 -25.64 5.63 10.18
C LYS B 84 -24.27 6.03 9.62
N ARG B 85 -23.34 5.04 9.47
CA ARG B 85 -22.00 5.28 8.93
C ARG B 85 -22.05 5.76 7.46
N VAL B 86 -23.01 5.22 6.64
CA VAL B 86 -23.19 5.63 5.22
C VAL B 86 -23.55 7.12 5.17
N GLU B 87 -24.43 7.55 6.10
CA GLU B 87 -24.86 8.93 6.23
C GLU B 87 -23.71 9.82 6.76
N GLU B 88 -23.04 9.37 7.85
CA GLU B 88 -21.96 10.12 8.47
C GLU B 88 -20.83 10.48 7.50
N PHE B 89 -20.43 9.52 6.66
CA PHE B 89 -19.29 9.75 5.76
C PHE B 89 -19.66 9.92 4.30
N LYS B 90 -20.96 9.91 3.98
CA LYS B 90 -21.49 10.02 2.60
C LYS B 90 -20.82 8.91 1.77
N LEU B 91 -20.89 7.66 2.26
CA LEU B 91 -20.27 6.50 1.62
C LEU B 91 -20.96 6.09 0.33
N LYS B 92 -20.18 5.60 -0.66
CA LYS B 92 -20.70 5.14 -1.97
C LYS B 92 -21.61 3.96 -1.78
N GLN B 93 -21.25 3.09 -0.83
CA GLN B 93 -22.03 1.93 -0.43
C GLN B 93 -21.67 1.50 0.99
N MET B 94 -22.46 0.57 1.58
CA MET B 94 -22.23 0.04 2.91
C MET B 94 -21.18 -1.06 2.76
N TRP B 95 -19.90 -0.65 2.68
CA TRP B 95 -18.76 -1.57 2.48
C TRP B 95 -18.75 -2.66 3.53
N LYS B 96 -18.35 -3.87 3.11
CA LYS B 96 -18.27 -5.01 4.01
C LYS B 96 -17.19 -4.76 5.05
N SER B 97 -17.34 -5.42 6.19
CA SER B 97 -16.43 -5.37 7.31
C SER B 97 -15.01 -5.71 6.81
N PRO B 98 -13.99 -4.84 7.02
CA PRO B 98 -12.63 -5.18 6.60
C PRO B 98 -12.19 -6.51 7.22
N ASN B 99 -12.67 -6.79 8.46
CA ASN B 99 -12.38 -7.99 9.24
C ASN B 99 -12.94 -9.22 8.57
N GLY B 100 -14.20 -9.15 8.13
CA GLY B 100 -14.84 -10.22 7.37
C GLY B 100 -14.09 -10.50 6.07
N THR B 101 -13.71 -9.43 5.32
CA THR B 101 -12.94 -9.59 4.07
C THR B 101 -11.57 -10.24 4.32
N ILE B 102 -10.79 -9.70 5.29
CA ILE B 102 -9.46 -10.25 5.59
C ILE B 102 -9.57 -11.73 6.02
N ARG B 103 -10.49 -12.04 6.99
CA ARG B 103 -10.68 -13.41 7.48
CA ARG B 103 -10.74 -13.40 7.49
C ARG B 103 -11.09 -14.39 6.37
N ASN B 104 -11.98 -13.97 5.44
CA ASN B 104 -12.39 -14.82 4.33
C ASN B 104 -11.25 -15.07 3.34
N ILE B 105 -10.40 -14.09 3.11
CA ILE B 105 -9.26 -14.30 2.20
C ILE B 105 -8.20 -15.21 2.85
N LEU B 106 -7.85 -14.94 4.12
CA LEU B 106 -6.81 -15.69 4.84
C LEU B 106 -7.24 -17.04 5.40
N GLY B 107 -8.42 -17.09 5.99
CA GLY B 107 -8.91 -18.29 6.66
C GLY B 107 -8.14 -18.53 7.97
N GLY B 108 -8.46 -19.61 8.64
CA GLY B 108 -7.77 -19.94 9.87
C GLY B 108 -8.63 -19.91 11.12
N THR B 109 -7.96 -19.91 12.27
CA THR B 109 -8.52 -20.00 13.62
C THR B 109 -8.18 -18.74 14.39
N VAL B 110 -9.15 -18.23 15.14
CA VAL B 110 -8.98 -17.03 15.95
C VAL B 110 -8.74 -17.47 17.39
N PHE B 111 -7.63 -16.99 18.00
CA PHE B 111 -7.32 -17.23 19.40
C PHE B 111 -7.43 -15.94 20.15
N ARG B 112 -8.26 -15.94 21.21
CA ARG B 112 -8.40 -14.77 22.07
C ARG B 112 -7.65 -15.05 23.36
N GLU B 113 -7.13 -13.99 24.00
CA GLU B 113 -6.37 -14.10 25.24
C GLU B 113 -6.37 -12.77 25.97
N ALA B 114 -6.84 -12.79 27.24
CA ALA B 114 -6.82 -11.61 28.11
C ALA B 114 -5.40 -11.41 28.61
N ILE B 115 -5.00 -10.15 28.78
CA ILE B 115 -3.69 -9.79 29.36
C ILE B 115 -3.91 -9.70 30.88
N ILE B 116 -3.17 -10.47 31.65
CA ILE B 116 -3.34 -10.57 33.10
C ILE B 116 -2.27 -9.80 33.89
N CYS B 117 -2.74 -8.98 34.84
CA CYS B 117 -1.92 -8.22 35.80
C CYS B 117 -2.29 -8.67 37.21
N LYS B 118 -1.31 -8.67 38.12
CA LYS B 118 -1.47 -9.08 39.53
C LYS B 118 -2.47 -8.23 40.32
N ASN B 119 -2.51 -6.89 40.06
CA ASN B 119 -3.37 -5.91 40.72
C ASN B 119 -4.72 -5.62 40.01
N ILE B 120 -5.04 -6.33 38.91
CA ILE B 120 -6.30 -6.13 38.18
C ILE B 120 -7.11 -7.38 38.40
N PRO B 121 -8.35 -7.25 38.94
CA PRO B 121 -9.12 -8.46 39.24
C PRO B 121 -9.55 -9.24 38.01
N ARG B 122 -9.76 -10.54 38.20
CA ARG B 122 -10.25 -11.43 37.14
C ARG B 122 -11.68 -11.79 37.54
N LEU B 123 -12.54 -12.11 36.55
CA LEU B 123 -13.92 -12.51 36.81
C LEU B 123 -14.00 -13.63 37.85
N VAL B 124 -13.18 -14.67 37.68
CA VAL B 124 -12.97 -15.76 38.63
C VAL B 124 -11.56 -15.46 39.17
N SER B 125 -11.44 -15.21 40.48
CA SER B 125 -10.15 -14.81 41.06
C SER B 125 -9.07 -15.91 41.02
N GLY B 126 -9.47 -17.18 40.97
CA GLY B 126 -8.53 -18.31 40.85
C GLY B 126 -7.69 -18.27 39.57
N TRP B 127 -8.16 -17.56 38.51
CA TRP B 127 -7.44 -17.41 37.25
C TRP B 127 -6.25 -16.50 37.43
N VAL B 128 -5.06 -17.08 37.61
CA VAL B 128 -3.81 -16.33 37.80
C VAL B 128 -2.93 -16.40 36.54
N LYS B 129 -3.36 -17.21 35.59
CA LYS B 129 -2.74 -17.32 34.28
C LYS B 129 -3.83 -17.10 33.22
N PRO B 130 -3.48 -16.52 32.04
CA PRO B 130 -4.50 -16.32 30.99
C PRO B 130 -5.07 -17.62 30.44
N ILE B 131 -6.30 -17.52 29.91
CA ILE B 131 -6.99 -18.59 29.23
C ILE B 131 -6.99 -18.20 27.72
N ILE B 132 -6.51 -19.12 26.85
CA ILE B 132 -6.53 -18.88 25.40
C ILE B 132 -7.70 -19.66 24.85
N ILE B 133 -8.65 -18.96 24.20
CA ILE B 133 -9.78 -19.59 23.58
C ILE B 133 -9.62 -19.55 22.06
N GLY B 134 -9.75 -20.71 21.44
CA GLY B 134 -9.68 -20.87 20.00
C GLY B 134 -11.01 -21.28 19.39
N HIS B 135 -11.34 -20.67 18.26
CA HIS B 135 -12.54 -20.97 17.45
C HIS B 135 -12.26 -20.70 15.99
N HIS B 136 -12.82 -21.52 15.11
CA HIS B 136 -12.60 -21.35 13.69
C HIS B 136 -13.28 -20.11 13.15
N ASP B 140 -20.50 -20.86 12.46
CA ASP B 140 -21.53 -21.88 12.26
C ASP B 140 -22.85 -21.20 11.86
N GLN B 141 -23.35 -20.26 12.71
CA GLN B 141 -24.54 -19.45 12.46
C GLN B 141 -24.29 -18.42 11.32
N TYR B 142 -23.01 -18.03 11.12
CA TYR B 142 -22.57 -17.06 10.11
C TYR B 142 -22.68 -17.62 8.69
N ARG B 143 -22.57 -18.95 8.54
CA ARG B 143 -22.69 -19.63 7.25
C ARG B 143 -23.94 -20.54 7.20
N ALA B 144 -25.00 -20.07 7.85
CA ALA B 144 -26.29 -20.74 7.91
C ALA B 144 -27.26 -20.10 6.92
N THR B 145 -28.18 -20.90 6.40
CA THR B 145 -29.25 -20.46 5.49
C THR B 145 -30.51 -20.66 6.32
N ASP B 146 -31.09 -19.55 6.79
CA ASP B 146 -32.28 -19.55 7.64
C ASP B 146 -33.45 -18.96 6.86
N PHE B 147 -34.67 -19.41 7.20
CA PHE B 147 -35.88 -18.94 6.50
C PHE B 147 -37.14 -19.10 7.35
N VAL B 148 -38.19 -18.36 6.98
CA VAL B 148 -39.49 -18.41 7.64
C VAL B 148 -40.31 -19.54 6.99
N VAL B 149 -40.96 -20.38 7.80
CA VAL B 149 -41.87 -21.44 7.35
C VAL B 149 -43.27 -20.78 7.47
N PRO B 150 -43.92 -20.38 6.35
CA PRO B 150 -45.17 -19.61 6.45
C PRO B 150 -46.41 -20.36 6.92
N GLY B 151 -46.37 -21.69 6.86
CA GLY B 151 -47.48 -22.53 7.30
C GLY B 151 -47.18 -24.02 7.22
N PRO B 152 -48.21 -24.89 7.43
CA PRO B 152 -47.98 -26.34 7.39
C PRO B 152 -47.26 -26.86 6.15
N GLY B 153 -46.45 -27.89 6.34
CA GLY B 153 -45.66 -28.50 5.29
C GLY B 153 -44.41 -29.19 5.80
N LYS B 154 -43.57 -29.63 4.86
CA LYS B 154 -42.36 -30.40 5.12
C LYS B 154 -41.08 -29.60 4.90
N VAL B 155 -40.14 -29.72 5.85
CA VAL B 155 -38.79 -29.19 5.74
C VAL B 155 -37.84 -30.42 5.67
N GLU B 156 -37.09 -30.54 4.57
CA GLU B 156 -36.14 -31.65 4.43
C GLU B 156 -34.77 -31.13 4.02
N ILE B 157 -33.73 -31.87 4.40
CA ILE B 157 -32.36 -31.55 4.04
C ILE B 157 -31.82 -32.72 3.25
N THR B 158 -31.22 -32.46 2.08
CA THR B 158 -30.73 -33.53 1.21
C THR B 158 -29.28 -33.39 0.82
N TYR B 159 -28.65 -34.53 0.59
CA TYR B 159 -27.26 -34.56 0.13
C TYR B 159 -27.23 -35.26 -1.21
N THR B 160 -26.76 -34.56 -2.24
CA THR B 160 -26.66 -35.11 -3.58
C THR B 160 -25.18 -35.35 -3.95
N PRO B 161 -24.70 -36.61 -3.99
CA PRO B 161 -23.29 -36.87 -4.38
C PRO B 161 -22.94 -36.39 -5.80
N SER B 162 -21.71 -35.91 -5.98
CA SER B 162 -21.20 -35.41 -7.25
C SER B 162 -20.97 -36.50 -8.31
N ASP B 163 -20.99 -37.78 -7.92
CA ASP B 163 -20.70 -38.91 -8.81
C ASP B 163 -21.96 -39.63 -9.37
N GLY B 164 -23.12 -39.00 -9.18
CA GLY B 164 -24.39 -39.55 -9.65
C GLY B 164 -25.02 -40.64 -8.80
N THR B 165 -24.36 -41.01 -7.66
CA THR B 165 -24.89 -42.07 -6.80
C THR B 165 -26.11 -41.56 -6.01
N GLN B 166 -26.85 -42.48 -5.38
CA GLN B 166 -28.09 -42.24 -4.65
C GLN B 166 -28.06 -41.03 -3.71
N LYS B 167 -29.01 -40.07 -3.88
CA LYS B 167 -29.14 -38.93 -3.00
C LYS B 167 -29.76 -39.36 -1.66
N VAL B 168 -29.36 -38.72 -0.58
CA VAL B 168 -29.85 -39.05 0.75
C VAL B 168 -30.74 -37.90 1.23
N THR B 169 -31.91 -38.24 1.79
CA THR B 169 -32.88 -37.25 2.28
C THR B 169 -33.09 -37.42 3.77
N TYR B 170 -33.14 -36.32 4.49
CA TYR B 170 -33.38 -36.36 5.92
C TYR B 170 -34.53 -35.42 6.18
N LEU B 171 -35.50 -35.87 6.98
CA LEU B 171 -36.62 -35.02 7.35
C LEU B 171 -36.17 -34.13 8.48
N VAL B 172 -36.28 -32.82 8.31
CA VAL B 172 -35.96 -31.88 9.40
C VAL B 172 -37.20 -31.82 10.31
N HIS B 173 -38.39 -31.52 9.72
CA HIS B 173 -39.65 -31.41 10.45
C HIS B 173 -40.87 -31.37 9.56
N ASN B 174 -41.94 -31.99 10.03
CA ASN B 174 -43.24 -31.93 9.38
C ASN B 174 -44.09 -30.99 10.23
N PHE B 175 -44.31 -29.77 9.73
CA PHE B 175 -45.14 -28.76 10.36
C PHE B 175 -46.59 -29.16 10.01
N GLU B 176 -47.27 -29.84 10.95
CA GLU B 176 -48.64 -30.32 10.72
C GLU B 176 -49.67 -29.21 10.86
N GLU B 177 -49.45 -28.31 11.82
CA GLU B 177 -50.31 -27.16 12.11
C GLU B 177 -49.39 -25.94 12.21
N GLY B 178 -49.81 -24.82 11.62
CA GLY B 178 -49.05 -23.57 11.62
C GLY B 178 -47.67 -23.61 10.99
N GLY B 179 -46.96 -22.50 11.11
CA GLY B 179 -45.61 -22.37 10.57
C GLY B 179 -44.51 -22.32 11.62
N GLY B 180 -43.50 -21.52 11.32
CA GLY B 180 -42.34 -21.34 12.17
C GLY B 180 -41.12 -20.87 11.42
N VAL B 181 -39.96 -21.46 11.76
CA VAL B 181 -38.65 -21.14 11.17
C VAL B 181 -37.82 -22.41 11.00
N ALA B 182 -36.92 -22.42 10.00
CA ALA B 182 -36.00 -23.53 9.78
C ALA B 182 -34.67 -23.02 9.24
N MET B 183 -33.60 -23.82 9.43
CA MET B 183 -32.28 -23.43 8.91
C MET B 183 -31.36 -24.63 8.64
N GLY B 184 -30.44 -24.42 7.70
CA GLY B 184 -29.41 -25.38 7.32
C GLY B 184 -28.06 -24.80 7.66
N MET B 185 -27.18 -25.64 8.25
CA MET B 185 -25.82 -25.26 8.66
C MET B 185 -24.84 -26.32 8.16
N TYR B 186 -23.59 -25.94 7.96
CA TYR B 186 -22.59 -26.90 7.49
C TYR B 186 -21.18 -26.57 8.00
N ASN B 187 -20.29 -27.54 7.86
CA ASN B 187 -18.87 -27.36 8.17
C ASN B 187 -18.06 -28.33 7.34
N GLN B 188 -16.92 -27.88 6.82
CA GLN B 188 -16.05 -28.72 5.99
C GLN B 188 -15.01 -29.37 6.86
N ASP B 189 -14.62 -30.62 6.54
CA ASP B 189 -13.61 -31.39 7.26
C ASP B 189 -12.30 -30.59 7.36
N LYS B 190 -11.87 -29.95 6.24
CA LYS B 190 -10.65 -29.15 6.12
C LYS B 190 -10.57 -28.05 7.18
N SER B 191 -11.68 -27.32 7.41
CA SER B 191 -11.80 -26.27 8.45
C SER B 191 -11.66 -26.90 9.83
N ILE B 192 -12.26 -28.08 10.08
CA ILE B 192 -12.13 -28.76 11.40
C ILE B 192 -10.65 -29.15 11.60
N GLU B 193 -10.05 -29.78 10.56
CA GLU B 193 -8.63 -30.16 10.55
C GLU B 193 -7.69 -28.96 10.77
N ASP B 194 -7.96 -27.80 10.15
CA ASP B 194 -7.15 -26.58 10.36
C ASP B 194 -7.28 -26.13 11.80
N PHE B 195 -8.52 -26.16 12.34
CA PHE B 195 -8.82 -25.81 13.72
C PHE B 195 -7.98 -26.69 14.69
N ALA B 196 -7.96 -28.00 14.45
CA ALA B 196 -7.23 -28.98 15.26
C ALA B 196 -5.73 -28.71 15.21
N HIS B 197 -5.11 -28.66 13.99
CA HIS B 197 -3.68 -28.40 13.84
C HIS B 197 -3.25 -27.11 14.52
N SER B 198 -4.01 -26.02 14.31
CA SER B 198 -3.74 -24.72 14.94
C SER B 198 -3.77 -24.84 16.44
N SER B 199 -4.78 -25.55 16.98
CA SER B 199 -4.96 -25.69 18.44
C SER B 199 -3.85 -26.53 19.06
N PHE B 200 -3.47 -27.68 18.41
CA PHE B 200 -2.39 -28.55 18.91
C PHE B 200 -1.06 -27.82 18.89
N GLN B 201 -0.78 -27.07 17.80
CA GLN B 201 0.46 -26.29 17.67
C GLN B 201 0.57 -25.16 18.69
N MET B 202 -0.56 -24.45 18.96
CA MET B 202 -0.68 -23.38 19.95
C MET B 202 -0.35 -23.94 21.33
N ALA B 203 -0.94 -25.10 21.69
CA ALA B 203 -0.71 -25.76 22.96
C ALA B 203 0.77 -26.15 23.17
N LEU B 204 1.44 -26.71 22.12
CA LEU B 204 2.86 -27.07 22.17
C LEU B 204 3.78 -25.85 22.29
N SER B 205 3.44 -24.73 21.63
CA SER B 205 4.30 -23.53 21.72
C SER B 205 4.22 -22.88 23.12
N LYS B 206 3.04 -22.92 23.76
CA LYS B 206 2.81 -22.39 25.10
C LYS B 206 3.33 -23.33 26.19
N GLY B 207 3.31 -24.64 25.91
CA GLY B 207 3.65 -25.65 26.91
C GLY B 207 2.49 -25.81 27.87
N TRP B 208 1.26 -25.64 27.36
CA TRP B 208 0.00 -25.68 28.10
C TRP B 208 -0.91 -26.77 27.58
N PRO B 209 -1.73 -27.38 28.46
CA PRO B 209 -2.69 -28.39 27.94
C PRO B 209 -3.82 -27.79 27.07
N LEU B 210 -4.48 -28.64 26.28
CA LEU B 210 -5.57 -28.26 25.39
C LEU B 210 -6.83 -29.07 25.66
N TYR B 211 -7.98 -28.40 25.55
CA TYR B 211 -9.27 -29.05 25.65
C TYR B 211 -10.10 -28.65 24.49
N LEU B 212 -10.87 -29.60 23.97
CA LEU B 212 -11.87 -29.27 22.97
C LEU B 212 -13.23 -29.45 23.64
N SER B 213 -14.13 -28.45 23.54
CA SER B 213 -15.48 -28.65 24.07
C SER B 213 -16.50 -28.75 22.93
N THR B 214 -17.45 -29.69 23.04
CA THR B 214 -18.53 -29.89 22.06
C THR B 214 -19.81 -30.26 22.83
N LYS B 215 -20.92 -30.39 22.10
CA LYS B 215 -22.24 -30.86 22.56
C LYS B 215 -22.50 -32.19 21.82
N ASN B 216 -21.47 -33.06 21.84
CA ASN B 216 -21.33 -34.40 21.29
C ASN B 216 -22.51 -35.33 21.66
N THR B 217 -23.11 -35.10 22.85
CA THR B 217 -24.23 -35.91 23.35
C THR B 217 -25.57 -35.54 22.69
N ILE B 218 -25.68 -34.31 22.15
CA ILE B 218 -26.89 -33.79 21.52
C ILE B 218 -26.70 -33.84 19.98
N LEU B 219 -25.62 -33.21 19.47
CA LEU B 219 -25.29 -33.22 18.04
C LEU B 219 -24.25 -34.32 17.84
N LYS B 220 -24.70 -35.56 17.86
CA LYS B 220 -23.87 -36.76 17.82
C LYS B 220 -23.12 -36.94 16.50
N LYS B 221 -23.68 -36.47 15.38
CA LYS B 221 -22.99 -36.63 14.10
C LYS B 221 -22.09 -35.43 13.83
N TYR B 222 -22.67 -34.21 13.99
CA TYR B 222 -22.06 -32.93 13.73
C TYR B 222 -20.88 -32.67 14.69
N ASP B 223 -21.14 -32.66 16.01
CA ASP B 223 -20.10 -32.47 17.02
C ASP B 223 -19.21 -33.70 17.19
N GLY B 224 -19.79 -34.90 17.01
CA GLY B 224 -19.06 -36.15 17.02
C GLY B 224 -17.92 -36.14 16.01
N ARG B 225 -18.12 -35.44 14.88
CA ARG B 225 -17.10 -35.28 13.84
C ARG B 225 -15.90 -34.42 14.31
N PHE B 226 -16.16 -33.30 15.01
CA PHE B 226 -15.11 -32.42 15.55
C PHE B 226 -14.28 -33.21 16.57
N LYS B 227 -14.99 -33.96 17.43
CA LYS B 227 -14.40 -34.81 18.44
C LYS B 227 -13.50 -35.87 17.79
N ASP B 228 -13.98 -36.58 16.78
CA ASP B 228 -13.20 -37.63 16.12
C ASP B 228 -12.02 -37.07 15.34
N ILE B 229 -12.23 -35.99 14.55
CA ILE B 229 -11.13 -35.36 13.77
C ILE B 229 -10.01 -34.92 14.70
N PHE B 230 -10.35 -34.19 15.81
CA PHE B 230 -9.34 -33.75 16.77
C PHE B 230 -8.62 -34.94 17.38
N GLN B 231 -9.40 -35.98 17.78
CA GLN B 231 -8.82 -37.17 18.41
C GLN B 231 -7.84 -37.93 17.53
N GLU B 232 -8.20 -38.18 16.27
CA GLU B 232 -7.30 -38.94 15.40
C GLU B 232 -6.07 -38.14 15.01
N ILE B 233 -6.18 -36.79 14.92
CA ILE B 233 -5.03 -35.92 14.67
C ILE B 233 -4.09 -35.96 15.90
N TYR B 234 -4.66 -35.85 17.11
CA TYR B 234 -3.88 -35.91 18.34
C TYR B 234 -3.15 -37.24 18.44
N ASP B 235 -3.91 -38.37 18.46
CA ASP B 235 -3.40 -39.73 18.56
C ASP B 235 -2.22 -40.04 17.61
N LYS B 236 -2.40 -39.71 16.34
CA LYS B 236 -1.41 -40.00 15.31
C LYS B 236 -0.35 -38.95 15.10
N GLN B 237 -0.62 -37.68 15.43
CA GLN B 237 0.38 -36.66 15.05
C GLN B 237 0.95 -35.78 16.17
N TYR B 238 0.33 -35.74 17.36
CA TYR B 238 0.79 -34.81 18.40
C TYR B 238 1.02 -35.40 19.78
N LYS B 239 0.38 -36.54 20.08
CA LYS B 239 0.39 -37.21 21.38
C LYS B 239 1.77 -37.35 22.02
N SER B 240 2.77 -37.83 21.25
CA SER B 240 4.11 -38.04 21.78
C SER B 240 4.83 -36.72 22.10
N GLN B 241 4.62 -35.68 21.27
CA GLN B 241 5.16 -34.34 21.50
C GLN B 241 4.52 -33.73 22.79
N PHE B 242 3.23 -33.98 23.01
CA PHE B 242 2.49 -33.50 24.20
C PHE B 242 3.03 -34.19 25.47
N GLU B 243 3.22 -35.52 25.39
CA GLU B 243 3.77 -36.34 26.47
C GLU B 243 5.16 -35.93 26.88
N ALA B 244 6.00 -35.57 25.88
CA ALA B 244 7.38 -35.12 26.06
C ALA B 244 7.42 -33.82 26.86
N GLN B 245 6.44 -32.93 26.65
CA GLN B 245 6.32 -31.65 27.35
C GLN B 245 5.44 -31.76 28.59
N LYS B 246 5.00 -32.99 28.92
CA LYS B 246 4.14 -33.34 30.07
C LYS B 246 2.80 -32.62 30.05
N ILE B 247 2.31 -32.29 28.84
CA ILE B 247 1.01 -31.66 28.63
C ILE B 247 0.10 -32.73 28.03
N TRP B 248 -1.17 -32.40 27.86
CA TRP B 248 -2.16 -33.35 27.36
C TRP B 248 -3.24 -32.64 26.54
N TYR B 249 -4.10 -33.44 25.89
CA TYR B 249 -5.27 -33.00 25.16
C TYR B 249 -6.41 -33.87 25.62
N GLU B 250 -7.59 -33.27 25.86
CA GLU B 250 -8.75 -34.03 26.23
C GLU B 250 -10.00 -33.35 25.72
N HIS B 251 -10.96 -34.14 25.24
CA HIS B 251 -12.26 -33.62 24.85
C HIS B 251 -13.12 -33.51 26.14
N ARG B 252 -13.95 -32.46 26.24
CA ARG B 252 -14.89 -32.29 27.34
C ARG B 252 -16.24 -31.87 26.80
N LEU B 253 -17.32 -32.36 27.43
CA LEU B 253 -18.64 -31.86 27.08
C LEU B 253 -18.68 -30.39 27.57
N ILE B 254 -19.31 -29.48 26.80
CA ILE B 254 -19.36 -28.05 27.14
C ILE B 254 -19.82 -27.81 28.61
N ASP B 255 -20.81 -28.57 29.12
CA ASP B 255 -21.32 -28.48 30.51
C ASP B 255 -20.19 -28.74 31.51
N ASP B 256 -19.37 -29.80 31.28
CA ASP B 256 -18.22 -30.08 32.13
C ASP B 256 -17.11 -29.05 31.97
N MET B 257 -16.87 -28.58 30.74
CA MET B 257 -15.80 -27.62 30.46
C MET B 257 -16.00 -26.27 31.16
N VAL B 258 -17.24 -25.75 31.18
CA VAL B 258 -17.55 -24.49 31.88
C VAL B 258 -17.15 -24.60 33.37
N ALA B 259 -17.57 -25.70 34.05
CA ALA B 259 -17.27 -25.91 35.48
C ALA B 259 -15.78 -26.07 35.69
N GLN B 260 -15.13 -26.87 34.82
CA GLN B 260 -13.69 -27.13 34.87
C GLN B 260 -12.91 -25.82 34.71
N ALA B 261 -13.27 -24.99 33.70
CA ALA B 261 -12.61 -23.70 33.45
C ALA B 261 -12.65 -22.81 34.70
N MET B 262 -13.81 -22.74 35.36
CA MET B 262 -14.07 -21.91 36.53
C MET B 262 -13.31 -22.34 37.77
N LYS B 263 -12.99 -23.63 37.88
CA LYS B 263 -12.26 -24.18 39.02
C LYS B 263 -10.76 -24.24 38.76
N SER B 264 -10.33 -23.86 37.54
CA SER B 264 -8.94 -23.86 37.05
C SER B 264 -8.18 -22.61 37.49
N GLU B 265 -6.87 -22.63 37.37
CA GLU B 265 -5.99 -21.49 37.64
C GLU B 265 -5.62 -20.76 36.36
N GLY B 266 -6.21 -21.20 35.24
CA GLY B 266 -5.92 -20.67 33.92
C GLY B 266 -4.73 -21.40 33.32
N GLY B 267 -4.10 -20.84 32.30
CA GLY B 267 -2.95 -21.47 31.65
C GLY B 267 -3.27 -22.71 30.83
N PHE B 268 -4.38 -22.67 30.10
CA PHE B 268 -4.73 -23.78 29.22
C PHE B 268 -5.27 -23.19 27.92
N ILE B 269 -5.30 -24.02 26.84
CA ILE B 269 -5.91 -23.67 25.56
C ILE B 269 -7.27 -24.33 25.53
N TRP B 270 -8.26 -23.58 25.08
CA TRP B 270 -9.64 -24.08 24.99
C TRP B 270 -10.13 -23.92 23.56
N ALA B 271 -10.25 -25.05 22.84
CA ALA B 271 -10.82 -25.04 21.49
C ALA B 271 -12.32 -25.19 21.75
N CYS B 272 -13.08 -24.12 21.52
CA CYS B 272 -14.51 -24.12 21.82
C CYS B 272 -15.27 -24.15 20.51
N LYS B 273 -15.88 -25.32 20.20
CA LYS B 273 -16.63 -25.52 18.96
C LYS B 273 -17.82 -24.56 18.80
N ASN B 274 -18.67 -24.45 19.83
CA ASN B 274 -19.84 -23.59 19.73
C ASN B 274 -19.49 -22.21 20.31
N TYR B 275 -18.48 -21.53 19.72
CA TYR B 275 -18.03 -20.26 20.27
C TYR B 275 -18.44 -19.01 19.53
N ASP B 276 -19.04 -18.09 20.29
CA ASP B 276 -19.39 -16.79 19.81
C ASP B 276 -18.44 -15.86 20.60
N GLY B 277 -17.25 -15.67 20.04
CA GLY B 277 -16.18 -14.86 20.61
C GLY B 277 -16.60 -13.47 21.01
N ASP B 278 -17.40 -12.82 20.13
CA ASP B 278 -17.97 -11.48 20.30
C ASP B 278 -18.84 -11.42 21.56
N VAL B 279 -19.51 -12.54 21.89
CA VAL B 279 -20.40 -12.61 23.05
C VAL B 279 -19.68 -13.16 24.32
N GLN B 280 -19.23 -14.41 24.28
CA GLN B 280 -18.66 -15.10 25.43
C GLN B 280 -17.30 -14.52 25.90
N SER B 281 -16.58 -13.79 25.03
CA SER B 281 -15.31 -13.18 25.43
C SER B 281 -15.41 -11.67 25.44
N ASP B 282 -15.63 -11.06 24.25
CA ASP B 282 -15.64 -9.60 24.08
C ASP B 282 -16.70 -8.87 24.90
N SER B 283 -17.96 -9.30 24.83
CA SER B 283 -19.09 -8.65 25.54
C SER B 283 -19.02 -8.86 27.06
N VAL B 284 -18.49 -10.01 27.49
CA VAL B 284 -18.28 -10.30 28.93
C VAL B 284 -17.19 -9.33 29.42
N ALA B 285 -16.08 -9.22 28.66
CA ALA B 285 -14.94 -8.35 28.97
C ALA B 285 -15.35 -6.88 28.95
N GLN B 286 -16.20 -6.49 27.97
CA GLN B 286 -16.74 -5.14 27.84
C GLN B 286 -17.57 -4.78 29.09
N GLY B 287 -18.48 -5.66 29.48
CA GLY B 287 -19.33 -5.45 30.65
C GLY B 287 -18.51 -5.38 31.94
N TYR B 288 -17.51 -6.28 32.06
CA TYR B 288 -16.58 -6.38 33.18
C TYR B 288 -15.61 -5.20 33.28
N GLY B 289 -15.36 -4.52 32.16
CA GLY B 289 -14.46 -3.37 32.11
C GLY B 289 -13.03 -3.71 31.75
N SER B 290 -12.80 -4.90 31.12
CA SER B 290 -11.46 -5.37 30.72
C SER B 290 -11.23 -5.52 29.19
N LEU B 291 -12.11 -4.95 28.34
CA LEU B 291 -11.97 -5.07 26.88
C LEU B 291 -10.67 -4.44 26.31
N GLY B 292 -10.13 -3.42 27.00
CA GLY B 292 -8.86 -2.80 26.58
C GLY B 292 -7.65 -3.72 26.82
N MET B 293 -7.88 -4.90 27.48
CA MET B 293 -6.84 -5.90 27.82
C MET B 293 -7.01 -7.22 27.04
N MET B 294 -7.94 -7.28 26.08
CA MET B 294 -8.23 -8.50 25.31
C MET B 294 -7.50 -8.52 23.92
N THR B 295 -6.70 -9.57 23.70
CA THR B 295 -5.96 -9.75 22.44
C THR B 295 -6.71 -10.72 21.55
N SER B 296 -6.40 -10.65 20.26
CA SER B 296 -6.94 -11.54 19.24
C SER B 296 -5.84 -11.81 18.20
N VAL B 297 -5.75 -13.06 17.74
CA VAL B 297 -4.79 -13.46 16.72
C VAL B 297 -5.46 -14.47 15.76
N LEU B 298 -5.34 -14.20 14.45
CA LEU B 298 -5.82 -15.11 13.43
C LEU B 298 -4.61 -15.95 12.98
N VAL B 299 -4.70 -17.28 13.14
CA VAL B 299 -3.62 -18.22 12.77
C VAL B 299 -4.07 -18.94 11.50
N CYS B 300 -3.39 -18.66 10.39
CA CYS B 300 -3.75 -19.22 9.08
C CYS B 300 -3.42 -20.71 8.91
N PRO B 301 -4.16 -21.46 8.03
CA PRO B 301 -3.89 -22.91 7.86
C PRO B 301 -2.47 -23.29 7.45
N ASP B 302 -1.74 -22.39 6.79
CA ASP B 302 -0.37 -22.63 6.32
C ASP B 302 0.67 -22.88 7.44
N GLY B 303 0.33 -22.51 8.68
CA GLY B 303 1.21 -22.61 9.84
C GLY B 303 2.32 -21.57 9.82
N LYS B 304 2.18 -20.55 8.97
CA LYS B 304 3.22 -19.52 8.80
C LYS B 304 2.68 -18.10 8.90
N THR B 305 1.40 -17.89 8.54
CA THR B 305 0.78 -16.56 8.48
C THR B 305 -0.03 -16.25 9.72
N VAL B 306 0.19 -15.06 10.28
CA VAL B 306 -0.52 -14.61 11.48
C VAL B 306 -1.01 -13.13 11.30
N GLU B 307 -2.22 -12.83 11.77
CA GLU B 307 -2.79 -11.48 11.77
C GLU B 307 -3.19 -11.16 13.22
N ALA B 308 -2.52 -10.18 13.82
CA ALA B 308 -2.77 -9.83 15.21
C ALA B 308 -3.48 -8.49 15.34
N GLU B 309 -4.40 -8.40 16.29
CA GLU B 309 -5.19 -7.18 16.52
C GLU B 309 -5.75 -7.17 17.96
N ALA B 310 -6.26 -5.99 18.39
CA ALA B 310 -7.01 -5.87 19.65
C ALA B 310 -8.37 -6.53 19.39
N ALA B 311 -8.97 -7.13 20.43
CA ALA B 311 -10.30 -7.72 20.26
C ALA B 311 -11.36 -6.60 20.22
N HIS B 312 -11.05 -5.43 20.78
CA HIS B 312 -11.99 -4.32 20.79
C HIS B 312 -12.09 -3.56 19.45
N GLY B 313 -13.08 -2.66 19.38
CA GLY B 313 -13.30 -1.81 18.23
C GLY B 313 -12.57 -0.50 18.27
N THR B 314 -13.09 0.51 17.55
CA THR B 314 -12.46 1.84 17.43
C THR B 314 -12.70 2.74 18.65
N VAL B 315 -13.56 2.31 19.60
CA VAL B 315 -13.88 3.06 20.82
C VAL B 315 -14.49 4.44 20.45
N THR B 316 -15.55 4.41 19.62
CA THR B 316 -16.28 5.58 19.12
C THR B 316 -16.67 6.55 20.26
N ARG B 317 -17.22 6.01 21.38
CA ARG B 317 -17.64 6.79 22.55
C ARG B 317 -16.54 7.70 23.07
N HIS B 318 -15.30 7.19 23.17
CA HIS B 318 -14.15 7.97 23.62
C HIS B 318 -13.71 8.97 22.57
N TYR B 319 -13.83 8.61 21.29
CA TYR B 319 -13.44 9.50 20.18
C TYR B 319 -14.39 10.72 20.18
N ARG B 320 -15.70 10.50 20.45
CA ARG B 320 -16.69 11.58 20.57
C ARG B 320 -16.36 12.50 21.73
N MET B 321 -15.88 11.94 22.85
CA MET B 321 -15.42 12.73 24.00
C MET B 321 -14.27 13.64 23.58
N TYR B 322 -13.21 13.04 22.97
CA TYR B 322 -12.03 13.72 22.42
C TYR B 322 -12.45 14.84 21.45
N GLN B 323 -13.46 14.60 20.61
CA GLN B 323 -13.94 15.59 19.64
C GLN B 323 -14.62 16.80 20.30
N LYS B 324 -15.27 16.60 21.47
CA LYS B 324 -15.93 17.66 22.27
C LYS B 324 -14.94 18.28 23.30
N GLY B 325 -13.66 17.93 23.21
CA GLY B 325 -12.63 18.45 24.11
C GLY B 325 -12.66 17.88 25.53
N GLN B 326 -13.32 16.73 25.73
CA GLN B 326 -13.36 16.07 27.03
C GLN B 326 -12.11 15.23 27.15
N GLU B 327 -11.51 15.14 28.36
CA GLU B 327 -10.31 14.31 28.59
C GLU B 327 -10.68 12.85 28.34
N THR B 328 -9.77 12.09 27.73
CA THR B 328 -10.00 10.65 27.51
C THR B 328 -8.98 9.84 28.29
N SER B 329 -9.32 8.57 28.56
CA SER B 329 -8.45 7.59 29.23
C SER B 329 -8.70 6.24 28.50
N THR B 330 -8.17 6.14 27.27
CA THR B 330 -8.35 4.95 26.43
C THR B 330 -7.17 4.00 26.58
N ASN B 331 -7.46 2.75 26.92
CA ASN B 331 -6.46 1.72 27.15
C ASN B 331 -5.70 1.30 25.85
N PRO B 332 -4.36 1.50 25.76
CA PRO B 332 -3.66 1.14 24.53
C PRO B 332 -3.03 -0.24 24.55
N ILE B 333 -3.23 -1.01 25.63
CA ILE B 333 -2.54 -2.28 25.86
C ILE B 333 -2.86 -3.36 24.80
N ALA B 334 -4.15 -3.64 24.50
CA ALA B 334 -4.52 -4.65 23.50
C ALA B 334 -3.90 -4.32 22.10
N SER B 335 -3.86 -3.02 21.74
CA SER B 335 -3.26 -2.47 20.52
C SER B 335 -1.74 -2.67 20.54
N ILE B 336 -1.11 -2.44 21.71
CA ILE B 336 0.32 -2.66 21.91
C ILE B 336 0.59 -4.14 21.69
N PHE B 337 -0.26 -5.01 22.24
CA PHE B 337 -0.05 -6.44 22.13
C PHE B 337 -0.31 -6.96 20.72
N ALA B 338 -1.02 -6.21 19.85
CA ALA B 338 -1.19 -6.62 18.45
C ALA B 338 0.19 -6.47 17.80
N TRP B 339 0.90 -5.40 18.13
CA TRP B 339 2.27 -5.16 17.64
C TRP B 339 3.27 -6.16 18.21
N THR B 340 3.23 -6.40 19.54
CA THR B 340 4.17 -7.33 20.18
C THR B 340 3.99 -8.76 19.68
N ARG B 341 2.74 -9.19 19.45
CA ARG B 341 2.48 -10.55 18.95
C ARG B 341 2.93 -10.69 17.51
N GLY B 342 2.68 -9.67 16.71
CA GLY B 342 3.12 -9.59 15.33
C GLY B 342 4.62 -9.62 15.21
N LEU B 343 5.30 -8.78 15.99
CA LEU B 343 6.76 -8.69 16.00
C LEU B 343 7.41 -9.98 16.51
N ALA B 344 6.78 -10.67 17.49
CA ALA B 344 7.23 -11.97 18.01
C ALA B 344 7.15 -13.06 16.94
N HIS B 345 6.09 -13.07 16.14
CA HIS B 345 5.92 -14.03 15.06
C HIS B 345 6.97 -13.75 13.96
N ARG B 346 7.15 -12.47 13.62
CA ARG B 346 8.16 -12.05 12.66
C ARG B 346 9.56 -12.57 13.10
N ALA B 347 9.90 -12.34 14.37
CA ALA B 347 11.18 -12.73 14.95
C ALA B 347 11.36 -14.27 14.95
N LYS B 348 10.30 -15.03 15.23
CA LYS B 348 10.30 -16.49 15.19
C LYS B 348 10.60 -17.02 13.76
N LEU B 349 9.95 -16.45 12.74
CA LEU B 349 10.14 -16.88 11.35
C LEU B 349 11.54 -16.55 10.85
N ASP B 350 12.07 -15.39 11.28
CA ASP B 350 13.38 -14.87 10.88
C ASP B 350 14.55 -15.29 11.79
N ASN B 351 14.30 -16.03 12.90
CA ASN B 351 15.30 -16.37 13.93
C ASN B 351 16.05 -15.09 14.36
N ASN B 352 15.28 -14.03 14.62
CA ASN B 352 15.78 -12.71 15.00
C ASN B 352 15.68 -12.59 16.54
N LYS B 353 16.81 -12.79 17.24
CA LYS B 353 16.87 -12.76 18.71
C LYS B 353 16.59 -11.39 19.32
N GLU B 354 17.14 -10.33 18.71
CA GLU B 354 16.99 -8.94 19.15
C GLU B 354 15.54 -8.48 19.05
N LEU B 355 14.84 -8.83 17.94
CA LEU B 355 13.45 -8.46 17.75
C LEU B 355 12.57 -9.23 18.76
N ALA B 356 12.87 -10.52 19.00
CA ALA B 356 12.15 -11.35 19.95
C ALA B 356 12.33 -10.84 21.37
N PHE B 357 13.54 -10.31 21.68
CA PHE B 357 13.85 -9.74 22.99
C PHE B 357 13.02 -8.47 23.16
N PHE B 358 13.00 -7.60 22.12
CA PHE B 358 12.22 -6.37 22.13
C PHE B 358 10.72 -6.61 22.36
N ALA B 359 10.12 -7.54 21.59
CA ALA B 359 8.69 -7.82 21.64
C ALA B 359 8.26 -8.26 23.03
N ASN B 360 9.06 -9.12 23.67
CA ASN B 360 8.78 -9.62 25.00
C ASN B 360 8.93 -8.52 26.05
N ALA B 361 9.98 -7.70 25.91
CA ALA B 361 10.28 -6.60 26.83
C ALA B 361 9.18 -5.53 26.83
N LEU B 362 8.56 -5.23 25.66
CA LEU B 362 7.46 -4.26 25.58
C LEU B 362 6.22 -4.83 26.25
N GLU B 363 5.99 -6.14 26.16
CA GLU B 363 4.86 -6.76 26.87
C GLU B 363 5.08 -6.64 28.40
N GLU B 364 6.30 -6.98 28.84
CA GLU B 364 6.73 -6.90 30.24
C GLU B 364 6.53 -5.47 30.78
N VAL B 365 7.02 -4.45 30.06
CA VAL B 365 6.87 -3.01 30.40
C VAL B 365 5.39 -2.64 30.56
N SER B 366 4.54 -3.12 29.63
CA SER B 366 3.10 -2.86 29.64
C SER B 366 2.48 -3.38 30.93
N ILE B 367 2.81 -4.63 31.29
CA ILE B 367 2.31 -5.31 32.48
C ILE B 367 2.87 -4.67 33.75
N GLU B 368 4.19 -4.42 33.80
CA GLU B 368 4.90 -3.78 34.92
C GLU B 368 4.37 -2.38 35.28
N THR B 369 4.06 -1.53 34.26
CA THR B 369 3.55 -0.15 34.44
C THR B 369 2.24 -0.18 35.23
N ILE B 370 1.33 -1.05 34.81
CA ILE B 370 0.03 -1.22 35.45
C ILE B 370 0.18 -1.74 36.88
N GLU B 371 1.02 -2.79 37.06
CA GLU B 371 1.32 -3.44 38.34
C GLU B 371 1.98 -2.49 39.34
N ALA B 372 2.68 -1.46 38.83
CA ALA B 372 3.33 -0.41 39.61
C ALA B 372 2.30 0.65 40.07
N GLY B 373 1.07 0.60 39.54
CA GLY B 373 -0.01 1.52 39.91
C GLY B 373 -0.41 2.59 38.89
N PHE B 374 0.24 2.59 37.71
CA PHE B 374 -0.01 3.55 36.62
C PHE B 374 -0.90 2.91 35.58
N MET B 375 -2.13 3.41 35.43
CA MET B 375 -3.10 2.81 34.51
C MET B 375 -4.12 3.79 33.98
N THR B 376 -4.89 3.38 32.96
CA THR B 376 -5.97 4.20 32.43
C THR B 376 -7.24 3.92 33.26
N LYS B 377 -8.27 4.78 33.12
CA LYS B 377 -9.54 4.78 33.86
C LYS B 377 -10.28 3.46 33.90
N ASP B 378 -10.33 2.75 32.77
CA ASP B 378 -11.00 1.44 32.67
C ASP B 378 -10.39 0.48 33.72
N LEU B 379 -9.05 0.46 33.83
CA LEU B 379 -8.44 -0.43 34.82
C LEU B 379 -8.71 0.06 36.25
N ALA B 380 -8.58 1.38 36.49
CA ALA B 380 -8.87 2.01 37.80
C ALA B 380 -10.29 1.64 38.27
N ALA B 381 -11.30 1.76 37.36
CA ALA B 381 -12.69 1.37 37.59
C ALA B 381 -12.86 -0.11 37.88
N CYS B 382 -12.05 -0.95 37.23
CA CYS B 382 -12.10 -2.41 37.39
C CYS B 382 -11.70 -2.77 38.84
N ILE B 383 -10.66 -2.11 39.40
CA ILE B 383 -10.17 -2.32 40.77
C ILE B 383 -11.20 -1.80 41.84
N LYS B 384 -11.52 -0.50 41.79
CA LYS B 384 -12.29 0.24 42.78
C LYS B 384 -13.80 0.40 42.54
N GLY B 385 -14.28 0.13 41.33
CA GLY B 385 -15.66 0.40 40.94
C GLY B 385 -15.72 1.82 40.42
N LEU B 386 -16.50 2.09 39.36
CA LEU B 386 -16.57 3.44 38.77
C LEU B 386 -16.96 4.54 39.81
N PRO B 387 -17.96 4.37 40.72
CA PRO B 387 -18.24 5.44 41.70
C PRO B 387 -17.07 5.90 42.57
N ASN B 388 -16.12 4.98 42.85
CA ASN B 388 -14.98 5.25 43.73
C ASN B 388 -13.75 5.80 43.06
N VAL B 389 -13.78 5.93 41.73
CA VAL B 389 -12.62 6.39 40.99
C VAL B 389 -12.44 7.90 41.06
N GLN B 390 -11.24 8.33 41.44
CA GLN B 390 -10.79 9.71 41.52
C GLN B 390 -9.80 9.92 40.38
N ARG B 391 -9.63 11.16 39.93
CA ARG B 391 -8.69 11.51 38.87
C ARG B 391 -7.25 11.07 39.20
N SER B 392 -6.88 11.09 40.48
CA SER B 392 -5.55 10.67 40.96
C SER B 392 -5.31 9.16 40.79
N ASP B 393 -6.39 8.36 40.66
CA ASP B 393 -6.34 6.92 40.45
C ASP B 393 -5.78 6.48 39.08
N TYR B 394 -5.89 7.36 38.06
CA TYR B 394 -5.47 6.98 36.70
C TYR B 394 -4.74 8.05 35.93
N LEU B 395 -4.33 7.68 34.70
CA LEU B 395 -3.66 8.58 33.77
C LEU B 395 -4.55 8.74 32.54
N ASN B 396 -4.42 9.87 31.83
CA ASN B 396 -5.23 10.05 30.63
C ASN B 396 -4.53 9.32 29.46
N THR B 397 -5.17 9.24 28.29
CA THR B 397 -4.63 8.56 27.10
C THR B 397 -3.15 8.89 26.84
N PHE B 398 -2.82 10.17 26.75
CA PHE B 398 -1.49 10.69 26.44
C PHE B 398 -0.50 10.53 27.59
N GLU B 399 -0.98 10.68 28.86
CA GLU B 399 -0.12 10.52 30.05
C GLU B 399 0.35 9.07 30.17
N PHE B 400 -0.57 8.12 29.93
CA PHE B 400 -0.27 6.70 29.99
C PHE B 400 0.73 6.28 28.90
N MET B 401 0.54 6.76 27.66
CA MET B 401 1.48 6.48 26.56
C MET B 401 2.86 7.04 26.89
N ASP B 402 2.94 8.27 27.48
CA ASP B 402 4.23 8.88 27.90
C ASP B 402 4.93 8.02 28.96
N LYS B 403 4.14 7.51 29.95
CA LYS B 403 4.65 6.65 31.02
C LYS B 403 5.24 5.33 30.46
N LEU B 404 4.54 4.69 29.51
CA LEU B 404 5.03 3.48 28.86
C LEU B 404 6.29 3.78 28.09
N GLY B 405 6.32 4.91 27.38
CA GLY B 405 7.49 5.35 26.62
C GLY B 405 8.70 5.53 27.52
N GLU B 406 8.48 6.12 28.71
CA GLU B 406 9.52 6.36 29.72
C GLU B 406 10.03 5.05 30.30
N ASN B 407 9.12 4.10 30.61
CA ASN B 407 9.48 2.80 31.15
C ASN B 407 10.14 1.88 30.15
N LEU B 408 9.70 1.94 28.88
CA LEU B 408 10.32 1.14 27.81
C LEU B 408 11.78 1.59 27.62
N LYS B 409 12.03 2.90 27.67
CA LYS B 409 13.41 3.42 27.52
C LYS B 409 14.33 2.84 28.62
N ILE B 410 13.90 2.89 29.90
CA ILE B 410 14.66 2.38 31.05
C ILE B 410 14.94 0.89 30.90
N LYS B 411 13.91 0.11 30.52
CA LYS B 411 13.98 -1.34 30.33
C LYS B 411 15.01 -1.79 29.28
N LEU B 412 14.98 -1.17 28.07
CA LEU B 412 15.87 -1.56 26.97
C LEU B 412 17.31 -1.15 27.18
N ALA B 413 17.56 -0.05 27.94
CA ALA B 413 18.90 0.43 28.26
C ALA B 413 19.59 -0.54 29.25
N GLN B 414 18.89 -0.90 30.35
CA GLN B 414 19.34 -1.81 31.41
C GLN B 414 19.76 -3.21 30.93
N ALA B 415 19.42 -3.57 29.67
CA ALA B 415 19.73 -4.87 29.08
C ALA B 415 21.14 -4.91 28.48
N LYS C 6 49.47 53.16 -48.87
CA LYS C 6 48.02 53.34 -48.87
C LYS C 6 47.31 52.22 -48.09
N LYS C 7 47.48 50.94 -48.53
CA LYS C 7 46.88 49.75 -47.92
C LYS C 7 47.29 49.54 -46.45
N ILE C 8 46.48 48.79 -45.69
CA ILE C 8 46.76 48.50 -44.29
C ILE C 8 47.79 47.36 -44.22
N SER C 9 48.76 47.49 -43.30
CA SER C 9 49.76 46.46 -43.05
C SER C 9 49.04 45.32 -42.30
N GLY C 10 49.12 44.12 -42.85
CA GLY C 10 48.44 42.95 -42.31
C GLY C 10 49.29 42.02 -41.48
N GLY C 11 50.53 41.78 -41.90
CA GLY C 11 51.42 40.87 -41.20
C GLY C 11 51.38 39.46 -41.76
N SER C 12 51.95 38.49 -41.00
CA SER C 12 52.09 37.09 -41.43
C SER C 12 50.85 36.23 -41.20
N VAL C 13 50.24 35.78 -42.30
CA VAL C 13 49.05 34.95 -42.26
C VAL C 13 49.23 33.71 -43.14
N VAL C 14 48.99 32.53 -42.54
CA VAL C 14 49.04 31.23 -43.22
C VAL C 14 47.66 30.95 -43.82
N GLU C 15 47.57 31.08 -45.15
CA GLU C 15 46.35 30.85 -45.91
C GLU C 15 46.34 29.40 -46.41
N MET C 16 45.12 28.82 -46.59
CA MET C 16 44.93 27.46 -47.11
C MET C 16 43.79 27.45 -48.07
N GLN C 17 44.09 27.20 -49.35
CA GLN C 17 43.08 27.14 -50.40
C GLN C 17 42.35 25.81 -50.31
N GLY C 18 41.11 25.78 -50.79
CA GLY C 18 40.29 24.59 -50.69
C GLY C 18 39.66 24.10 -51.97
N ASP C 19 38.46 23.53 -51.81
CA ASP C 19 37.73 22.88 -52.88
C ASP C 19 36.31 23.38 -53.13
N GLU C 20 35.85 23.09 -54.36
CA GLU C 20 34.51 23.28 -54.91
C GLU C 20 33.94 24.70 -54.68
N MET C 21 32.66 24.82 -54.24
CA MET C 21 31.98 26.10 -54.06
C MET C 21 32.72 27.05 -53.12
N THR C 22 33.24 26.55 -52.00
CA THR C 22 34.00 27.39 -51.07
C THR C 22 35.27 27.98 -51.71
N ARG C 23 35.96 27.23 -52.59
CA ARG C 23 37.14 27.70 -53.30
C ARG C 23 36.76 28.90 -54.18
N ILE C 24 35.60 28.81 -54.89
CA ILE C 24 35.06 29.87 -55.75
C ILE C 24 34.86 31.17 -54.92
N ILE C 25 34.16 31.04 -53.77
CA ILE C 25 33.85 32.10 -52.80
C ILE C 25 35.13 32.74 -52.21
N TRP C 26 36.09 31.88 -51.80
CA TRP C 26 37.37 32.22 -51.16
C TRP C 26 38.16 33.26 -51.94
N GLU C 27 38.24 33.07 -53.28
CA GLU C 27 38.95 33.96 -54.19
C GLU C 27 38.22 35.28 -54.32
N LEU C 28 36.87 35.23 -54.38
CA LEU C 28 36.01 36.43 -54.44
C LEU C 28 36.23 37.31 -53.20
N ILE C 29 36.39 36.67 -52.01
CA ILE C 29 36.64 37.35 -50.72
C ILE C 29 37.96 38.13 -50.79
N LYS C 30 39.08 37.45 -51.13
CA LYS C 30 40.40 38.07 -51.23
C LYS C 30 40.44 39.21 -52.25
N GLU C 31 39.97 38.92 -53.47
CA GLU C 31 39.95 39.88 -54.59
C GLU C 31 39.09 41.12 -54.31
N LYS C 32 37.88 40.95 -53.73
CA LYS C 32 36.95 42.07 -53.52
C LYS C 32 36.95 42.68 -52.11
N LEU C 33 37.26 41.89 -51.08
CA LEU C 33 37.17 42.37 -49.69
C LEU C 33 38.49 42.49 -48.93
N ILE C 34 39.47 41.61 -49.20
CA ILE C 34 40.73 41.64 -48.46
C ILE C 34 41.80 42.52 -49.15
N PHE C 35 42.30 42.07 -50.32
CA PHE C 35 43.40 42.68 -51.08
C PHE C 35 43.23 44.15 -51.46
N PRO C 36 42.04 44.71 -51.83
CA PRO C 36 41.99 46.15 -52.15
C PRO C 36 42.28 47.06 -50.97
N TYR C 37 42.37 46.52 -49.75
CA TYR C 37 42.55 47.30 -48.53
C TYR C 37 43.68 46.83 -47.64
N VAL C 38 44.05 45.55 -47.76
CA VAL C 38 45.05 44.95 -46.89
C VAL C 38 46.18 44.32 -47.72
N GLU C 39 47.41 44.54 -47.23
CA GLU C 39 48.67 44.03 -47.74
C GLU C 39 49.14 43.06 -46.65
N LEU C 40 49.23 41.78 -47.01
CA LEU C 40 49.59 40.73 -46.06
C LEU C 40 50.84 40.00 -46.49
N ASP C 41 51.55 39.44 -45.50
CA ASP C 41 52.67 38.55 -45.71
C ASP C 41 51.99 37.17 -45.77
N LEU C 42 51.35 36.87 -46.91
CA LEU C 42 50.64 35.62 -47.10
C LEU C 42 51.59 34.45 -47.31
N HIS C 43 51.29 33.34 -46.66
CA HIS C 43 52.02 32.07 -46.78
C HIS C 43 50.95 31.07 -47.20
N SER C 44 50.67 31.07 -48.50
CA SER C 44 49.62 30.28 -49.15
C SER C 44 50.00 28.82 -49.40
N TYR C 45 49.05 27.91 -49.16
CA TYR C 45 49.18 26.47 -49.36
C TYR C 45 47.93 25.98 -50.08
N ASP C 46 48.11 25.16 -51.14
CA ASP C 46 46.97 24.68 -51.93
C ASP C 46 46.48 23.34 -51.43
N LEU C 47 45.49 23.39 -50.50
CA LEU C 47 44.92 22.16 -49.95
C LEU C 47 43.74 21.64 -50.81
N GLY C 48 43.75 21.97 -52.09
CA GLY C 48 42.79 21.44 -53.05
C GLY C 48 43.12 19.96 -53.27
N ILE C 49 42.10 19.13 -53.54
CA ILE C 49 42.27 17.68 -53.70
C ILE C 49 43.24 17.29 -54.87
N GLU C 50 43.22 18.06 -55.98
CA GLU C 50 44.05 17.82 -57.16
C GLU C 50 45.54 18.08 -56.89
N ASN C 51 45.85 18.83 -55.83
CA ASN C 51 47.23 19.13 -55.41
C ASN C 51 47.62 18.30 -54.19
N ARG C 52 46.64 17.95 -53.32
CA ARG C 52 46.86 17.12 -52.12
C ARG C 52 47.28 15.71 -52.53
N ASP C 53 46.70 15.17 -53.62
CA ASP C 53 47.00 13.84 -54.15
C ASP C 53 48.39 13.83 -54.76
N ALA C 54 48.67 14.80 -55.66
CA ALA C 54 49.94 14.99 -56.35
C ALA C 54 51.14 15.11 -55.38
N THR C 55 50.99 15.93 -54.31
CA THR C 55 52.03 16.15 -53.28
C THR C 55 52.04 15.06 -52.21
N ASN C 56 51.19 14.02 -52.34
CA ASN C 56 51.03 12.90 -51.41
C ASN C 56 50.69 13.35 -49.96
N ASP C 57 49.79 14.35 -49.86
CA ASP C 57 49.27 15.00 -48.64
C ASP C 57 50.40 15.68 -47.82
N GLN C 58 51.45 16.13 -48.51
CA GLN C 58 52.58 16.83 -47.88
C GLN C 58 52.22 18.30 -47.73
N VAL C 59 51.43 18.85 -48.69
CA VAL C 59 50.93 20.22 -48.68
C VAL C 59 50.13 20.49 -47.38
N THR C 60 49.39 19.47 -46.92
CA THR C 60 48.58 19.45 -45.71
C THR C 60 49.51 19.56 -44.48
N LYS C 61 50.59 18.74 -44.45
CA LYS C 61 51.58 18.72 -43.36
C LYS C 61 52.33 20.06 -43.27
N ASP C 62 52.76 20.58 -44.44
CA ASP C 62 53.49 21.86 -44.58
C ASP C 62 52.63 23.03 -44.11
N ALA C 63 51.32 23.02 -44.47
CA ALA C 63 50.35 24.05 -44.09
C ALA C 63 50.25 24.12 -42.58
N ALA C 64 50.19 22.95 -41.92
CA ALA C 64 50.07 22.81 -40.47
C ALA C 64 51.28 23.38 -39.72
N GLU C 65 52.53 23.01 -40.12
CA GLU C 65 53.75 23.53 -39.47
C GLU C 65 53.90 25.04 -39.63
N ALA C 66 53.45 25.58 -40.78
CA ALA C 66 53.45 27.02 -41.07
C ALA C 66 52.56 27.82 -40.09
N ILE C 67 51.38 27.27 -39.67
CA ILE C 67 50.45 27.92 -38.71
C ILE C 67 51.12 27.98 -37.33
N LYS C 68 51.85 26.91 -36.96
CA LYS C 68 52.62 26.79 -35.73
C LYS C 68 53.70 27.89 -35.68
N LYS C 69 54.35 28.16 -36.84
CA LYS C 69 55.42 29.16 -37.00
C LYS C 69 54.90 30.62 -37.01
N HIS C 70 53.87 30.91 -37.83
CA HIS C 70 53.35 32.27 -37.99
C HIS C 70 52.22 32.63 -37.03
N ASN C 71 51.60 31.62 -36.37
CA ASN C 71 50.54 31.73 -35.33
C ASN C 71 49.09 31.98 -35.85
N VAL C 72 48.91 32.41 -37.11
CA VAL C 72 47.59 32.71 -37.67
C VAL C 72 47.33 31.92 -38.95
N GLY C 73 46.29 31.08 -38.92
CA GLY C 73 45.87 30.28 -40.07
C GLY C 73 44.43 30.53 -40.48
N VAL C 74 44.18 30.71 -41.80
CA VAL C 74 42.84 30.90 -42.37
C VAL C 74 42.62 29.82 -43.43
N LYS C 75 41.68 28.88 -43.16
CA LYS C 75 41.44 27.72 -43.99
C LYS C 75 40.10 27.69 -44.72
N CYS C 76 40.17 27.42 -46.04
CA CYS C 76 39.01 27.21 -46.89
C CYS C 76 38.51 25.80 -46.61
N ALA C 77 37.23 25.50 -46.91
CA ALA C 77 36.71 24.14 -46.71
C ALA C 77 37.35 23.19 -47.76
N THR C 78 37.70 21.97 -47.34
CA THR C 78 38.34 20.98 -48.20
C THR C 78 37.53 19.69 -48.27
N ILE C 79 37.64 18.96 -49.40
CA ILE C 79 36.97 17.67 -49.58
C ILE C 79 37.68 16.61 -48.70
N THR C 80 36.92 15.95 -47.79
CA THR C 80 37.45 14.86 -46.99
C THR C 80 37.25 13.59 -47.84
N PRO C 81 38.34 12.87 -48.20
CA PRO C 81 38.20 11.75 -49.13
C PRO C 81 37.48 10.50 -48.62
N ASP C 82 36.55 10.02 -49.47
CA ASP C 82 35.76 8.81 -49.31
C ASP C 82 35.94 7.98 -50.59
N GLU C 83 35.44 6.74 -50.59
CA GLU C 83 35.51 5.77 -51.71
C GLU C 83 34.96 6.35 -53.04
N LYS C 84 33.82 7.06 -52.98
CA LYS C 84 33.15 7.66 -54.14
C LYS C 84 33.93 8.81 -54.79
N ARG C 85 34.71 9.57 -54.00
CA ARG C 85 35.53 10.69 -54.49
C ARG C 85 36.75 10.21 -55.31
N VAL C 86 37.28 9.02 -54.95
CA VAL C 86 38.44 8.37 -55.60
C VAL C 86 38.22 8.20 -57.12
N GLU C 87 37.00 7.82 -57.54
CA GLU C 87 36.64 7.63 -58.96
C GLU C 87 36.62 8.94 -59.76
N GLU C 88 36.21 10.05 -59.12
CA GLU C 88 36.09 11.39 -59.71
C GLU C 88 37.46 12.04 -60.03
N PHE C 89 38.42 11.92 -59.10
CA PHE C 89 39.76 12.52 -59.22
C PHE C 89 40.90 11.53 -59.54
N LYS C 90 40.57 10.21 -59.66
CA LYS C 90 41.53 9.11 -59.90
C LYS C 90 42.60 9.16 -58.78
N LEU C 91 42.12 9.23 -57.52
CA LEU C 91 42.93 9.35 -56.31
C LEU C 91 43.89 8.19 -56.09
N LYS C 92 45.17 8.53 -55.84
CA LYS C 92 46.28 7.60 -55.59
C LYS C 92 46.23 6.97 -54.20
N GLN C 93 45.37 7.50 -53.31
CA GLN C 93 45.12 7.04 -51.93
C GLN C 93 43.94 7.81 -51.33
N MET C 94 43.13 7.14 -50.49
CA MET C 94 42.00 7.78 -49.79
C MET C 94 42.63 8.39 -48.53
N TRP C 95 43.19 9.59 -48.69
CA TRP C 95 43.93 10.37 -47.69
C TRP C 95 43.15 10.69 -46.41
N LYS C 96 43.86 11.19 -45.40
CA LYS C 96 43.30 11.59 -44.12
C LYS C 96 42.56 12.92 -44.28
N SER C 97 41.70 13.25 -43.29
CA SER C 97 40.96 14.51 -43.24
C SER C 97 41.98 15.63 -43.02
N PRO C 98 42.03 16.67 -43.90
CA PRO C 98 43.00 17.76 -43.69
C PRO C 98 42.87 18.45 -42.33
N ASN C 99 41.63 18.50 -41.80
CA ASN C 99 41.32 19.09 -40.51
C ASN C 99 41.79 18.20 -39.36
N GLY C 100 41.63 16.89 -39.53
CA GLY C 100 42.09 15.89 -38.58
C GLY C 100 43.60 15.97 -38.42
N THR C 101 44.30 16.06 -39.58
CA THR C 101 45.76 16.19 -39.69
C THR C 101 46.25 17.46 -38.97
N ILE C 102 45.65 18.64 -39.30
CA ILE C 102 45.99 19.94 -38.68
C ILE C 102 45.76 19.89 -37.17
N ARG C 103 44.58 19.39 -36.74
CA ARG C 103 44.22 19.27 -35.32
C ARG C 103 45.20 18.39 -34.55
N ASN C 104 45.63 17.27 -35.17
CA ASN C 104 46.57 16.34 -34.57
C ASN C 104 47.96 16.99 -34.41
N ILE C 105 48.36 17.84 -35.37
CA ILE C 105 49.63 18.54 -35.38
C ILE C 105 49.65 19.75 -34.41
N LEU C 106 48.64 20.64 -34.51
CA LEU C 106 48.57 21.85 -33.70
C LEU C 106 47.92 21.69 -32.34
N GLY C 107 46.93 20.80 -32.25
CA GLY C 107 46.18 20.61 -31.01
C GLY C 107 45.26 21.78 -30.72
N GLY C 108 44.81 21.89 -29.48
CA GLY C 108 43.92 22.96 -29.07
C GLY C 108 42.44 22.62 -29.18
N THR C 109 41.60 23.56 -28.69
CA THR C 109 40.15 23.47 -28.59
C THR C 109 39.46 24.18 -29.77
N VAL C 110 38.40 23.56 -30.30
CA VAL C 110 37.58 24.09 -31.40
C VAL C 110 36.42 24.85 -30.75
N PHE C 111 36.25 26.12 -31.14
CA PHE C 111 35.18 26.97 -30.62
C PHE C 111 34.28 27.35 -31.76
N ARG C 112 32.99 27.03 -31.61
CA ARG C 112 31.99 27.33 -32.62
C ARG C 112 31.20 28.56 -32.22
N GLU C 113 30.83 29.38 -33.20
CA GLU C 113 30.04 30.59 -32.96
C GLU C 113 29.21 30.96 -34.17
N ALA C 114 27.91 31.16 -33.96
CA ALA C 114 27.04 31.58 -35.06
C ALA C 114 26.95 33.11 -35.15
N ILE C 115 26.83 33.63 -36.37
CA ILE C 115 26.70 35.04 -36.66
C ILE C 115 25.24 35.45 -36.57
N ILE C 116 24.95 36.39 -35.65
CA ILE C 116 23.61 36.91 -35.38
C ILE C 116 23.31 38.19 -36.15
N CYS C 117 22.14 38.22 -36.82
CA CYS C 117 21.58 39.38 -37.52
C CYS C 117 20.19 39.59 -36.88
N LYS C 118 19.83 40.85 -36.56
CA LYS C 118 18.54 41.24 -35.95
C LYS C 118 17.28 40.73 -36.68
N ASN C 119 17.32 40.69 -38.02
CA ASN C 119 16.18 40.30 -38.86
C ASN C 119 16.14 38.82 -39.24
N ILE C 120 17.18 38.06 -38.81
CA ILE C 120 17.27 36.62 -39.07
C ILE C 120 16.91 35.95 -37.75
N PRO C 121 15.74 35.25 -37.70
CA PRO C 121 15.33 34.61 -36.43
C PRO C 121 16.33 33.58 -35.90
N ARG C 122 16.43 33.53 -34.57
CA ARG C 122 17.27 32.59 -33.84
C ARG C 122 16.33 31.49 -33.37
N LEU C 123 16.85 30.26 -33.21
CA LEU C 123 16.08 29.10 -32.73
C LEU C 123 15.45 29.40 -31.38
N VAL C 124 16.19 30.08 -30.51
CA VAL C 124 15.68 30.61 -29.26
C VAL C 124 15.68 32.14 -29.46
N SER C 125 14.46 32.72 -29.66
CA SER C 125 14.23 34.16 -29.93
C SER C 125 14.96 35.10 -28.96
N GLY C 126 15.11 34.67 -27.71
CA GLY C 126 15.79 35.41 -26.65
C GLY C 126 17.29 35.61 -26.84
N TRP C 127 17.92 34.79 -27.71
CA TRP C 127 19.35 34.91 -28.03
C TRP C 127 19.66 36.13 -28.90
N VAL C 128 20.10 37.22 -28.26
CA VAL C 128 20.48 38.44 -28.99
C VAL C 128 21.98 38.44 -29.24
N LYS C 129 22.74 37.78 -28.37
CA LYS C 129 24.19 37.71 -28.50
C LYS C 129 24.57 36.27 -28.82
N PRO C 130 25.62 36.03 -29.64
CA PRO C 130 26.01 34.66 -29.96
C PRO C 130 26.49 33.86 -28.74
N ILE C 131 26.28 32.53 -28.77
CA ILE C 131 26.75 31.59 -27.76
C ILE C 131 27.97 30.93 -28.39
N ILE C 132 29.09 30.90 -27.66
CA ILE C 132 30.32 30.26 -28.14
C ILE C 132 30.47 28.92 -27.41
N ILE C 133 30.66 27.84 -28.18
CA ILE C 133 30.78 26.51 -27.63
C ILE C 133 32.15 25.93 -27.89
N GLY C 134 32.82 25.55 -26.82
CA GLY C 134 34.13 24.91 -26.85
C GLY C 134 34.05 23.44 -26.44
N HIS C 135 34.82 22.62 -27.12
CA HIS C 135 34.88 21.16 -26.90
C HIS C 135 36.23 20.71 -27.42
N HIS C 136 36.76 19.59 -26.88
CA HIS C 136 38.04 19.00 -27.30
C HIS C 136 38.24 18.88 -28.82
N GLN C 141 34.21 9.99 -27.89
CA GLN C 141 33.67 8.90 -28.70
C GLN C 141 34.46 8.67 -29.99
N TYR C 142 35.23 9.68 -30.46
CA TYR C 142 36.09 9.56 -31.64
C TYR C 142 37.39 8.81 -31.27
N ARG C 143 37.68 8.77 -29.96
CA ARG C 143 38.81 8.13 -29.30
C ARG C 143 38.44 6.73 -28.76
N ALA C 144 37.16 6.32 -28.80
CA ALA C 144 36.71 5.06 -28.22
C ALA C 144 37.18 3.78 -28.93
N THR C 145 37.37 2.69 -28.16
CA THR C 145 37.71 1.37 -28.71
C THR C 145 36.54 0.47 -28.30
N ASP C 146 35.67 0.18 -29.26
CA ASP C 146 34.45 -0.61 -29.08
C ASP C 146 34.53 -1.96 -29.79
N PHE C 147 33.80 -2.96 -29.28
CA PHE C 147 33.80 -4.31 -29.86
C PHE C 147 32.54 -5.09 -29.47
N VAL C 148 32.30 -6.19 -30.20
CA VAL C 148 31.20 -7.11 -29.95
C VAL C 148 31.67 -8.17 -28.95
N VAL C 149 30.85 -8.45 -27.93
CA VAL C 149 31.06 -9.51 -26.97
C VAL C 149 30.20 -10.69 -27.55
N PRO C 150 30.79 -11.78 -28.11
CA PRO C 150 29.96 -12.80 -28.79
C PRO C 150 29.17 -13.75 -27.89
N GLY C 151 29.58 -13.90 -26.66
CA GLY C 151 28.89 -14.80 -25.75
C GLY C 151 29.38 -14.60 -24.35
N PRO C 152 28.99 -15.48 -23.41
CA PRO C 152 29.44 -15.32 -22.01
C PRO C 152 30.93 -15.17 -21.83
N GLY C 153 31.28 -14.39 -20.85
CA GLY C 153 32.67 -14.11 -20.54
C GLY C 153 32.85 -12.83 -19.76
N LYS C 154 34.11 -12.55 -19.42
CA LYS C 154 34.48 -11.43 -18.60
C LYS C 154 35.13 -10.32 -19.42
N VAL C 155 34.63 -9.08 -19.26
CA VAL C 155 35.23 -7.90 -19.87
C VAL C 155 35.89 -7.11 -18.73
N GLU C 156 37.19 -6.83 -18.88
CA GLU C 156 37.98 -6.13 -17.86
C GLU C 156 38.72 -5.00 -18.51
N ILE C 157 38.91 -3.91 -17.75
CA ILE C 157 39.71 -2.77 -18.20
C ILE C 157 40.89 -2.68 -17.22
N THR C 158 42.13 -2.62 -17.76
CA THR C 158 43.33 -2.64 -16.95
C THR C 158 44.27 -1.46 -17.22
N TYR C 159 45.03 -1.05 -16.17
CA TYR C 159 46.05 -0.02 -16.26
C TYR C 159 47.40 -0.64 -15.92
N THR C 160 48.34 -0.60 -16.86
CA THR C 160 49.67 -1.16 -16.65
C THR C 160 50.66 0.01 -16.61
N PRO C 161 51.19 0.37 -15.42
CA PRO C 161 52.20 1.47 -15.38
C PRO C 161 53.40 1.21 -16.30
N SER C 162 53.95 2.25 -16.95
CA SER C 162 55.11 2.03 -17.82
C SER C 162 56.43 1.80 -17.04
N ASP C 163 56.42 1.99 -15.70
CA ASP C 163 57.62 1.87 -14.88
C ASP C 163 57.85 0.45 -14.26
N GLY C 164 57.07 -0.53 -14.72
CA GLY C 164 57.16 -1.91 -14.24
C GLY C 164 56.41 -2.22 -12.98
N THR C 165 55.76 -1.22 -12.36
CA THR C 165 54.98 -1.47 -11.16
C THR C 165 53.62 -2.19 -11.53
N GLN C 166 52.96 -2.71 -10.51
CA GLN C 166 51.74 -3.52 -10.52
C GLN C 166 50.59 -2.95 -11.36
N LYS C 167 50.10 -3.74 -12.34
CA LYS C 167 48.92 -3.37 -13.14
C LYS C 167 47.66 -3.38 -12.27
N VAL C 168 46.71 -2.49 -12.56
CA VAL C 168 45.47 -2.35 -11.81
C VAL C 168 44.33 -2.86 -12.71
N THR C 169 43.45 -3.71 -12.17
CA THR C 169 42.36 -4.33 -12.93
C THR C 169 41.01 -3.86 -12.45
N TYR C 170 40.15 -3.52 -13.40
CA TYR C 170 38.78 -3.09 -13.12
C TYR C 170 37.85 -3.97 -13.94
N LEU C 171 36.85 -4.55 -13.28
CA LEU C 171 35.84 -5.34 -13.95
C LEU C 171 34.85 -4.41 -14.63
N VAL C 172 34.62 -4.61 -15.92
CA VAL C 172 33.60 -3.83 -16.65
C VAL C 172 32.28 -4.60 -16.45
N HIS C 173 32.25 -5.88 -16.85
CA HIS C 173 31.08 -6.74 -16.72
C HIS C 173 31.42 -8.22 -16.95
N ASN C 174 30.71 -9.07 -16.21
CA ASN C 174 30.72 -10.50 -16.36
C ASN C 174 29.41 -10.82 -17.10
N PHE C 175 29.50 -11.23 -18.39
CA PHE C 175 28.36 -11.61 -19.21
C PHE C 175 28.08 -13.08 -18.86
N GLU C 176 27.09 -13.32 -18.00
CA GLU C 176 26.73 -14.68 -17.57
C GLU C 176 25.97 -15.43 -18.66
N GLU C 177 25.03 -14.77 -19.31
CA GLU C 177 24.25 -15.38 -20.39
C GLU C 177 24.24 -14.44 -21.58
N GLY C 178 24.50 -14.98 -22.75
CA GLY C 178 24.52 -14.21 -23.98
C GLY C 178 25.68 -13.25 -24.14
N GLY C 179 25.67 -12.55 -25.26
CA GLY C 179 26.69 -11.56 -25.58
C GLY C 179 26.21 -10.12 -25.41
N GLY C 180 26.82 -9.25 -26.21
CA GLY C 180 26.53 -7.83 -26.16
C GLY C 180 27.64 -7.00 -26.74
N VAL C 181 27.89 -5.84 -26.15
CA VAL C 181 28.90 -4.91 -26.64
C VAL C 181 29.66 -4.29 -25.47
N ALA C 182 30.88 -3.83 -25.74
CA ALA C 182 31.70 -3.18 -24.75
C ALA C 182 32.64 -2.20 -25.43
N MET C 183 33.10 -1.20 -24.65
CA MET C 183 34.01 -0.18 -25.14
C MET C 183 34.82 0.49 -24.05
N GLY C 184 35.97 1.01 -24.45
CA GLY C 184 36.89 1.73 -23.59
C GLY C 184 37.10 3.12 -24.14
N MET C 185 37.15 4.10 -23.24
CA MET C 185 37.33 5.52 -23.58
C MET C 185 38.40 6.09 -22.63
N TYR C 186 39.06 7.16 -23.05
CA TYR C 186 40.07 7.83 -22.23
C TYR C 186 40.13 9.34 -22.56
N ASN C 187 40.82 10.08 -21.69
CA ASN C 187 41.15 11.49 -21.80
C ASN C 187 42.45 11.74 -21.04
N GLN C 188 43.35 12.50 -21.65
CA GLN C 188 44.64 12.83 -21.07
C GLN C 188 44.54 14.12 -20.27
N ASP C 189 45.20 14.20 -19.10
CA ASP C 189 45.21 15.40 -18.26
C ASP C 189 45.66 16.63 -19.09
N LYS C 190 46.71 16.48 -19.90
CA LYS C 190 47.24 17.53 -20.76
C LYS C 190 46.17 18.09 -21.70
N SER C 191 45.32 17.22 -22.30
CA SER C 191 44.22 17.62 -23.18
C SER C 191 43.18 18.41 -22.41
N ILE C 192 42.87 17.99 -21.17
CA ILE C 192 41.90 18.68 -20.30
C ILE C 192 42.49 20.10 -19.90
N GLU C 193 43.81 20.17 -19.67
CA GLU C 193 44.55 21.38 -19.30
C GLU C 193 44.54 22.35 -20.49
N ASP C 194 44.89 21.86 -21.69
CA ASP C 194 44.88 22.63 -22.95
C ASP C 194 43.50 23.19 -23.27
N PHE C 195 42.42 22.49 -22.83
CA PHE C 195 41.02 22.87 -23.00
C PHE C 195 40.65 23.90 -21.95
N ALA C 196 41.16 23.77 -20.72
CA ALA C 196 40.89 24.78 -19.68
C ALA C 196 41.53 26.12 -20.06
N HIS C 197 42.83 26.11 -20.45
CA HIS C 197 43.57 27.29 -20.88
C HIS C 197 42.90 27.98 -22.08
N SER C 198 42.60 27.22 -23.17
CA SER C 198 41.95 27.72 -24.39
C SER C 198 40.62 28.41 -24.10
N SER C 199 39.83 27.85 -23.17
CA SER C 199 38.53 28.35 -22.75
C SER C 199 38.62 29.60 -21.88
N PHE C 200 39.58 29.63 -20.91
CA PHE C 200 39.78 30.80 -20.05
C PHE C 200 40.29 31.99 -20.86
N GLN C 201 41.19 31.75 -21.84
CA GLN C 201 41.75 32.76 -22.75
C GLN C 201 40.70 33.27 -23.75
N MET C 202 39.74 32.42 -24.16
CA MET C 202 38.65 32.77 -25.07
C MET C 202 37.69 33.72 -24.36
N ALA C 203 37.37 33.43 -23.09
CA ALA C 203 36.47 34.24 -22.29
C ALA C 203 37.04 35.64 -22.00
N LEU C 204 38.37 35.73 -21.81
CA LEU C 204 39.06 36.99 -21.55
C LEU C 204 39.15 37.82 -22.82
N SER C 205 39.44 37.18 -23.97
CA SER C 205 39.56 37.82 -25.28
C SER C 205 38.22 38.34 -25.82
N LYS C 206 37.10 37.88 -25.23
CA LYS C 206 35.74 38.23 -25.64
C LYS C 206 35.01 39.10 -24.60
N GLY C 207 35.46 39.03 -23.35
CA GLY C 207 34.85 39.77 -22.24
C GLY C 207 33.51 39.20 -21.81
N TRP C 208 33.34 37.87 -21.96
CA TRP C 208 32.12 37.14 -21.60
C TRP C 208 32.40 36.10 -20.54
N PRO C 209 31.44 35.74 -19.66
CA PRO C 209 31.71 34.65 -18.70
C PRO C 209 31.83 33.27 -19.40
N LEU C 210 32.40 32.28 -18.67
CA LEU C 210 32.63 30.92 -19.14
C LEU C 210 31.99 29.91 -18.22
N TYR C 211 31.41 28.86 -18.80
CA TYR C 211 30.80 27.77 -18.06
C TYR C 211 31.32 26.45 -18.58
N LEU C 212 31.59 25.51 -17.66
CA LEU C 212 31.98 24.15 -18.03
C LEU C 212 30.84 23.25 -17.64
N SER C 213 30.42 22.36 -18.55
CA SER C 213 29.37 21.39 -18.23
C SER C 213 29.90 19.96 -18.23
N THR C 214 29.54 19.18 -17.22
CA THR C 214 29.93 17.77 -17.14
C THR C 214 28.76 17.01 -16.50
N LYS C 215 28.93 15.69 -16.35
CA LYS C 215 28.01 14.78 -15.66
C LYS C 215 28.85 14.14 -14.53
N ASN C 216 29.56 14.98 -13.73
CA ASN C 216 30.43 14.48 -12.65
C ASN C 216 29.67 13.82 -11.48
N THR C 217 28.32 13.85 -11.50
CA THR C 217 27.45 13.17 -10.54
C THR C 217 27.36 11.67 -10.92
N ILE C 218 27.50 11.36 -12.23
CA ILE C 218 27.44 10.01 -12.81
C ILE C 218 28.86 9.45 -12.97
N LEU C 219 29.69 10.10 -13.81
CA LEU C 219 31.08 9.72 -14.04
C LEU C 219 31.94 10.55 -13.08
N LYS C 220 31.85 10.21 -11.79
CA LYS C 220 32.50 10.88 -10.67
C LYS C 220 34.02 11.03 -10.80
N LYS C 221 34.70 10.00 -11.34
CA LYS C 221 36.15 10.03 -11.52
C LYS C 221 36.51 10.73 -12.80
N TYR C 222 35.95 10.23 -13.90
CA TYR C 222 36.21 10.68 -15.27
C TYR C 222 35.88 12.16 -15.46
N ASP C 223 34.62 12.56 -15.14
CA ASP C 223 34.17 13.94 -15.28
C ASP C 223 34.63 14.82 -14.13
N GLY C 224 34.86 14.21 -12.95
CA GLY C 224 35.37 14.87 -11.76
C GLY C 224 36.74 15.48 -12.03
N ARG C 225 37.53 14.82 -12.90
CA ARG C 225 38.87 15.24 -13.34
C ARG C 225 38.78 16.49 -14.21
N PHE C 226 37.72 16.63 -15.03
CA PHE C 226 37.51 17.81 -15.87
C PHE C 226 37.21 19.02 -14.99
N LYS C 227 36.29 18.85 -14.01
CA LYS C 227 35.85 19.87 -13.07
C LYS C 227 37.01 20.38 -12.18
N ASP C 228 37.85 19.45 -11.65
CA ASP C 228 38.97 19.79 -10.78
C ASP C 228 40.09 20.50 -11.54
N ILE C 229 40.43 20.02 -12.76
CA ILE C 229 41.51 20.64 -13.56
C ILE C 229 41.17 22.10 -13.93
N PHE C 230 39.90 22.35 -14.34
CA PHE C 230 39.45 23.69 -14.74
C PHE C 230 39.60 24.66 -13.56
N GLN C 231 39.05 24.27 -12.41
CA GLN C 231 39.06 24.98 -11.14
C GLN C 231 40.47 25.29 -10.62
N GLU C 232 41.40 24.34 -10.78
CA GLU C 232 42.79 24.46 -10.39
C GLU C 232 43.49 25.52 -11.24
N ILE C 233 43.27 25.47 -12.58
CA ILE C 233 43.85 26.41 -13.54
C ILE C 233 43.24 27.81 -13.34
N TYR C 234 41.91 27.88 -13.06
CA TYR C 234 41.19 29.14 -12.82
C TYR C 234 41.82 29.93 -11.66
N ASP C 235 41.76 29.35 -10.45
CA ASP C 235 42.26 29.89 -9.19
C ASP C 235 43.74 30.31 -9.19
N LYS C 236 44.58 29.63 -9.96
CA LYS C 236 46.01 29.91 -10.01
C LYS C 236 46.45 30.81 -11.17
N GLN C 237 45.70 30.84 -12.27
CA GLN C 237 46.16 31.59 -13.43
C GLN C 237 45.19 32.58 -14.04
N TYR C 238 43.90 32.59 -13.62
CA TYR C 238 42.93 33.44 -14.33
C TYR C 238 41.92 34.18 -13.49
N LYS C 239 41.57 33.69 -12.28
CA LYS C 239 40.56 34.33 -11.42
C LYS C 239 40.72 35.87 -11.31
N SER C 240 41.97 36.37 -11.11
CA SER C 240 42.25 37.81 -10.99
C SER C 240 41.96 38.55 -12.31
N GLN C 241 42.44 38.01 -13.45
CA GLN C 241 42.23 38.57 -14.79
C GLN C 241 40.75 38.62 -15.18
N PHE C 242 39.96 37.62 -14.74
CA PHE C 242 38.51 37.50 -14.96
C PHE C 242 37.80 38.55 -14.11
N GLU C 243 38.08 38.57 -12.78
CA GLU C 243 37.52 39.51 -11.80
C GLU C 243 37.82 40.98 -12.16
N ALA C 244 38.91 41.23 -12.92
CA ALA C 244 39.32 42.55 -13.43
C ALA C 244 38.76 42.81 -14.86
N GLN C 245 37.60 42.18 -15.17
CA GLN C 245 36.85 42.29 -16.42
C GLN C 245 35.36 42.11 -16.13
N LYS C 246 35.00 42.00 -14.83
CA LYS C 246 33.66 41.82 -14.26
C LYS C 246 32.97 40.51 -14.72
N ILE C 247 33.75 39.58 -15.30
CA ILE C 247 33.29 38.27 -15.77
C ILE C 247 33.65 37.18 -14.76
N TRP C 248 33.20 35.94 -15.02
CA TRP C 248 33.43 34.79 -14.13
C TRP C 248 33.52 33.44 -14.85
N TYR C 249 33.82 32.38 -14.08
CA TYR C 249 33.85 30.99 -14.51
C TYR C 249 33.11 30.17 -13.46
N GLU C 250 32.22 29.27 -13.92
CA GLU C 250 31.47 28.38 -13.04
C GLU C 250 31.23 27.02 -13.72
N HIS C 251 31.18 25.94 -12.92
CA HIS C 251 30.93 24.60 -13.42
C HIS C 251 29.44 24.39 -13.29
N ARG C 252 28.84 23.72 -14.27
CA ARG C 252 27.42 23.40 -14.27
C ARG C 252 27.21 21.96 -14.66
N LEU C 253 26.21 21.30 -14.05
CA LEU C 253 25.79 19.99 -14.50
C LEU C 253 25.06 20.25 -15.85
N ILE C 254 25.30 19.40 -16.87
CA ILE C 254 24.77 19.53 -18.22
C ILE C 254 23.25 19.83 -18.26
N ASP C 255 22.44 19.18 -17.41
CA ASP C 255 20.97 19.39 -17.33
C ASP C 255 20.61 20.84 -17.00
N ASP C 256 21.29 21.42 -15.98
CA ASP C 256 21.09 22.80 -15.53
C ASP C 256 21.59 23.77 -16.57
N MET C 257 22.69 23.42 -17.26
CA MET C 257 23.31 24.23 -18.31
C MET C 257 22.41 24.36 -19.53
N VAL C 258 21.75 23.26 -19.95
CA VAL C 258 20.85 23.28 -21.11
C VAL C 258 19.77 24.32 -20.87
N ALA C 259 19.05 24.18 -19.75
CA ALA C 259 17.97 25.07 -19.32
C ALA C 259 18.44 26.52 -19.21
N GLN C 260 19.56 26.76 -18.50
CA GLN C 260 20.19 28.07 -18.32
C GLN C 260 20.48 28.73 -19.67
N ALA C 261 21.13 28.01 -20.61
CA ALA C 261 21.48 28.50 -21.95
C ALA C 261 20.25 29.02 -22.72
N MET C 262 19.16 28.27 -22.66
CA MET C 262 17.92 28.60 -23.33
C MET C 262 17.16 29.76 -22.71
N LYS C 263 17.40 30.06 -21.42
CA LYS C 263 16.72 31.18 -20.72
C LYS C 263 17.59 32.43 -20.79
N SER C 264 18.83 32.26 -21.27
CA SER C 264 19.83 33.30 -21.45
C SER C 264 19.57 34.15 -22.70
N GLU C 265 20.33 35.24 -22.83
CA GLU C 265 20.32 36.19 -23.95
C GLU C 265 21.53 35.93 -24.85
N GLY C 266 22.37 34.97 -24.46
CA GLY C 266 23.60 34.63 -25.16
C GLY C 266 24.76 35.40 -24.56
N GLY C 267 25.86 35.48 -25.31
CA GLY C 267 27.04 36.21 -24.88
C GLY C 267 27.81 35.58 -23.73
N PHE C 268 28.01 34.26 -23.80
CA PHE C 268 28.81 33.49 -22.85
C PHE C 268 29.59 32.40 -23.60
N ILE C 269 30.61 31.85 -22.95
CA ILE C 269 31.42 30.76 -23.51
C ILE C 269 30.94 29.52 -22.79
N TRP C 270 30.75 28.43 -23.55
CA TRP C 270 30.28 27.18 -23.02
C TRP C 270 31.27 26.07 -23.38
N ALA C 271 32.11 25.70 -22.39
CA ALA C 271 33.05 24.59 -22.52
C ALA C 271 32.19 23.34 -22.23
N CYS C 272 31.98 22.52 -23.25
CA CYS C 272 31.12 21.34 -23.19
C CYS C 272 31.96 20.07 -23.29
N LYS C 273 31.96 19.27 -22.20
CA LYS C 273 32.75 18.03 -22.12
C LYS C 273 32.26 16.95 -23.10
N ASN C 274 31.08 16.37 -22.86
CA ASN C 274 30.58 15.36 -23.80
C ASN C 274 29.83 16.13 -24.87
N TYR C 275 30.57 16.55 -25.92
CA TYR C 275 30.00 17.33 -27.01
C TYR C 275 30.27 16.77 -28.37
N ASP C 276 29.20 16.65 -29.17
CA ASP C 276 29.28 16.23 -30.56
C ASP C 276 28.88 17.46 -31.35
N GLY C 277 29.88 18.25 -31.73
CA GLY C 277 29.72 19.49 -32.49
C GLY C 277 29.00 19.33 -33.82
N ASP C 278 29.28 18.20 -34.52
CA ASP C 278 28.67 17.82 -35.80
C ASP C 278 27.16 17.66 -35.67
N VAL C 279 26.69 17.31 -34.46
CA VAL C 279 25.29 17.06 -34.18
C VAL C 279 24.61 18.23 -33.44
N GLN C 280 25.10 18.59 -32.27
CA GLN C 280 24.51 19.62 -31.40
C GLN C 280 24.60 21.05 -31.93
N SER C 281 25.56 21.30 -32.84
CA SER C 281 25.70 22.61 -33.48
C SER C 281 25.45 22.52 -34.97
N ASP C 282 26.31 21.77 -35.69
CA ASP C 282 26.28 21.63 -37.15
C ASP C 282 24.98 21.07 -37.71
N SER C 283 24.51 19.91 -37.22
CA SER C 283 23.25 19.28 -37.68
C SER C 283 22.03 20.12 -37.33
N VAL C 284 22.06 20.76 -36.16
CA VAL C 284 20.97 21.64 -35.75
C VAL C 284 20.97 22.83 -36.70
N ALA C 285 22.16 23.43 -36.96
CA ALA C 285 22.32 24.56 -37.91
C ALA C 285 21.86 24.15 -39.31
N GLN C 286 22.28 22.97 -39.80
CA GLN C 286 21.90 22.44 -41.11
C GLN C 286 20.37 22.30 -41.24
N GLY C 287 19.72 21.71 -40.22
CA GLY C 287 18.27 21.55 -40.18
C GLY C 287 17.53 22.87 -40.09
N TYR C 288 18.08 23.81 -39.33
CA TYR C 288 17.55 25.17 -39.18
C TYR C 288 17.80 26.00 -40.45
N GLY C 289 18.78 25.62 -41.25
CA GLY C 289 19.16 26.32 -42.48
C GLY C 289 20.09 27.49 -42.25
N SER C 290 20.93 27.43 -41.20
CA SER C 290 21.85 28.49 -40.79
C SER C 290 23.36 28.12 -40.81
N LEU C 291 23.75 27.04 -41.53
CA LEU C 291 25.15 26.58 -41.64
C LEU C 291 26.09 27.65 -42.21
N GLY C 292 25.58 28.46 -43.13
CA GLY C 292 26.31 29.57 -43.76
C GLY C 292 26.64 30.70 -42.81
N MET C 293 26.06 30.68 -41.58
CA MET C 293 26.26 31.67 -40.51
C MET C 293 27.04 31.13 -39.32
N MET C 294 27.60 29.92 -39.42
CA MET C 294 28.33 29.27 -38.32
C MET C 294 29.88 29.32 -38.52
N THR C 295 30.61 29.83 -37.53
CA THR C 295 32.07 29.90 -37.59
C THR C 295 32.74 28.97 -36.62
N SER C 296 33.96 28.55 -36.97
CA SER C 296 34.80 27.68 -36.16
C SER C 296 36.22 28.29 -36.01
N VAL C 297 36.79 28.18 -34.80
CA VAL C 297 38.16 28.65 -34.58
C VAL C 297 38.92 27.67 -33.65
N LEU C 298 40.01 27.07 -34.17
CA LEU C 298 40.87 26.17 -33.39
C LEU C 298 41.82 27.07 -32.58
N VAL C 299 41.71 27.05 -31.25
CA VAL C 299 42.50 27.87 -30.36
C VAL C 299 43.49 27.00 -29.59
N CYS C 300 44.78 27.12 -29.95
CA CYS C 300 45.85 26.34 -29.32
C CYS C 300 46.12 26.85 -27.88
N PRO C 301 46.61 25.99 -26.94
CA PRO C 301 46.77 26.44 -25.53
C PRO C 301 47.74 27.61 -25.24
N ASP C 302 48.68 27.92 -26.17
CA ASP C 302 49.65 29.03 -26.00
C ASP C 302 48.98 30.41 -25.89
N GLY C 303 47.83 30.57 -26.55
CA GLY C 303 47.07 31.82 -26.60
C GLY C 303 47.55 32.68 -27.75
N LYS C 304 48.38 32.07 -28.64
CA LYS C 304 49.03 32.68 -29.77
C LYS C 304 48.67 32.01 -31.09
N THR C 305 48.49 30.68 -31.11
CA THR C 305 48.19 29.98 -32.36
C THR C 305 46.69 29.72 -32.53
N VAL C 306 46.14 30.15 -33.69
CA VAL C 306 44.73 30.00 -34.08
C VAL C 306 44.61 29.60 -35.55
N GLU C 307 43.59 28.79 -35.86
CA GLU C 307 43.25 28.42 -37.21
C GLU C 307 41.75 28.68 -37.34
N ALA C 308 41.39 29.69 -38.12
CA ALA C 308 40.01 30.09 -38.31
C ALA C 308 39.45 29.60 -39.62
N GLU C 309 38.19 29.13 -39.55
CA GLU C 309 37.46 28.58 -40.69
C GLU C 309 35.93 28.59 -40.52
N ALA C 310 35.20 28.33 -41.62
CA ALA C 310 33.74 28.23 -41.62
C ALA C 310 33.43 26.85 -41.10
N ALA C 311 32.34 26.70 -40.34
CA ALA C 311 31.97 25.39 -39.78
C ALA C 311 31.47 24.41 -40.84
N HIS C 312 30.88 24.94 -41.92
CA HIS C 312 30.35 24.17 -43.05
C HIS C 312 31.45 23.56 -43.94
N GLY C 313 31.02 22.80 -44.94
CA GLY C 313 31.89 22.14 -45.89
C GLY C 313 32.03 22.89 -47.21
N THR C 314 32.38 22.16 -48.28
CA THR C 314 32.65 22.74 -49.60
C THR C 314 31.41 23.13 -50.40
N VAL C 315 30.21 22.78 -49.88
CA VAL C 315 28.89 23.04 -50.48
C VAL C 315 28.86 22.44 -51.92
N THR C 316 29.13 21.12 -52.00
CA THR C 316 29.16 20.33 -53.24
C THR C 316 27.92 20.54 -54.12
N ARG C 317 26.70 20.40 -53.56
CA ARG C 317 25.43 20.56 -54.28
C ARG C 317 25.36 21.85 -55.09
N HIS C 318 25.75 22.98 -54.46
CA HIS C 318 25.77 24.30 -55.12
C HIS C 318 26.84 24.33 -56.22
N TYR C 319 28.05 23.77 -55.94
CA TYR C 319 29.18 23.73 -56.89
C TYR C 319 28.82 23.02 -58.22
N ARG C 320 27.96 21.99 -58.13
CA ARG C 320 27.48 21.23 -59.28
C ARG C 320 26.58 22.12 -60.15
N MET C 321 25.69 22.92 -59.51
CA MET C 321 24.81 23.86 -60.22
C MET C 321 25.66 24.93 -60.93
N TYR C 322 26.75 25.38 -60.27
CA TYR C 322 27.70 26.37 -60.81
C TYR C 322 28.38 25.82 -62.07
N GLN C 323 28.76 24.52 -62.05
CA GLN C 323 29.39 23.83 -63.19
C GLN C 323 28.38 23.64 -64.32
N LYS C 324 27.11 23.30 -63.95
CA LYS C 324 25.99 23.08 -64.86
C LYS C 324 25.35 24.38 -65.40
N GLY C 325 26.08 25.50 -65.29
CA GLY C 325 25.67 26.82 -65.75
C GLY C 325 24.50 27.47 -65.03
N GLN C 326 23.98 26.81 -63.97
CA GLN C 326 22.84 27.30 -63.17
C GLN C 326 23.28 28.37 -62.15
N GLU C 327 22.35 29.30 -61.83
CA GLU C 327 22.58 30.39 -60.88
C GLU C 327 22.63 29.86 -59.44
N THR C 328 23.65 30.28 -58.67
CA THR C 328 23.85 29.86 -57.27
C THR C 328 23.68 31.05 -56.32
N SER C 329 23.28 30.76 -55.06
CA SER C 329 23.14 31.76 -54.00
C SER C 329 23.72 31.18 -52.70
N THR C 330 25.05 31.00 -52.70
CA THR C 330 25.83 30.43 -51.58
C THR C 330 26.27 31.53 -50.62
N ASN C 331 25.91 31.35 -49.34
CA ASN C 331 26.24 32.28 -48.24
C ASN C 331 27.76 32.31 -47.98
N PRO C 332 28.40 33.51 -48.12
CA PRO C 332 29.86 33.59 -47.90
C PRO C 332 30.26 34.10 -46.52
N ILE C 333 29.30 34.38 -45.65
CA ILE C 333 29.57 35.01 -44.35
C ILE C 333 30.48 34.20 -43.45
N ALA C 334 30.20 32.89 -43.27
CA ALA C 334 31.07 32.05 -42.44
C ALA C 334 32.51 32.01 -43.01
N SER C 335 32.66 32.13 -44.34
CA SER C 335 33.96 32.20 -45.04
C SER C 335 34.67 33.57 -44.79
N ILE C 336 33.93 34.69 -44.87
CA ILE C 336 34.43 36.03 -44.58
C ILE C 336 34.89 36.09 -43.12
N PHE C 337 34.10 35.46 -42.21
CA PHE C 337 34.39 35.48 -40.79
C PHE C 337 35.60 34.61 -40.42
N ALA C 338 36.02 33.68 -41.31
CA ALA C 338 37.24 32.90 -41.12
C ALA C 338 38.40 33.91 -41.27
N TRP C 339 38.33 34.73 -42.33
CA TRP C 339 39.28 35.81 -42.61
C TRP C 339 39.29 36.87 -41.48
N THR C 340 38.11 37.43 -41.13
CA THR C 340 38.03 38.44 -40.05
C THR C 340 38.54 37.97 -38.69
N ARG C 341 38.30 36.69 -38.34
CA ARG C 341 38.76 36.15 -37.05
C ARG C 341 40.27 35.95 -37.02
N GLY C 342 40.83 35.52 -38.15
CA GLY C 342 42.27 35.35 -38.29
C GLY C 342 42.97 36.70 -38.25
N LEU C 343 42.43 37.69 -38.98
CA LEU C 343 42.98 39.05 -39.03
C LEU C 343 42.86 39.77 -37.66
N ALA C 344 41.76 39.52 -36.91
CA ALA C 344 41.54 40.07 -35.57
C ALA C 344 42.59 39.53 -34.60
N HIS C 345 42.91 38.22 -34.71
CA HIS C 345 43.90 37.58 -33.86
C HIS C 345 45.31 38.06 -34.22
N ARG C 346 45.61 38.22 -35.53
CA ARG C 346 46.87 38.76 -36.05
C ARG C 346 47.09 40.17 -35.47
N ALA C 347 46.04 41.01 -35.49
CA ALA C 347 46.07 42.37 -34.99
C ALA C 347 46.34 42.43 -33.48
N LYS C 348 45.75 41.50 -32.71
CA LYS C 348 45.93 41.39 -31.26
C LYS C 348 47.42 41.16 -30.94
N LEU C 349 48.05 40.19 -31.63
CA LEU C 349 49.47 39.84 -31.47
C LEU C 349 50.41 41.00 -31.85
N ASP C 350 50.14 41.68 -32.99
CA ASP C 350 50.96 42.77 -33.53
C ASP C 350 50.65 44.18 -32.99
N ASN C 351 49.62 44.32 -32.12
CA ASN C 351 49.15 45.61 -31.55
C ASN C 351 48.78 46.61 -32.66
N ASN C 352 48.35 46.06 -33.83
CA ASN C 352 47.97 46.74 -35.07
C ASN C 352 46.51 47.22 -35.00
N LYS C 353 46.30 48.51 -34.66
CA LYS C 353 44.98 49.15 -34.52
C LYS C 353 44.27 49.31 -35.87
N GLU C 354 45.05 49.48 -36.94
CA GLU C 354 44.55 49.64 -38.31
C GLU C 354 43.94 48.31 -38.83
N LEU C 355 44.62 47.16 -38.54
CA LEU C 355 44.15 45.84 -38.93
C LEU C 355 42.98 45.39 -38.07
N ALA C 356 43.02 45.66 -36.74
CA ALA C 356 41.94 45.40 -35.78
C ALA C 356 40.66 46.12 -36.18
N PHE C 357 40.79 47.37 -36.71
CA PHE C 357 39.63 48.12 -37.18
C PHE C 357 39.03 47.50 -38.46
N PHE C 358 39.91 47.06 -39.39
CA PHE C 358 39.47 46.50 -40.68
C PHE C 358 38.66 45.21 -40.48
N ALA C 359 39.18 44.29 -39.64
CA ALA C 359 38.56 43.02 -39.29
C ALA C 359 37.19 43.31 -38.67
N ASN C 360 37.11 44.30 -37.73
CA ASN C 360 35.87 44.73 -37.11
C ASN C 360 34.90 45.30 -38.13
N ALA C 361 35.37 46.20 -39.04
CA ALA C 361 34.53 46.82 -40.07
C ALA C 361 33.93 45.82 -41.08
N LEU C 362 34.71 44.82 -41.51
CA LEU C 362 34.22 43.80 -42.45
C LEU C 362 33.14 42.89 -41.82
N GLU C 363 33.26 42.57 -40.52
CA GLU C 363 32.22 41.82 -39.79
C GLU C 363 30.93 42.64 -39.76
N GLU C 364 31.05 43.95 -39.48
CA GLU C 364 29.93 44.87 -39.38
C GLU C 364 29.23 45.09 -40.70
N VAL C 365 29.98 45.28 -41.79
CA VAL C 365 29.41 45.47 -43.11
C VAL C 365 28.55 44.23 -43.48
N SER C 366 29.08 43.04 -43.15
CA SER C 366 28.46 41.74 -43.41
C SER C 366 27.11 41.66 -42.70
N ILE C 367 27.08 41.92 -41.38
CA ILE C 367 25.88 41.92 -40.56
C ILE C 367 24.90 42.97 -41.08
N GLU C 368 25.39 44.21 -41.30
CA GLU C 368 24.61 45.36 -41.75
C GLU C 368 23.95 45.19 -43.10
N THR C 369 24.65 44.57 -44.08
CA THR C 369 24.11 44.32 -45.43
C THR C 369 22.86 43.43 -45.31
N ILE C 370 22.96 42.34 -44.54
CA ILE C 370 21.86 41.40 -44.31
C ILE C 370 20.70 42.11 -43.62
N GLU C 371 21.00 42.85 -42.52
CA GLU C 371 20.03 43.63 -41.75
C GLU C 371 19.31 44.68 -42.57
N ALA C 372 19.93 45.15 -43.68
CA ALA C 372 19.39 46.13 -44.64
C ALA C 372 18.48 45.49 -45.70
N GLY C 373 18.41 44.16 -45.71
CA GLY C 373 17.56 43.41 -46.63
C GLY C 373 18.23 42.76 -47.81
N PHE C 374 19.55 42.81 -47.87
CA PHE C 374 20.32 42.25 -48.97
C PHE C 374 20.98 41.00 -48.43
N MET C 375 20.53 39.84 -48.94
CA MET C 375 20.97 38.54 -48.44
C MET C 375 20.90 37.40 -49.46
N THR C 376 21.57 36.29 -49.14
CA THR C 376 21.57 35.07 -49.96
C THR C 376 20.25 34.28 -49.70
N LYS C 377 19.94 33.31 -50.58
CA LYS C 377 18.72 32.50 -50.54
C LYS C 377 18.43 31.82 -49.20
N ASP C 378 19.45 31.23 -48.55
CA ASP C 378 19.31 30.54 -47.26
C ASP C 378 18.81 31.49 -46.16
N LEU C 379 19.28 32.76 -46.16
CA LEU C 379 18.90 33.77 -45.19
C LEU C 379 17.47 34.19 -45.43
N ALA C 380 17.12 34.39 -46.72
CA ALA C 380 15.76 34.70 -47.13
C ALA C 380 14.81 33.55 -46.67
N ALA C 381 15.26 32.28 -46.78
CA ALA C 381 14.55 31.08 -46.33
C ALA C 381 14.30 31.04 -44.81
N CYS C 382 15.21 31.63 -43.99
CA CYS C 382 15.02 31.69 -42.53
C CYS C 382 13.87 32.63 -42.18
N ILE C 383 13.63 33.63 -43.02
CA ILE C 383 12.54 34.57 -42.81
C ILE C 383 11.22 33.99 -43.33
N LYS C 384 11.20 33.61 -44.61
CA LYS C 384 9.99 33.17 -45.33
C LYS C 384 9.60 31.70 -45.12
N GLY C 385 10.57 30.84 -44.84
CA GLY C 385 10.38 29.41 -44.69
C GLY C 385 11.12 28.74 -45.82
N LEU C 386 11.83 27.64 -45.50
CA LEU C 386 12.66 26.87 -46.45
C LEU C 386 12.03 26.72 -47.88
N PRO C 387 10.76 26.28 -48.04
CA PRO C 387 10.23 26.17 -49.40
C PRO C 387 9.63 27.44 -49.99
N ASN C 388 9.58 28.55 -49.23
CA ASN C 388 8.86 29.76 -49.64
C ASN C 388 9.69 30.97 -50.13
N VAL C 389 10.85 30.72 -50.74
CA VAL C 389 11.67 31.82 -51.26
C VAL C 389 11.38 32.12 -52.75
N GLN C 390 11.21 33.41 -53.10
CA GLN C 390 11.07 33.93 -54.47
C GLN C 390 12.42 34.51 -54.93
N ARG C 391 12.68 34.58 -56.25
CA ARG C 391 13.95 35.11 -56.76
C ARG C 391 14.21 36.55 -56.31
N SER C 392 13.13 37.34 -56.17
CA SER C 392 13.15 38.74 -55.76
C SER C 392 13.53 38.91 -54.27
N ASP C 393 13.53 37.81 -53.49
CA ASP C 393 13.86 37.89 -52.06
C ASP C 393 15.34 37.87 -51.78
N TYR C 394 16.13 37.35 -52.72
CA TYR C 394 17.56 37.20 -52.52
C TYR C 394 18.43 37.68 -53.69
N LEU C 395 19.75 37.72 -53.42
CA LEU C 395 20.78 38.05 -54.39
C LEU C 395 21.56 36.77 -54.64
N ASN C 396 22.11 36.58 -55.84
CA ASN C 396 22.95 35.40 -56.11
C ASN C 396 24.35 35.57 -55.48
N THR C 397 25.18 34.51 -55.49
CA THR C 397 26.54 34.47 -54.94
C THR C 397 27.37 35.75 -55.28
N PHE C 398 27.52 36.04 -56.59
CA PHE C 398 28.28 37.19 -57.13
C PHE C 398 27.59 38.52 -56.86
N GLU C 399 26.24 38.54 -56.87
CA GLU C 399 25.47 39.75 -56.58
C GLU C 399 25.70 40.18 -55.13
N PHE C 400 25.65 39.20 -54.18
CA PHE C 400 25.82 39.47 -52.76
C PHE C 400 27.23 39.98 -52.40
N MET C 401 28.26 39.35 -52.96
CA MET C 401 29.67 39.74 -52.82
C MET C 401 29.90 41.19 -53.27
N ASP C 402 29.22 41.62 -54.36
CA ASP C 402 29.27 42.97 -54.92
C ASP C 402 28.69 43.98 -53.94
N LYS C 403 27.51 43.66 -53.36
CA LYS C 403 26.83 44.52 -52.40
C LYS C 403 27.69 44.71 -51.13
N LEU C 404 28.36 43.64 -50.69
CA LEU C 404 29.30 43.66 -49.56
C LEU C 404 30.47 44.60 -49.89
N GLY C 405 31.01 44.45 -51.10
CA GLY C 405 32.12 45.26 -51.63
C GLY C 405 31.84 46.74 -51.57
N GLU C 406 30.65 47.15 -52.08
CA GLU C 406 30.15 48.52 -52.13
C GLU C 406 30.00 49.08 -50.74
N ASN C 407 29.36 48.32 -49.84
CA ASN C 407 29.16 48.73 -48.46
C ASN C 407 30.48 48.83 -47.70
N LEU C 408 31.48 47.99 -48.03
CA LEU C 408 32.79 48.00 -47.39
C LEU C 408 33.55 49.29 -47.76
N LYS C 409 33.45 49.72 -49.03
CA LYS C 409 34.04 50.95 -49.56
C LYS C 409 33.52 52.18 -48.80
N ILE C 410 32.17 52.36 -48.77
CA ILE C 410 31.48 53.47 -48.08
C ILE C 410 31.86 53.57 -46.60
N LYS C 411 31.80 52.43 -45.88
CA LYS C 411 32.11 52.30 -44.45
C LYS C 411 33.54 52.75 -44.11
N LEU C 412 34.52 52.32 -44.93
CA LEU C 412 35.93 52.61 -44.74
C LEU C 412 36.26 54.09 -45.03
N ALA C 413 35.53 54.71 -45.98
CA ALA C 413 35.67 56.12 -46.34
C ALA C 413 35.10 57.03 -45.23
N GLN C 414 33.98 56.62 -44.63
CA GLN C 414 33.29 57.38 -43.57
C GLN C 414 33.95 57.26 -42.20
N ALA C 415 34.97 56.39 -42.05
CA ALA C 415 35.66 56.13 -40.77
C ALA C 415 36.84 57.07 -40.42
N LYS C 416 37.40 57.78 -41.43
CA LYS C 416 38.53 58.69 -41.27
C LYS C 416 38.32 59.74 -40.15
N LEU C 417 37.16 60.40 -40.18
CA LEU C 417 36.68 61.46 -39.28
C LEU C 417 36.62 61.01 -37.82
N LYS D 7 -52.10 -22.15 62.65
CA LYS D 7 -51.47 -22.47 61.37
C LYS D 7 -52.01 -21.63 60.23
N ILE D 8 -51.13 -21.30 59.28
CA ILE D 8 -51.50 -20.57 58.07
C ILE D 8 -52.04 -21.59 57.08
N SER D 9 -53.22 -21.31 56.50
CA SER D 9 -53.87 -22.15 55.49
C SER D 9 -53.00 -22.11 54.21
N GLY D 10 -52.68 -23.28 53.68
CA GLY D 10 -51.82 -23.40 52.51
C GLY D 10 -52.55 -23.52 51.18
N GLY D 11 -53.29 -24.62 51.04
CA GLY D 11 -54.03 -24.95 49.82
C GLY D 11 -53.48 -26.17 49.12
N SER D 12 -53.89 -26.37 47.85
CA SER D 12 -53.46 -27.51 47.05
C SER D 12 -52.03 -27.36 46.50
N VAL D 13 -51.13 -28.34 46.81
CA VAL D 13 -49.71 -28.38 46.39
C VAL D 13 -49.28 -29.85 46.09
N VAL D 14 -48.75 -30.10 44.88
CA VAL D 14 -48.26 -31.41 44.41
C VAL D 14 -46.78 -31.56 44.82
N GLU D 15 -46.44 -32.63 45.55
CA GLU D 15 -45.08 -32.89 46.02
C GLU D 15 -44.48 -34.15 45.40
N MET D 16 -43.20 -34.08 45.02
CA MET D 16 -42.47 -35.21 44.43
C MET D 16 -41.20 -35.52 45.25
N GLN D 17 -41.23 -36.66 45.94
CA GLN D 17 -40.12 -37.13 46.78
C GLN D 17 -38.99 -37.61 45.87
N GLY D 18 -37.76 -37.33 46.27
CA GLY D 18 -36.60 -37.69 45.46
C GLY D 18 -35.70 -38.73 46.07
N ASP D 19 -34.40 -38.60 45.79
CA ASP D 19 -33.40 -39.57 46.23
C ASP D 19 -32.22 -38.99 47.00
N GLU D 20 -31.47 -39.92 47.60
CA GLU D 20 -30.20 -39.78 48.30
C GLU D 20 -30.16 -38.57 49.28
N MET D 21 -29.10 -37.74 49.25
CA MET D 21 -28.95 -36.60 50.15
C MET D 21 -30.10 -35.60 50.09
N THR D 22 -30.61 -35.30 48.87
CA THR D 22 -31.74 -34.37 48.72
C THR D 22 -32.99 -34.89 49.45
N ARG D 23 -33.26 -36.24 49.43
CA ARG D 23 -34.40 -36.85 50.13
CA ARG D 23 -34.39 -36.85 50.11
C ARG D 23 -34.28 -36.63 51.64
N ILE D 24 -33.07 -36.82 52.21
CA ILE D 24 -32.78 -36.62 53.64
C ILE D 24 -33.19 -35.20 54.05
N ILE D 25 -32.70 -34.20 53.31
CA ILE D 25 -32.93 -32.77 53.50
C ILE D 25 -34.39 -32.39 53.30
N TRP D 26 -35.01 -32.95 52.24
CA TRP D 26 -36.41 -32.74 51.86
C TRP D 26 -37.34 -32.99 53.05
N GLU D 27 -37.18 -34.15 53.74
CA GLU D 27 -38.01 -34.49 54.92
C GLU D 27 -37.81 -33.53 56.07
N LEU D 28 -36.56 -33.08 56.28
CA LEU D 28 -36.21 -32.12 57.33
C LEU D 28 -36.84 -30.73 57.11
N ILE D 29 -36.99 -30.31 55.83
CA ILE D 29 -37.60 -29.00 55.47
C ILE D 29 -39.08 -29.06 55.83
N LYS D 30 -39.76 -30.12 55.38
CA LYS D 30 -41.17 -30.39 55.60
C LYS D 30 -41.56 -30.37 57.09
N GLU D 31 -40.83 -31.10 57.95
CA GLU D 31 -41.12 -31.21 59.38
C GLU D 31 -40.60 -30.05 60.26
N LYS D 32 -39.51 -29.36 59.85
CA LYS D 32 -38.96 -28.28 60.71
C LYS D 32 -39.38 -26.88 60.28
N LEU D 33 -39.65 -26.68 58.97
CA LEU D 33 -39.93 -25.34 58.48
C LEU D 33 -41.32 -25.14 57.88
N ILE D 34 -41.89 -26.18 57.25
CA ILE D 34 -43.19 -26.03 56.58
C ILE D 34 -44.35 -26.44 57.53
N PHE D 35 -44.52 -27.76 57.86
CA PHE D 35 -45.61 -28.30 58.70
C PHE D 35 -45.82 -27.58 60.07
N PRO D 36 -44.82 -27.24 60.92
CA PRO D 36 -45.13 -26.56 62.19
C PRO D 36 -45.86 -25.21 62.09
N TYR D 37 -45.97 -24.63 60.87
CA TYR D 37 -46.58 -23.33 60.66
C TYR D 37 -47.68 -23.30 59.58
N VAL D 38 -47.67 -24.27 58.63
CA VAL D 38 -48.63 -24.30 57.52
C VAL D 38 -49.29 -25.67 57.36
N GLU D 39 -50.63 -25.67 57.19
CA GLU D 39 -51.48 -26.84 56.94
C GLU D 39 -51.75 -26.83 55.42
N LEU D 40 -51.48 -27.96 54.73
CA LEU D 40 -51.60 -28.05 53.27
C LEU D 40 -52.44 -29.19 52.76
N ASP D 41 -53.08 -28.97 51.58
CA ASP D 41 -53.76 -30.04 50.85
C ASP D 41 -52.63 -30.60 49.99
N LEU D 42 -51.83 -31.49 50.61
CA LEU D 42 -50.65 -32.06 49.99
C LEU D 42 -50.96 -33.28 49.15
N HIS D 43 -50.58 -33.23 47.87
CA HIS D 43 -50.74 -34.33 46.92
C HIS D 43 -49.35 -34.95 46.69
N SER D 44 -48.97 -35.89 47.57
CA SER D 44 -47.67 -36.56 47.54
C SER D 44 -47.55 -37.67 46.52
N TYR D 45 -46.39 -37.74 45.85
CA TYR D 45 -46.00 -38.72 44.84
C TYR D 45 -44.54 -39.05 45.09
N ASP D 46 -44.20 -40.35 45.20
CA ASP D 46 -42.83 -40.74 45.47
C ASP D 46 -42.07 -41.01 44.18
N LEU D 47 -41.19 -40.05 43.79
CA LEU D 47 -40.37 -40.22 42.59
C LEU D 47 -38.99 -40.82 42.92
N GLY D 48 -38.93 -41.61 44.00
CA GLY D 48 -37.74 -42.35 44.40
C GLY D 48 -37.41 -43.41 43.36
N ILE D 49 -36.12 -43.76 43.23
CA ILE D 49 -35.64 -44.74 42.24
C ILE D 49 -36.37 -46.11 42.35
N GLU D 50 -36.74 -46.52 43.58
CA GLU D 50 -37.43 -47.78 43.82
C GLU D 50 -38.88 -47.75 43.36
N ASN D 51 -39.66 -46.75 43.83
CA ASN D 51 -41.06 -46.55 43.45
C ASN D 51 -41.23 -46.25 41.94
N ARG D 52 -40.17 -45.75 41.28
CA ARG D 52 -40.17 -45.49 39.84
C ARG D 52 -40.00 -46.83 39.10
N ASP D 53 -39.14 -47.72 39.62
CA ASP D 53 -38.91 -49.05 39.03
C ASP D 53 -40.08 -49.99 39.31
N ALA D 54 -40.77 -49.79 40.45
CA ALA D 54 -41.92 -50.58 40.88
C ALA D 54 -43.16 -50.28 40.03
N THR D 55 -43.50 -48.97 39.87
CA THR D 55 -44.67 -48.51 39.09
C THR D 55 -44.36 -48.44 37.59
N ASN D 56 -43.11 -48.72 37.19
CA ASN D 56 -42.61 -48.68 35.81
C ASN D 56 -42.72 -47.26 35.21
N ASP D 57 -42.20 -46.27 35.98
CA ASP D 57 -42.15 -44.82 35.71
C ASP D 57 -43.54 -44.18 35.65
N GLN D 58 -44.61 -44.89 36.08
CA GLN D 58 -45.98 -44.39 36.04
C GLN D 58 -46.19 -43.24 36.99
N VAL D 59 -45.58 -43.35 38.20
CA VAL D 59 -45.61 -42.33 39.24
C VAL D 59 -45.15 -40.95 38.68
N THR D 60 -44.20 -40.97 37.71
CA THR D 60 -43.66 -39.80 37.02
C THR D 60 -44.74 -39.14 36.15
N LYS D 61 -45.39 -39.93 35.28
CA LYS D 61 -46.47 -39.49 34.39
C LYS D 61 -47.65 -38.98 35.23
N ASP D 62 -48.00 -39.72 36.31
CA ASP D 62 -49.08 -39.39 37.23
C ASP D 62 -48.84 -38.09 37.97
N ALA D 63 -47.59 -37.86 38.44
CA ALA D 63 -47.19 -36.64 39.12
C ALA D 63 -47.30 -35.42 38.22
N ALA D 64 -46.98 -35.58 36.91
CA ALA D 64 -47.03 -34.52 35.90
C ALA D 64 -48.46 -34.01 35.69
N GLU D 65 -49.40 -34.93 35.36
CA GLU D 65 -50.83 -34.64 35.16
C GLU D 65 -51.45 -34.01 36.43
N ALA D 66 -50.90 -34.38 37.61
CA ALA D 66 -51.33 -33.85 38.90
C ALA D 66 -50.96 -32.38 39.04
N ILE D 67 -49.79 -31.95 38.48
CA ILE D 67 -49.35 -30.55 38.51
C ILE D 67 -50.31 -29.69 37.69
N LYS D 68 -50.74 -30.20 36.51
CA LYS D 68 -51.70 -29.55 35.59
C LYS D 68 -53.00 -29.16 36.31
N LYS D 69 -53.51 -30.07 37.16
CA LYS D 69 -54.76 -29.91 37.91
C LYS D 69 -54.66 -28.93 39.09
N HIS D 70 -53.58 -29.04 39.90
CA HIS D 70 -53.46 -28.24 41.12
C HIS D 70 -52.60 -26.98 40.97
N ASN D 71 -51.95 -26.83 39.80
CA ASN D 71 -51.14 -25.70 39.32
C ASN D 71 -49.80 -25.45 40.04
N VAL D 72 -49.62 -25.92 41.30
CA VAL D 72 -48.36 -25.72 42.05
C VAL D 72 -47.66 -27.05 42.40
N GLY D 73 -46.55 -27.34 41.72
CA GLY D 73 -45.73 -28.53 41.94
C GLY D 73 -44.38 -28.21 42.57
N VAL D 74 -43.91 -29.06 43.51
CA VAL D 74 -42.63 -28.94 44.22
C VAL D 74 -41.84 -30.26 44.13
N LYS D 75 -40.65 -30.22 43.49
CA LYS D 75 -39.85 -31.41 43.23
C LYS D 75 -38.49 -31.48 43.94
N CYS D 76 -38.18 -32.69 44.45
CA CYS D 76 -36.93 -33.06 45.10
C CYS D 76 -36.09 -33.70 44.02
N ALA D 77 -34.76 -33.47 44.03
CA ALA D 77 -33.84 -34.05 43.04
C ALA D 77 -33.93 -35.57 42.98
N THR D 78 -33.86 -36.13 41.76
CA THR D 78 -33.97 -37.57 41.52
C THR D 78 -32.80 -38.12 40.72
N ILE D 79 -32.45 -39.40 40.96
CA ILE D 79 -31.41 -40.11 40.23
C ILE D 79 -31.88 -40.36 38.78
N THR D 80 -31.04 -40.04 37.78
CA THR D 80 -31.30 -40.32 36.37
C THR D 80 -30.46 -41.58 36.05
N PRO D 81 -31.12 -42.73 35.68
CA PRO D 81 -30.36 -43.97 35.45
C PRO D 81 -29.26 -43.93 34.39
N ASP D 82 -28.25 -44.78 34.58
CA ASP D 82 -27.09 -44.96 33.70
C ASP D 82 -26.48 -46.35 33.86
N GLU D 83 -25.41 -46.66 33.10
CA GLU D 83 -24.70 -47.95 33.11
C GLU D 83 -24.41 -48.48 34.52
N LYS D 84 -24.08 -47.57 35.45
CA LYS D 84 -23.80 -47.88 36.85
C LYS D 84 -25.07 -47.98 37.69
N ARG D 85 -26.05 -47.06 37.47
CA ARG D 85 -27.32 -47.01 38.22
C ARG D 85 -28.22 -48.23 37.99
N VAL D 86 -28.25 -48.75 36.73
CA VAL D 86 -29.03 -49.95 36.40
C VAL D 86 -28.46 -51.11 37.20
N GLU D 87 -27.11 -51.21 37.26
CA GLU D 87 -26.37 -52.23 38.00
C GLU D 87 -26.57 -52.11 39.53
N GLU D 88 -26.47 -50.88 40.08
CA GLU D 88 -26.59 -50.55 41.50
C GLU D 88 -27.94 -50.98 42.12
N PHE D 89 -29.05 -50.77 41.40
CA PHE D 89 -30.39 -51.11 41.89
C PHE D 89 -31.06 -52.29 41.15
N LYS D 90 -30.33 -52.95 40.22
CA LYS D 90 -30.79 -54.10 39.39
C LYS D 90 -32.11 -53.74 38.66
N LEU D 91 -32.12 -52.54 38.04
CA LEU D 91 -33.24 -51.92 37.35
C LEU D 91 -33.77 -52.71 36.15
N LYS D 92 -35.09 -52.57 35.90
CA LYS D 92 -35.83 -53.20 34.80
C LYS D 92 -35.36 -52.67 33.44
N GLN D 93 -34.99 -51.38 33.39
CA GLN D 93 -34.48 -50.68 32.20
C GLN D 93 -33.87 -49.33 32.59
N MET D 94 -33.01 -48.75 31.72
CA MET D 94 -32.40 -47.45 31.95
C MET D 94 -33.49 -46.41 31.63
N TRP D 95 -34.29 -46.07 32.67
CA TRP D 95 -35.43 -45.15 32.57
C TRP D 95 -35.02 -43.76 32.10
N LYS D 96 -35.91 -43.12 31.32
CA LYS D 96 -35.73 -41.76 30.81
C LYS D 96 -35.79 -40.81 32.00
N SER D 97 -34.93 -39.76 31.99
CA SER D 97 -34.85 -38.75 33.04
C SER D 97 -36.26 -38.31 33.50
N PRO D 98 -36.55 -38.40 34.82
CA PRO D 98 -37.90 -38.00 35.30
C PRO D 98 -38.27 -36.57 34.90
N ASN D 99 -37.28 -35.65 35.00
CA ASN D 99 -37.40 -34.23 34.66
C ASN D 99 -37.81 -34.00 33.21
N GLY D 100 -37.29 -34.84 32.31
CA GLY D 100 -37.62 -34.83 30.89
C GLY D 100 -39.07 -35.21 30.63
N THR D 101 -39.58 -36.21 31.40
CA THR D 101 -40.96 -36.71 31.32
C THR D 101 -41.92 -35.62 31.82
N ILE D 102 -41.59 -34.94 32.93
CA ILE D 102 -42.40 -33.86 33.53
C ILE D 102 -42.49 -32.65 32.57
N ARG D 103 -41.35 -32.29 31.93
CA ARG D 103 -41.26 -31.20 30.94
C ARG D 103 -42.10 -31.53 29.70
N ASN D 104 -41.97 -32.78 29.21
CA ASN D 104 -42.69 -33.35 28.06
C ASN D 104 -44.20 -33.22 28.19
N ILE D 105 -44.72 -33.38 29.42
CA ILE D 105 -46.15 -33.32 29.70
C ILE D 105 -46.61 -31.88 30.00
N LEU D 106 -45.92 -31.17 30.92
CA LEU D 106 -46.29 -29.82 31.32
C LEU D 106 -46.05 -28.73 30.28
N GLY D 107 -44.87 -28.74 29.68
CA GLY D 107 -44.45 -27.71 28.74
C GLY D 107 -43.98 -26.48 29.49
N GLY D 108 -43.81 -25.37 28.78
CA GLY D 108 -43.34 -24.13 29.38
C GLY D 108 -41.83 -23.96 29.40
N THR D 109 -41.36 -22.81 29.93
CA THR D 109 -39.95 -22.42 30.01
C THR D 109 -39.35 -22.62 31.44
N VAL D 110 -38.10 -23.11 31.50
CA VAL D 110 -37.34 -23.29 32.74
C VAL D 110 -36.62 -21.98 33.07
N PHE D 111 -36.93 -21.39 34.23
CA PHE D 111 -36.29 -20.17 34.68
C PHE D 111 -35.39 -20.48 35.87
N ARG D 112 -34.16 -19.91 35.89
CA ARG D 112 -33.21 -20.11 36.98
C ARG D 112 -32.96 -18.86 37.73
N GLU D 113 -32.81 -18.98 39.06
CA GLU D 113 -32.60 -17.83 39.93
C GLU D 113 -31.72 -18.17 41.12
N ALA D 114 -30.62 -17.43 41.27
CA ALA D 114 -29.69 -17.63 42.38
C ALA D 114 -30.18 -16.93 43.65
N ILE D 115 -29.73 -17.41 44.83
CA ILE D 115 -30.06 -16.81 46.13
C ILE D 115 -28.85 -16.01 46.61
N ILE D 116 -29.05 -14.70 46.72
CA ILE D 116 -28.03 -13.71 47.09
C ILE D 116 -28.05 -13.45 48.60
N CYS D 117 -26.85 -13.37 49.21
CA CYS D 117 -26.58 -13.03 50.61
C CYS D 117 -25.50 -11.97 50.58
N LYS D 118 -25.59 -10.98 51.49
CA LYS D 118 -24.66 -9.85 51.60
C LYS D 118 -23.21 -10.27 51.92
N ASN D 119 -23.01 -11.33 52.72
CA ASN D 119 -21.66 -11.79 53.13
C ASN D 119 -21.10 -12.88 52.20
N ILE D 120 -21.85 -13.22 51.15
CA ILE D 120 -21.43 -14.25 50.20
C ILE D 120 -21.03 -13.60 48.91
N PRO D 121 -19.75 -13.75 48.49
CA PRO D 121 -19.33 -13.10 47.23
C PRO D 121 -20.11 -13.55 46.01
N ARG D 122 -20.47 -12.57 45.19
CA ARG D 122 -21.17 -12.76 43.93
C ARG D 122 -20.14 -12.59 42.80
N LEU D 123 -20.44 -13.18 41.63
CA LEU D 123 -19.56 -13.13 40.46
C LEU D 123 -19.26 -11.68 40.07
N VAL D 124 -20.30 -10.84 40.15
CA VAL D 124 -20.28 -9.40 39.93
C VAL D 124 -20.90 -8.78 41.20
N SER D 125 -20.15 -7.90 41.90
CA SER D 125 -20.59 -7.26 43.14
C SER D 125 -21.78 -6.31 42.92
N GLY D 126 -21.83 -5.70 41.72
CA GLY D 126 -22.90 -4.79 41.32
C GLY D 126 -24.29 -5.42 41.36
N TRP D 127 -24.33 -6.77 41.25
CA TRP D 127 -25.53 -7.59 41.28
C TRP D 127 -26.11 -7.69 42.71
N VAL D 128 -26.82 -6.65 43.16
CA VAL D 128 -27.44 -6.60 44.50
C VAL D 128 -28.77 -7.41 44.57
N LYS D 129 -29.43 -7.61 43.41
CA LYS D 129 -30.67 -8.38 43.27
C LYS D 129 -30.46 -9.56 42.30
N PRO D 130 -31.18 -10.68 42.44
CA PRO D 130 -30.97 -11.80 41.52
C PRO D 130 -31.36 -11.52 40.05
N ILE D 131 -30.78 -12.31 39.16
CA ILE D 131 -31.05 -12.26 37.72
C ILE D 131 -31.75 -13.57 37.41
N ILE D 132 -32.95 -13.48 36.80
CA ILE D 132 -33.70 -14.66 36.43
C ILE D 132 -33.48 -14.91 34.95
N ILE D 133 -32.89 -16.07 34.60
CA ILE D 133 -32.59 -16.42 33.21
C ILE D 133 -33.44 -17.60 32.76
N GLY D 134 -34.12 -17.41 31.64
CA GLY D 134 -34.95 -18.43 31.01
C GLY D 134 -34.46 -18.79 29.63
N HIS D 135 -34.38 -20.08 29.33
CA HIS D 135 -33.94 -20.59 28.03
C HIS D 135 -35.07 -21.28 27.30
N HIS D 136 -35.10 -21.14 25.96
CA HIS D 136 -36.05 -21.83 25.10
C HIS D 136 -35.57 -23.29 24.96
N ALA D 137 -36.26 -24.25 25.61
CA ALA D 137 -35.85 -25.67 25.60
C ALA D 137 -36.52 -26.54 24.50
N TYR D 138 -37.11 -25.88 23.49
CA TYR D 138 -37.82 -26.56 22.40
C TYR D 138 -37.22 -26.29 21.03
N GLY D 139 -37.09 -27.34 20.23
CA GLY D 139 -36.50 -27.30 18.89
C GLY D 139 -35.00 -27.09 18.94
N ASP D 140 -34.46 -26.39 17.91
CA ASP D 140 -33.05 -26.04 17.75
C ASP D 140 -32.12 -27.26 17.87
N GLN D 141 -31.15 -27.24 18.81
CA GLN D 141 -30.15 -28.31 19.04
C GLN D 141 -30.75 -29.67 19.42
N TYR D 142 -31.72 -29.65 20.35
CA TYR D 142 -32.41 -30.81 20.92
C TYR D 142 -33.28 -31.59 19.91
N ARG D 143 -33.71 -30.92 18.83
CA ARG D 143 -34.55 -31.54 17.80
C ARG D 143 -33.91 -31.55 16.38
N ALA D 144 -32.65 -31.07 16.26
CA ALA D 144 -31.88 -30.97 15.01
C ALA D 144 -31.60 -32.30 14.31
N THR D 145 -31.54 -32.25 12.97
CA THR D 145 -31.22 -33.41 12.12
C THR D 145 -29.82 -33.17 11.55
N ASP D 146 -28.79 -33.82 12.14
CA ASP D 146 -27.38 -33.70 11.74
C ASP D 146 -26.89 -34.95 11.06
N PHE D 147 -25.88 -34.81 10.17
CA PHE D 147 -25.32 -35.93 9.43
C PHE D 147 -23.94 -35.61 8.92
N VAL D 148 -23.20 -36.65 8.50
CA VAL D 148 -21.85 -36.56 7.94
C VAL D 148 -21.98 -36.58 6.41
N VAL D 149 -21.29 -35.63 5.75
CA VAL D 149 -21.19 -35.50 4.28
C VAL D 149 -19.90 -36.28 3.95
N PRO D 150 -19.98 -37.51 3.38
CA PRO D 150 -18.77 -38.33 3.20
C PRO D 150 -17.81 -37.88 2.11
N GLY D 151 -18.27 -37.04 1.19
CA GLY D 151 -17.44 -36.60 0.07
C GLY D 151 -18.11 -35.52 -0.73
N PRO D 152 -17.52 -35.15 -1.90
CA PRO D 152 -18.11 -34.07 -2.73
C PRO D 152 -19.60 -34.23 -3.05
N GLY D 153 -20.29 -33.10 -3.06
CA GLY D 153 -21.72 -33.09 -3.31
C GLY D 153 -22.42 -31.86 -2.77
N LYS D 154 -23.69 -31.71 -3.16
CA LYS D 154 -24.54 -30.58 -2.81
C LYS D 154 -25.43 -30.87 -1.61
N VAL D 155 -25.52 -29.92 -0.68
CA VAL D 155 -26.42 -30.02 0.48
C VAL D 155 -27.46 -28.91 0.31
N GLU D 156 -28.73 -29.31 0.27
CA GLU D 156 -29.85 -28.39 0.05
C GLU D 156 -30.89 -28.60 1.10
N ILE D 157 -31.61 -27.53 1.41
CA ILE D 157 -32.72 -27.59 2.34
C ILE D 157 -34.00 -27.13 1.59
N THR D 158 -35.04 -27.97 1.58
CA THR D 158 -36.28 -27.73 0.84
C THR D 158 -37.51 -27.54 1.74
N TYR D 159 -38.35 -26.55 1.40
CA TYR D 159 -39.65 -26.33 2.04
C TYR D 159 -40.77 -26.64 1.04
N THR D 160 -41.67 -27.55 1.42
CA THR D 160 -42.81 -27.98 0.62
C THR D 160 -44.08 -27.78 1.45
N PRO D 161 -44.91 -26.77 1.12
CA PRO D 161 -46.16 -26.57 1.88
C PRO D 161 -47.16 -27.70 1.61
N SER D 162 -48.00 -28.04 2.62
CA SER D 162 -49.00 -29.12 2.54
C SER D 162 -50.00 -28.91 1.37
N ASP D 163 -50.32 -27.64 1.08
CA ASP D 163 -51.21 -27.17 0.01
C ASP D 163 -50.51 -27.15 -1.37
N GLY D 164 -49.24 -27.53 -1.39
CA GLY D 164 -48.40 -27.61 -2.58
C GLY D 164 -48.20 -26.35 -3.40
N THR D 165 -48.71 -25.20 -2.91
CA THR D 165 -48.66 -23.89 -3.57
C THR D 165 -47.26 -23.43 -4.03
N GLN D 166 -46.32 -23.17 -3.07
CA GLN D 166 -44.98 -22.62 -3.37
C GLN D 166 -43.82 -23.39 -2.66
N LYS D 167 -43.09 -24.23 -3.45
CA LYS D 167 -41.94 -25.07 -3.00
C LYS D 167 -40.60 -24.30 -3.15
N VAL D 168 -39.80 -24.24 -2.07
CA VAL D 168 -38.53 -23.50 -2.09
C VAL D 168 -37.35 -24.41 -1.74
N THR D 169 -36.30 -24.37 -2.57
CA THR D 169 -35.06 -25.11 -2.35
C THR D 169 -33.94 -24.10 -2.11
N TYR D 170 -33.28 -24.19 -0.93
CA TYR D 170 -32.15 -23.32 -0.60
C TYR D 170 -30.86 -24.13 -0.65
N LEU D 171 -29.80 -23.55 -1.22
CA LEU D 171 -28.52 -24.25 -1.22
C LEU D 171 -27.90 -24.02 0.17
N VAL D 172 -27.45 -25.09 0.84
CA VAL D 172 -26.80 -24.92 2.14
C VAL D 172 -25.29 -24.74 1.82
N HIS D 173 -24.73 -25.73 1.12
CA HIS D 173 -23.34 -25.75 0.69
C HIS D 173 -23.08 -26.75 -0.40
N ASN D 174 -22.19 -26.40 -1.35
CA ASN D 174 -21.74 -27.36 -2.34
C ASN D 174 -20.33 -27.72 -1.89
N PHE D 175 -20.12 -28.97 -1.48
CA PHE D 175 -18.82 -29.47 -1.04
C PHE D 175 -18.09 -29.88 -2.31
N GLU D 176 -17.13 -29.07 -2.75
CA GLU D 176 -16.40 -29.30 -4.00
C GLU D 176 -15.20 -30.23 -3.89
N GLU D 177 -14.43 -30.11 -2.82
CA GLU D 177 -13.21 -30.90 -2.72
C GLU D 177 -13.25 -32.05 -1.71
N GLY D 178 -13.94 -31.91 -0.59
CA GLY D 178 -13.96 -32.99 0.39
C GLY D 178 -15.30 -33.14 1.06
N GLY D 179 -15.30 -33.73 2.26
CA GLY D 179 -16.49 -33.93 3.07
C GLY D 179 -16.64 -32.95 4.22
N GLY D 180 -17.53 -33.30 5.15
CA GLY D 180 -17.79 -32.46 6.30
C GLY D 180 -19.02 -32.91 7.03
N VAL D 181 -19.76 -31.94 7.57
CA VAL D 181 -20.98 -32.16 8.34
C VAL D 181 -21.99 -31.13 7.92
N ALA D 182 -23.27 -31.45 8.11
CA ALA D 182 -24.38 -30.57 7.77
C ALA D 182 -25.54 -30.86 8.71
N MET D 183 -26.39 -29.85 8.92
CA MET D 183 -27.56 -30.05 9.79
C MET D 183 -28.72 -29.11 9.48
N GLY D 184 -29.92 -29.61 9.75
CA GLY D 184 -31.18 -28.88 9.67
C GLY D 184 -31.75 -28.67 11.07
N MET D 185 -32.20 -27.44 11.38
CA MET D 185 -32.79 -27.02 12.64
C MET D 185 -34.14 -26.36 12.40
N TYR D 186 -35.06 -26.42 13.37
CA TYR D 186 -36.37 -25.80 13.25
C TYR D 186 -36.90 -25.32 14.59
N ASN D 187 -37.97 -24.52 14.53
CA ASN D 187 -38.76 -24.02 15.65
C ASN D 187 -40.18 -23.71 15.17
N GLN D 188 -41.19 -24.25 15.89
CA GLN D 188 -42.60 -24.03 15.60
C GLN D 188 -43.03 -22.74 16.27
N ASP D 189 -43.88 -21.96 15.56
CA ASP D 189 -44.42 -20.69 16.06
C ASP D 189 -45.04 -20.84 17.46
N LYS D 190 -45.76 -21.97 17.69
CA LYS D 190 -46.41 -22.29 18.97
C LYS D 190 -45.42 -22.29 20.13
N SER D 191 -44.25 -22.98 19.97
CA SER D 191 -43.15 -23.02 20.96
C SER D 191 -42.64 -21.62 21.22
N ILE D 192 -42.46 -20.80 20.16
CA ILE D 192 -41.99 -19.41 20.30
C ILE D 192 -43.02 -18.57 21.11
N GLU D 193 -44.31 -18.71 20.77
CA GLU D 193 -45.43 -18.04 21.44
C GLU D 193 -45.49 -18.46 22.94
N ASP D 194 -45.33 -19.77 23.22
CA ASP D 194 -45.31 -20.33 24.59
C ASP D 194 -44.19 -19.71 25.43
N PHE D 195 -42.98 -19.58 24.81
CA PHE D 195 -41.78 -19.01 25.40
C PHE D 195 -42.06 -17.54 25.76
N ALA D 196 -42.75 -16.81 24.87
CA ALA D 196 -43.13 -15.42 25.06
C ALA D 196 -44.10 -15.26 26.23
N HIS D 197 -45.19 -16.08 26.28
CA HIS D 197 -46.18 -16.06 27.36
C HIS D 197 -45.54 -16.31 28.72
N SER D 198 -44.71 -17.37 28.83
CA SER D 198 -43.99 -17.72 30.06
C SER D 198 -43.07 -16.62 30.59
N SER D 199 -42.41 -15.88 29.67
CA SER D 199 -41.50 -14.80 30.01
C SER D 199 -42.26 -13.57 30.49
N PHE D 200 -43.41 -13.27 29.83
CA PHE D 200 -44.26 -12.14 30.22
C PHE D 200 -44.88 -12.41 31.59
N GLN D 201 -45.40 -13.63 31.79
CA GLN D 201 -45.99 -14.08 33.07
C GLN D 201 -45.00 -14.00 34.23
N MET D 202 -43.76 -14.53 34.03
CA MET D 202 -42.67 -14.52 35.01
C MET D 202 -42.30 -13.08 35.42
N ALA D 203 -42.23 -12.16 34.44
CA ALA D 203 -41.92 -10.75 34.67
C ALA D 203 -43.02 -10.02 35.46
N LEU D 204 -44.31 -10.40 35.25
CA LEU D 204 -45.45 -9.83 35.96
C LEU D 204 -45.54 -10.34 37.40
N SER D 205 -45.26 -11.66 37.61
CA SER D 205 -45.28 -12.29 38.94
C SER D 205 -44.13 -11.79 39.84
N LYS D 206 -43.07 -11.24 39.23
CA LYS D 206 -41.90 -10.72 39.94
C LYS D 206 -41.87 -9.19 39.96
N GLY D 207 -42.61 -8.56 39.06
CA GLY D 207 -42.65 -7.11 38.94
C GLY D 207 -41.33 -6.54 38.47
N TRP D 208 -40.62 -7.29 37.60
CA TRP D 208 -39.31 -6.93 37.07
C TRP D 208 -39.35 -6.76 35.54
N PRO D 209 -38.48 -5.91 34.95
CA PRO D 209 -38.50 -5.78 33.48
C PRO D 209 -38.00 -7.05 32.80
N LEU D 210 -38.41 -7.29 31.55
CA LEU D 210 -38.02 -8.48 30.78
C LEU D 210 -37.25 -8.12 29.54
N TYR D 211 -36.20 -8.89 29.25
CA TYR D 211 -35.41 -8.72 28.04
C TYR D 211 -35.31 -10.02 27.32
N LEU D 212 -35.48 -9.97 25.99
CA LEU D 212 -35.25 -11.11 25.11
C LEU D 212 -33.96 -10.80 24.35
N SER D 213 -33.03 -11.78 24.27
CA SER D 213 -31.81 -11.61 23.48
C SER D 213 -31.79 -12.59 22.32
N THR D 214 -31.36 -12.12 21.14
CA THR D 214 -31.22 -12.95 19.94
C THR D 214 -29.99 -12.49 19.15
N LYS D 215 -29.64 -13.25 18.08
CA LYS D 215 -28.58 -12.90 17.12
C LYS D 215 -29.28 -12.58 15.79
N ASN D 216 -30.36 -11.76 15.87
CA ASN D 216 -31.21 -11.36 14.74
C ASN D 216 -30.46 -10.55 13.67
N THR D 217 -29.21 -10.15 13.97
CA THR D 217 -28.34 -9.46 13.01
C THR D 217 -27.78 -10.50 12.02
N ILE D 218 -27.60 -11.76 12.49
CA ILE D 218 -27.03 -12.88 11.73
C ILE D 218 -28.14 -13.82 11.23
N LEU D 219 -29.02 -14.27 12.15
CA LEU D 219 -30.15 -15.13 11.82
C LEU D 219 -31.37 -14.21 11.68
N LYS D 220 -31.38 -13.43 10.60
CA LYS D 220 -32.41 -12.42 10.30
C LYS D 220 -33.82 -12.98 10.22
N LYS D 221 -33.96 -14.22 9.71
CA LYS D 221 -35.29 -14.82 9.59
C LYS D 221 -35.61 -15.65 10.82
N TYR D 222 -34.70 -16.56 11.20
CA TYR D 222 -34.88 -17.46 12.34
C TYR D 222 -35.03 -16.68 13.67
N ASP D 223 -34.08 -15.78 13.97
CA ASP D 223 -34.14 -15.00 15.22
C ASP D 223 -35.10 -13.82 15.13
N GLY D 224 -35.38 -13.36 13.90
CA GLY D 224 -36.36 -12.33 13.61
C GLY D 224 -37.75 -12.76 14.07
N ARG D 225 -38.12 -14.05 13.84
CA ARG D 225 -39.40 -14.62 14.25
C ARG D 225 -39.60 -14.55 15.76
N PHE D 226 -38.51 -14.72 16.55
CA PHE D 226 -38.51 -14.64 18.00
C PHE D 226 -38.77 -13.19 18.43
N LYS D 227 -38.07 -12.22 17.82
CA LYS D 227 -38.21 -10.78 18.08
C LYS D 227 -39.64 -10.32 17.69
N ASP D 228 -40.16 -10.79 16.54
CA ASP D 228 -41.49 -10.45 16.02
C ASP D 228 -42.62 -10.98 16.90
N ILE D 229 -42.62 -12.30 17.19
CA ILE D 229 -43.64 -12.98 18.01
C ILE D 229 -43.70 -12.38 19.42
N PHE D 230 -42.52 -12.09 20.03
CA PHE D 230 -42.44 -11.48 21.35
C PHE D 230 -43.08 -10.08 21.36
N GLN D 231 -42.78 -9.25 20.33
CA GLN D 231 -43.34 -7.91 20.21
C GLN D 231 -44.86 -7.88 19.94
N GLU D 232 -45.39 -8.85 19.15
CA GLU D 232 -46.83 -8.97 18.83
C GLU D 232 -47.60 -9.34 20.09
N ILE D 233 -47.10 -10.36 20.84
CA ILE D 233 -47.71 -10.83 22.09
C ILE D 233 -47.62 -9.72 23.16
N TYR D 234 -46.50 -8.96 23.23
CA TYR D 234 -46.38 -7.89 24.21
C TYR D 234 -47.40 -6.77 23.95
N ASP D 235 -47.26 -6.07 22.80
CA ASP D 235 -48.10 -4.94 22.38
C ASP D 235 -49.62 -5.17 22.53
N LYS D 236 -50.09 -6.38 22.15
CA LYS D 236 -51.50 -6.76 22.18
C LYS D 236 -52.00 -7.33 23.55
N GLN D 237 -51.20 -8.17 24.24
CA GLN D 237 -51.67 -8.84 25.46
C GLN D 237 -50.98 -8.47 26.81
N TYR D 238 -49.89 -7.67 26.85
CA TYR D 238 -49.23 -7.40 28.15
C TYR D 238 -48.79 -5.97 28.40
N LYS D 239 -48.50 -5.18 27.34
CA LYS D 239 -48.02 -3.79 27.43
C LYS D 239 -48.73 -2.93 28.52
N SER D 240 -50.09 -3.04 28.62
CA SER D 240 -50.92 -2.31 29.59
C SER D 240 -50.56 -2.64 31.05
N GLN D 241 -50.48 -3.95 31.38
CA GLN D 241 -50.14 -4.47 32.71
C GLN D 241 -48.71 -4.11 33.11
N PHE D 242 -47.78 -4.15 32.13
CA PHE D 242 -46.37 -3.82 32.33
C PHE D 242 -46.21 -2.36 32.72
N GLU D 243 -46.87 -1.45 31.99
CA GLU D 243 -46.86 0.00 32.25
C GLU D 243 -47.46 0.32 33.63
N ALA D 244 -48.51 -0.45 34.02
CA ALA D 244 -49.20 -0.33 35.31
C ALA D 244 -48.29 -0.72 36.49
N GLN D 245 -47.35 -1.65 36.26
CA GLN D 245 -46.38 -2.11 37.27
C GLN D 245 -45.02 -1.39 37.18
N LYS D 246 -44.93 -0.33 36.34
CA LYS D 246 -43.70 0.48 36.09
C LYS D 246 -42.54 -0.34 35.47
N ILE D 247 -42.88 -1.48 34.83
CA ILE D 247 -41.93 -2.38 34.15
C ILE D 247 -42.07 -2.27 32.62
N TRP D 248 -41.11 -2.89 31.88
CA TRP D 248 -41.07 -2.84 30.41
C TRP D 248 -40.47 -4.09 29.79
N TYR D 249 -40.71 -4.27 28.48
CA TYR D 249 -40.13 -5.33 27.67
C TYR D 249 -39.33 -4.73 26.51
N GLU D 250 -38.06 -5.15 26.37
CA GLU D 250 -37.21 -4.71 25.28
C GLU D 250 -36.37 -5.85 24.71
N HIS D 251 -36.23 -5.89 23.37
CA HIS D 251 -35.38 -6.87 22.69
C HIS D 251 -33.96 -6.33 22.74
N ARG D 252 -33.00 -7.25 22.81
CA ARG D 252 -31.59 -6.91 22.82
C ARG D 252 -30.84 -7.87 21.93
N LEU D 253 -29.82 -7.35 21.21
CA LEU D 253 -28.89 -8.17 20.48
C LEU D 253 -28.08 -8.83 21.62
N ILE D 254 -27.82 -10.16 21.56
CA ILE D 254 -27.13 -10.89 22.65
C ILE D 254 -25.80 -10.22 23.09
N ASP D 255 -24.98 -9.70 22.15
CA ASP D 255 -23.73 -8.97 22.44
C ASP D 255 -24.01 -7.79 23.35
N ASP D 256 -25.09 -7.03 23.09
CA ASP D 256 -25.48 -5.87 23.89
C ASP D 256 -26.07 -6.32 25.24
N MET D 257 -26.84 -7.42 25.23
CA MET D 257 -27.45 -8.00 26.44
C MET D 257 -26.42 -8.44 27.49
N VAL D 258 -25.34 -9.13 27.05
CA VAL D 258 -24.28 -9.62 27.93
C VAL D 258 -23.55 -8.45 28.57
N ALA D 259 -23.18 -7.45 27.78
CA ALA D 259 -22.47 -6.27 28.27
C ALA D 259 -23.33 -5.51 29.30
N GLN D 260 -24.64 -5.37 29.00
CA GLN D 260 -25.64 -4.69 29.82
C GLN D 260 -25.85 -5.43 31.17
N ALA D 261 -26.03 -6.77 31.11
CA ALA D 261 -26.23 -7.61 32.29
C ALA D 261 -25.05 -7.54 33.26
N MET D 262 -23.81 -7.46 32.73
CA MET D 262 -22.58 -7.39 33.54
C MET D 262 -22.52 -6.06 34.33
N LYS D 263 -23.04 -4.97 33.73
CA LYS D 263 -23.03 -3.62 34.31
C LYS D 263 -24.31 -3.34 35.11
N SER D 264 -25.23 -4.31 35.12
CA SER D 264 -26.53 -4.24 35.81
C SER D 264 -26.47 -4.33 37.33
N GLU D 265 -27.57 -3.97 37.98
CA GLU D 265 -27.77 -4.04 39.44
C GLU D 265 -28.55 -5.34 39.76
N GLY D 266 -28.86 -6.11 38.71
CA GLY D 266 -29.68 -7.32 38.79
C GLY D 266 -31.13 -6.92 38.81
N GLY D 267 -32.00 -7.85 39.19
CA GLY D 267 -33.43 -7.57 39.30
C GLY D 267 -34.14 -7.36 37.97
N PHE D 268 -34.02 -8.36 37.07
CA PHE D 268 -34.64 -8.36 35.74
C PHE D 268 -34.78 -9.79 35.26
N ILE D 269 -35.69 -9.99 34.29
CA ILE D 269 -35.91 -11.29 33.67
C ILE D 269 -35.17 -11.26 32.31
N TRP D 270 -34.47 -12.36 31.98
CA TRP D 270 -33.70 -12.47 30.74
C TRP D 270 -34.07 -13.76 30.03
N ALA D 271 -34.84 -13.63 28.95
CA ALA D 271 -35.23 -14.74 28.10
C ALA D 271 -34.17 -14.78 26.98
N CYS D 272 -33.51 -15.93 26.77
CA CYS D 272 -32.51 -15.99 25.72
C CYS D 272 -32.69 -17.16 24.79
N LYS D 273 -32.52 -16.87 23.50
CA LYS D 273 -32.59 -17.86 22.43
C LYS D 273 -31.17 -18.14 21.96
N SER D 281 -26.34 -21.71 33.28
CA SER D 281 -26.39 -21.11 34.62
C SER D 281 -25.97 -22.12 35.69
N ASP D 282 -26.55 -23.32 35.66
CA ASP D 282 -26.24 -24.41 36.59
C ASP D 282 -24.80 -24.94 36.42
N SER D 283 -24.25 -24.89 35.17
CA SER D 283 -22.86 -25.27 34.89
C SER D 283 -21.91 -24.21 35.47
N VAL D 284 -22.35 -22.94 35.44
CA VAL D 284 -21.65 -21.78 35.98
C VAL D 284 -21.71 -21.88 37.54
N ALA D 285 -22.89 -22.27 38.10
CA ALA D 285 -23.10 -22.46 39.55
C ALA D 285 -22.20 -23.58 40.05
N GLN D 286 -22.10 -24.68 39.28
CA GLN D 286 -21.22 -25.79 39.62
C GLN D 286 -19.76 -25.30 39.66
N GLY D 287 -19.37 -24.50 38.66
CA GLY D 287 -18.03 -23.93 38.58
C GLY D 287 -17.74 -22.97 39.72
N TYR D 288 -18.73 -22.13 40.07
CA TYR D 288 -18.64 -21.15 41.15
C TYR D 288 -18.76 -21.80 42.54
N GLY D 289 -19.27 -23.04 42.58
CA GLY D 289 -19.48 -23.79 43.81
C GLY D 289 -20.66 -23.24 44.62
N SER D 290 -21.73 -22.84 43.91
CA SER D 290 -22.94 -22.23 44.48
C SER D 290 -24.22 -22.90 43.99
N LEU D 291 -24.15 -24.22 43.62
CA LEU D 291 -25.29 -25.01 43.17
C LEU D 291 -26.39 -25.07 44.26
N GLY D 292 -25.96 -25.12 45.53
CA GLY D 292 -26.85 -25.16 46.70
C GLY D 292 -27.65 -23.87 46.87
N MET D 293 -27.31 -22.82 46.10
CA MET D 293 -27.92 -21.49 46.12
C MET D 293 -28.67 -21.14 44.82
N MET D 294 -29.18 -22.13 44.10
CA MET D 294 -29.90 -21.81 42.88
C MET D 294 -31.15 -22.64 42.67
N THR D 295 -32.23 -21.99 42.24
CA THR D 295 -33.49 -22.69 41.95
C THR D 295 -33.76 -22.79 40.46
N SER D 296 -34.62 -23.74 40.10
CA SER D 296 -35.07 -24.04 38.75
C SER D 296 -36.61 -24.11 38.82
N VAL D 297 -37.29 -23.14 38.17
CA VAL D 297 -38.75 -23.01 38.15
C VAL D 297 -39.31 -23.15 36.71
N LEU D 298 -40.09 -24.20 36.47
CA LEU D 298 -40.76 -24.42 35.18
C LEU D 298 -42.06 -23.60 35.13
N VAL D 299 -42.09 -22.60 34.26
CA VAL D 299 -43.24 -21.70 34.08
C VAL D 299 -43.97 -22.03 32.78
N CYS D 300 -45.20 -22.58 32.93
CA CYS D 300 -46.09 -22.91 31.82
C CYS D 300 -46.70 -21.61 31.21
N PRO D 301 -47.00 -21.57 29.88
CA PRO D 301 -47.50 -20.31 29.28
C PRO D 301 -48.84 -19.77 29.80
N ASP D 302 -49.69 -20.63 30.43
CA ASP D 302 -50.99 -20.21 30.99
C ASP D 302 -50.88 -19.14 32.09
N GLY D 303 -49.75 -19.11 32.79
CA GLY D 303 -49.51 -18.15 33.87
C GLY D 303 -50.13 -18.60 35.18
N LYS D 304 -50.52 -19.88 35.23
CA LYS D 304 -51.19 -20.58 36.33
C LYS D 304 -50.31 -21.74 36.82
N THR D 305 -49.91 -22.67 35.92
CA THR D 305 -49.08 -23.83 36.24
C THR D 305 -47.60 -23.44 36.43
N VAL D 306 -47.00 -23.93 37.55
CA VAL D 306 -45.61 -23.70 37.98
C VAL D 306 -45.10 -24.99 38.67
N GLU D 307 -43.84 -25.38 38.38
CA GLU D 307 -43.16 -26.53 39.00
C GLU D 307 -41.79 -26.03 39.49
N ALA D 308 -41.55 -26.05 40.81
CA ALA D 308 -40.30 -25.54 41.37
C ALA D 308 -39.40 -26.62 41.96
N GLU D 309 -38.08 -26.43 41.77
CA GLU D 309 -37.04 -27.33 42.28
C GLU D 309 -35.68 -26.64 42.49
N ALA D 310 -34.74 -27.35 43.11
CA ALA D 310 -33.36 -26.94 43.31
C ALA D 310 -32.68 -27.14 41.94
N ALA D 311 -31.69 -26.31 41.59
CA ALA D 311 -31.01 -26.46 40.29
C ALA D 311 -30.03 -27.65 40.28
N HIS D 312 -29.55 -28.07 41.46
CA HIS D 312 -28.62 -29.20 41.63
C HIS D 312 -29.32 -30.57 41.61
N GLY D 313 -28.53 -31.63 41.77
CA GLY D 313 -28.98 -33.02 41.80
C GLY D 313 -29.08 -33.61 43.19
N THR D 314 -28.99 -34.94 43.28
CA THR D 314 -29.12 -35.70 44.55
C THR D 314 -27.92 -35.58 45.52
N VAL D 315 -26.79 -35.00 45.05
CA VAL D 315 -25.57 -34.78 45.85
C VAL D 315 -25.03 -36.13 46.37
N THR D 316 -24.91 -37.10 45.43
CA THR D 316 -24.47 -38.48 45.65
C THR D 316 -23.23 -38.59 46.54
N ARG D 317 -22.17 -37.78 46.28
CA ARG D 317 -20.92 -37.77 47.06
C ARG D 317 -21.16 -37.57 48.59
N HIS D 318 -22.09 -36.67 48.97
CA HIS D 318 -22.43 -36.38 50.36
C HIS D 318 -23.27 -37.52 50.94
N TYR D 319 -24.13 -38.12 50.11
CA TYR D 319 -24.93 -39.26 50.54
C TYR D 319 -24.05 -40.45 50.93
N ARG D 320 -22.98 -40.74 50.15
CA ARG D 320 -22.04 -41.83 50.43
C ARG D 320 -21.31 -41.64 51.76
N MET D 321 -20.99 -40.37 52.11
CA MET D 321 -20.36 -39.98 53.37
C MET D 321 -21.34 -40.23 54.52
N TYR D 322 -22.63 -39.83 54.34
CA TYR D 322 -23.71 -40.01 55.32
C TYR D 322 -23.99 -41.52 55.51
N GLN D 323 -23.87 -42.32 54.42
CA GLN D 323 -24.08 -43.77 54.45
C GLN D 323 -23.00 -44.46 55.29
N LYS D 324 -21.74 -43.96 55.19
CA LYS D 324 -20.57 -44.42 55.92
C LYS D 324 -20.49 -43.85 57.35
N GLY D 325 -21.52 -43.08 57.74
CA GLY D 325 -21.64 -42.47 59.06
C GLY D 325 -20.73 -41.29 59.31
N GLN D 326 -20.13 -40.73 58.25
CA GLN D 326 -19.23 -39.58 58.32
C GLN D 326 -20.04 -38.27 58.30
N GLU D 327 -19.44 -37.18 58.82
CA GLU D 327 -20.08 -35.86 58.86
C GLU D 327 -20.23 -35.28 57.43
N THR D 328 -21.38 -34.64 57.16
CA THR D 328 -21.71 -34.01 55.89
C THR D 328 -22.14 -32.56 56.15
N SER D 329 -22.04 -31.72 55.11
CA SER D 329 -22.45 -30.32 55.17
C SER D 329 -23.09 -29.97 53.81
N THR D 330 -24.31 -30.45 53.62
CA THR D 330 -25.04 -30.24 52.38
C THR D 330 -25.95 -29.00 52.50
N ASN D 331 -25.88 -28.09 51.49
CA ASN D 331 -26.68 -26.86 51.45
C ASN D 331 -28.16 -27.13 51.17
N PRO D 332 -29.07 -26.76 52.09
CA PRO D 332 -30.50 -27.00 51.85
C PRO D 332 -31.27 -25.81 51.24
N ILE D 333 -30.60 -24.64 51.06
CA ILE D 333 -31.26 -23.40 50.61
C ILE D 333 -32.01 -23.55 49.27
N ALA D 334 -31.42 -24.24 48.26
CA ALA D 334 -32.08 -24.44 46.96
C ALA D 334 -33.36 -25.26 47.13
N SER D 335 -33.29 -26.35 47.92
CA SER D 335 -34.42 -27.25 48.24
C SER D 335 -35.52 -26.46 48.98
N ILE D 336 -35.13 -25.54 49.91
CA ILE D 336 -36.02 -24.66 50.67
C ILE D 336 -36.69 -23.64 49.76
N PHE D 337 -35.91 -22.96 48.89
CA PHE D 337 -36.48 -21.91 48.04
C PHE D 337 -37.38 -22.45 46.93
N ALA D 338 -37.38 -23.78 46.71
CA ALA D 338 -38.28 -24.46 45.79
C ALA D 338 -39.68 -24.44 46.44
N TRP D 339 -39.72 -24.57 47.79
CA TRP D 339 -40.93 -24.54 48.62
C TRP D 339 -41.43 -23.11 48.71
N THR D 340 -40.55 -22.16 49.13
CA THR D 340 -40.88 -20.75 49.30
C THR D 340 -41.35 -20.08 48.00
N ARG D 341 -40.87 -20.57 46.83
CA ARG D 341 -41.25 -20.04 45.51
C ARG D 341 -42.58 -20.63 45.07
N GLY D 342 -42.79 -21.92 45.34
CA GLY D 342 -44.02 -22.62 45.06
C GLY D 342 -45.18 -22.07 45.86
N LEU D 343 -44.96 -21.85 47.17
CA LEU D 343 -45.96 -21.28 48.10
C LEU D 343 -46.25 -19.80 47.81
N ALA D 344 -45.26 -19.04 47.28
CA ALA D 344 -45.45 -17.62 46.94
C ALA D 344 -46.36 -17.53 45.71
N HIS D 345 -46.27 -18.56 44.84
CA HIS D 345 -47.11 -18.66 43.65
C HIS D 345 -48.54 -18.95 44.08
N ARG D 346 -48.71 -19.90 45.02
CA ARG D 346 -49.98 -20.32 45.62
C ARG D 346 -50.70 -19.12 46.27
N ALA D 347 -49.96 -18.33 47.08
CA ALA D 347 -50.42 -17.11 47.76
C ALA D 347 -50.92 -16.07 46.77
N LYS D 348 -50.20 -15.88 45.63
CA LYS D 348 -50.55 -14.95 44.55
C LYS D 348 -51.84 -15.43 43.85
N LEU D 349 -51.95 -16.76 43.59
CA LEU D 349 -53.10 -17.40 42.95
C LEU D 349 -54.41 -17.27 43.77
N ASP D 350 -54.33 -17.47 45.10
CA ASP D 350 -55.48 -17.46 46.04
C ASP D 350 -55.68 -16.20 46.87
N ASN D 351 -54.87 -15.13 46.62
CA ASN D 351 -54.92 -13.85 47.36
C ASN D 351 -54.67 -14.04 48.88
N ASN D 352 -53.98 -15.16 49.23
CA ASN D 352 -53.63 -15.52 50.60
C ASN D 352 -52.52 -14.58 51.08
N LYS D 353 -52.91 -13.53 51.82
CA LYS D 353 -51.99 -12.53 52.39
C LYS D 353 -51.07 -13.11 53.48
N GLU D 354 -51.58 -14.14 54.22
CA GLU D 354 -50.87 -14.83 55.31
C GLU D 354 -49.71 -15.68 54.78
N LEU D 355 -49.98 -16.53 53.76
CA LEU D 355 -49.00 -17.42 53.10
C LEU D 355 -47.91 -16.60 52.40
N ALA D 356 -48.28 -15.51 51.69
CA ALA D 356 -47.35 -14.60 51.02
C ALA D 356 -46.31 -14.09 52.02
N PHE D 357 -46.76 -13.70 53.23
CA PHE D 357 -45.91 -13.20 54.32
C PHE D 357 -44.95 -14.28 54.80
N PHE D 358 -45.46 -15.53 55.00
CA PHE D 358 -44.71 -16.70 55.46
C PHE D 358 -43.53 -17.02 54.53
N ALA D 359 -43.83 -17.25 53.22
CA ALA D 359 -42.85 -17.53 52.17
C ALA D 359 -41.72 -16.50 52.21
N ASN D 360 -42.06 -15.18 52.24
CA ASN D 360 -41.05 -14.11 52.32
C ASN D 360 -40.26 -14.14 53.64
N ALA D 361 -40.94 -14.42 54.78
CA ALA D 361 -40.32 -14.52 56.10
C ALA D 361 -39.32 -15.70 56.16
N LEU D 362 -39.64 -16.86 55.53
CA LEU D 362 -38.74 -18.02 55.49
C LEU D 362 -37.51 -17.74 54.60
N GLU D 363 -37.73 -17.06 53.45
CA GLU D 363 -36.65 -16.64 52.54
C GLU D 363 -35.71 -15.72 53.30
N GLU D 364 -36.29 -14.78 54.11
CA GLU D 364 -35.53 -13.84 54.93
C GLU D 364 -34.77 -14.58 56.04
N VAL D 365 -35.43 -15.53 56.74
CA VAL D 365 -34.82 -16.35 57.79
C VAL D 365 -33.56 -17.06 57.24
N SER D 366 -33.70 -17.71 56.05
CA SER D 366 -32.62 -18.40 55.35
C SER D 366 -31.43 -17.46 55.08
N ILE D 367 -31.69 -16.31 54.41
CA ILE D 367 -30.71 -15.28 54.08
C ILE D 367 -30.05 -14.70 55.36
N GLU D 368 -30.88 -14.29 56.36
CA GLU D 368 -30.45 -13.73 57.65
C GLU D 368 -29.49 -14.62 58.42
N THR D 369 -29.76 -15.95 58.44
CA THR D 369 -28.96 -17.00 59.09
C THR D 369 -27.53 -17.04 58.51
N ILE D 370 -27.42 -17.07 57.17
CA ILE D 370 -26.13 -17.09 56.47
C ILE D 370 -25.40 -15.77 56.74
N GLU D 371 -26.13 -14.63 56.65
CA GLU D 371 -25.58 -13.29 56.95
C GLU D 371 -25.04 -13.14 58.37
N ALA D 372 -25.63 -13.85 59.36
CA ALA D 372 -25.16 -13.79 60.75
C ALA D 372 -23.93 -14.71 60.93
N GLY D 373 -23.60 -15.46 59.88
CA GLY D 373 -22.43 -16.34 59.85
C GLY D 373 -22.68 -17.80 60.13
N PHE D 374 -23.92 -18.28 59.98
CA PHE D 374 -24.29 -19.69 60.19
C PHE D 374 -24.55 -20.25 58.81
N MET D 375 -23.69 -21.18 58.37
CA MET D 375 -23.73 -21.71 57.00
C MET D 375 -23.08 -23.08 56.84
N THR D 376 -23.34 -23.72 55.70
CA THR D 376 -22.76 -25.00 55.33
C THR D 376 -21.35 -24.76 54.73
N LYS D 377 -20.53 -25.83 54.59
CA LYS D 377 -19.13 -25.79 54.13
C LYS D 377 -18.93 -25.06 52.78
N ASP D 378 -19.83 -25.29 51.79
CA ASP D 378 -19.81 -24.64 50.46
C ASP D 378 -19.86 -23.12 50.56
N LEU D 379 -20.70 -22.59 51.46
CA LEU D 379 -20.82 -21.15 51.68
C LEU D 379 -19.59 -20.60 52.37
N ALA D 380 -18.99 -21.38 53.31
CA ALA D 380 -17.76 -20.98 53.99
C ALA D 380 -16.56 -20.94 53.01
N ALA D 381 -16.45 -21.96 52.11
CA ALA D 381 -15.42 -22.07 51.08
C ALA D 381 -15.48 -20.88 50.13
N CYS D 382 -16.70 -20.43 49.85
CA CYS D 382 -17.00 -19.28 49.02
C CYS D 382 -16.42 -17.97 49.60
N ILE D 383 -16.31 -17.85 50.93
CA ILE D 383 -15.77 -16.63 51.57
C ILE D 383 -14.23 -16.67 51.67
N LYS D 384 -13.69 -17.80 52.14
CA LYS D 384 -12.27 -17.99 52.45
C LYS D 384 -11.43 -18.62 51.34
N GLY D 385 -12.06 -19.49 50.56
CA GLY D 385 -11.44 -20.33 49.53
C GLY D 385 -11.48 -21.74 50.11
N LEU D 386 -11.74 -22.79 49.27
CA LEU D 386 -11.81 -24.18 49.78
C LEU D 386 -10.55 -24.63 50.56
N PRO D 387 -9.29 -24.26 50.17
CA PRO D 387 -8.15 -24.69 50.99
C PRO D 387 -8.07 -24.04 52.37
N ASN D 388 -8.91 -23.01 52.64
CA ASN D 388 -8.86 -22.22 53.87
C ASN D 388 -10.01 -22.43 54.85
N VAL D 389 -10.88 -23.38 54.58
CA VAL D 389 -12.00 -23.71 55.47
C VAL D 389 -11.50 -24.56 56.64
N GLN D 390 -11.96 -24.20 57.85
CA GLN D 390 -11.73 -24.90 59.12
C GLN D 390 -13.10 -25.46 59.55
N ARG D 391 -13.11 -26.43 60.48
CA ARG D 391 -14.36 -26.98 61.00
C ARG D 391 -15.25 -25.89 61.66
N SER D 392 -14.62 -24.92 62.37
CA SER D 392 -15.31 -23.81 63.06
C SER D 392 -16.04 -22.81 62.14
N ASP D 393 -15.63 -22.73 60.85
CA ASP D 393 -16.24 -21.84 59.86
C ASP D 393 -17.65 -22.23 59.44
N TYR D 394 -18.02 -23.52 59.59
CA TYR D 394 -19.34 -24.00 59.15
C TYR D 394 -20.09 -24.91 60.14
N LEU D 395 -21.34 -25.27 59.73
CA LEU D 395 -22.25 -26.16 60.44
C LEU D 395 -22.53 -27.39 59.57
N ASN D 396 -22.70 -28.56 60.20
CA ASN D 396 -23.04 -29.76 59.44
C ASN D 396 -24.49 -29.70 58.93
N THR D 397 -24.92 -30.69 58.13
CA THR D 397 -26.27 -30.70 57.53
C THR D 397 -27.39 -30.53 58.57
N PHE D 398 -27.29 -31.23 59.70
CA PHE D 398 -28.32 -31.21 60.74
C PHE D 398 -28.28 -29.95 61.61
N GLU D 399 -27.04 -29.47 61.95
CA GLU D 399 -26.81 -28.26 62.74
C GLU D 399 -27.39 -27.04 62.01
N PHE D 400 -27.13 -26.94 60.68
CA PHE D 400 -27.65 -25.84 59.86
C PHE D 400 -29.18 -25.89 59.79
N MET D 401 -29.73 -27.08 59.64
CA MET D 401 -31.18 -27.31 59.61
C MET D 401 -31.84 -26.95 60.95
N ASP D 402 -31.13 -27.17 62.07
CA ASP D 402 -31.65 -26.81 63.40
C ASP D 402 -31.61 -25.30 63.61
N LYS D 403 -30.52 -24.63 63.13
CA LYS D 403 -30.37 -23.18 63.26
C LYS D 403 -31.45 -22.45 62.47
N LEU D 404 -31.77 -22.92 61.25
CA LEU D 404 -32.82 -22.36 60.41
C LEU D 404 -34.15 -22.49 61.12
N GLY D 405 -34.41 -23.68 61.67
CA GLY D 405 -35.60 -24.00 62.45
C GLY D 405 -35.74 -23.07 63.64
N GLU D 406 -34.64 -22.89 64.39
CA GLU D 406 -34.58 -22.02 65.58
C GLU D 406 -34.88 -20.57 65.24
N ASN D 407 -34.22 -20.06 64.17
CA ASN D 407 -34.40 -18.67 63.73
C ASN D 407 -35.79 -18.40 63.13
N LEU D 408 -36.45 -19.42 62.56
CA LEU D 408 -37.79 -19.30 61.98
C LEU D 408 -38.82 -19.14 63.10
N LYS D 409 -38.62 -19.83 64.24
CA LYS D 409 -39.47 -19.79 65.43
C LYS D 409 -39.53 -18.35 65.96
N ILE D 410 -38.35 -17.75 66.28
CA ILE D 410 -38.19 -16.36 66.77
C ILE D 410 -38.81 -15.33 65.83
N LYS D 411 -38.64 -15.52 64.50
CA LYS D 411 -39.19 -14.64 63.46
C LYS D 411 -40.74 -14.72 63.40
N LEU D 412 -41.32 -15.94 63.52
CA LEU D 412 -42.77 -16.16 63.43
C LEU D 412 -43.50 -16.09 64.79
N ALA D 413 -42.74 -15.94 65.90
CA ALA D 413 -43.26 -15.77 67.27
C ALA D 413 -43.96 -14.41 67.37
N GLN D 414 -43.42 -13.41 66.64
CA GLN D 414 -43.91 -12.03 66.52
C GLN D 414 -45.42 -11.98 66.13
N ALA D 415 -45.81 -12.76 65.10
CA ALA D 415 -47.20 -12.83 64.64
C ALA D 415 -47.97 -13.92 65.39
#